data_5LP2
#
_entry.id   5LP2
#
_cell.length_a   57.700
_cell.length_b   57.700
_cell.length_c   285.600
_cell.angle_alpha   90.00
_cell.angle_beta   90.10
_cell.angle_gamma   90.00
#
_symmetry.space_group_name_H-M   'P 1 21 1'
#
loop_
_entity.id
_entity.type
_entity.pdbx_description
1 polymer HopQ
2 water water
#
_entity_poly.entity_id   1
_entity_poly.type   'polypeptide(L)'
_entity_poly.pdbx_seq_one_letter_code
;MAVQKVKNADKVQKLSDTYEQLSRLLTNDNGTNSKTSAQAINQAVNNLNERAKTLAGGTTNSPAYQATLLALRSVLGLWN
SMGYAVICGGYTKSPGENNQKDFHYTDENGNGTTINCGGSTNSNGTHSYNGTNTLKADKNVSLSIEQYEKIHEAYQILSK
ALKQAGLAPLNSKGEKLEAHVTTSKYQQDNQTKTTTSVIDTTNDAQNLLTQAQTIVNTLKDYCPILIAKSSSSNGGTNNA
NTPSWQTAGGGKNSCATFGAEFSAASDMINNAQKIVQETQQLSANQPKNITQPHNLNLNSPSSLTALAQKMLKNAQSQAE
ILKLANQVESDFNKLSSGHLKDYIGKCDASAISSANMTMQNQKNNWGNGCAGVEETQSLLKTSAADFNNQTPQINQAQNL
ANTLIQELGNNPFRNMGMIASSTTNNGAHHHHHH
;
_entity_poly.pdbx_strand_id   B,A,C,D
#
# COMPACT_ATOMS: atom_id res chain seq x y z
N GLN A 13 -22.64 9.88 -16.76
CA GLN A 13 -23.16 8.51 -16.48
C GLN A 13 -22.00 7.51 -16.39
N LYS A 14 -22.29 6.31 -15.93
CA LYS A 14 -21.29 5.27 -15.82
C LYS A 14 -21.07 4.55 -17.16
N LEU A 15 -19.81 4.29 -17.51
CA LEU A 15 -19.43 3.68 -18.77
C LEU A 15 -19.03 2.25 -18.64
N SER A 16 -18.75 1.78 -17.45
CA SER A 16 -18.12 0.49 -17.28
C SER A 16 -17.82 0.39 -15.85
N ASP A 17 -17.71 -0.81 -15.34
CA ASP A 17 -17.28 -0.90 -13.98
C ASP A 17 -15.81 -0.76 -13.95
N THR A 18 -15.16 -1.28 -15.00
CA THR A 18 -13.74 -1.15 -15.12
C THR A 18 -13.33 0.32 -15.09
N TYR A 19 -13.99 1.11 -15.92
CA TYR A 19 -13.75 2.54 -15.98
C TYR A 19 -14.09 3.23 -14.67
N GLU A 20 -15.26 2.97 -14.11
CA GLU A 20 -15.63 3.64 -12.88
C GLU A 20 -14.64 3.44 -11.73
N GLN A 21 -14.04 2.23 -11.64
CA GLN A 21 -13.07 1.92 -10.62
C GLN A 21 -11.73 2.56 -10.95
N LEU A 22 -11.28 2.49 -12.21
CA LEU A 22 -10.04 3.19 -12.59
C LEU A 22 -10.08 4.68 -12.32
N SER A 23 -11.17 5.34 -12.65
CA SER A 23 -11.25 6.75 -12.40
C SER A 23 -11.41 7.06 -10.88
N ARG A 24 -11.79 6.10 -10.07
CA ARG A 24 -11.70 6.29 -8.61
C ARG A 24 -10.26 6.23 -8.12
N LEU A 25 -9.46 5.34 -8.70
CA LEU A 25 -8.02 5.22 -8.42
C LEU A 25 -7.15 6.28 -9.07
N LEU A 26 -7.68 7.14 -9.91
CA LEU A 26 -6.89 8.28 -10.40
C LEU A 26 -7.57 9.60 -10.03
N THR A 27 -8.53 9.54 -9.10
CA THR A 27 -9.41 10.68 -8.62
C THR A 27 -10.36 11.23 -9.68
N THR A 36 -5.82 7.38 -3.28
CA THR A 36 -4.74 7.24 -4.27
C THR A 36 -5.03 7.83 -5.66
N SER A 37 -4.91 9.14 -5.84
CA SER A 37 -5.05 9.78 -7.16
C SER A 37 -3.82 9.65 -8.08
N ALA A 38 -3.93 10.22 -9.29
CA ALA A 38 -2.82 10.35 -10.27
C ALA A 38 -1.75 11.30 -9.79
N GLN A 39 -2.16 12.31 -9.04
CA GLN A 39 -1.24 13.30 -8.51
C GLN A 39 -0.40 12.65 -7.45
N ALA A 40 -1.08 12.02 -6.50
CA ALA A 40 -0.46 11.26 -5.41
C ALA A 40 0.60 10.28 -5.89
N ILE A 41 0.22 9.57 -6.96
CA ILE A 41 1.08 8.59 -7.60
C ILE A 41 2.24 9.28 -8.24
N ASN A 42 2.01 10.37 -8.97
CA ASN A 42 3.10 11.10 -9.64
C ASN A 42 4.10 11.79 -8.68
N GLN A 43 3.61 12.16 -7.52
CA GLN A 43 4.44 12.77 -6.55
C GLN A 43 5.34 11.70 -5.89
N ALA A 44 4.83 10.48 -5.77
CA ALA A 44 5.59 9.38 -5.22
C ALA A 44 6.58 8.89 -6.23
N VAL A 45 6.14 8.86 -7.48
CA VAL A 45 7.04 8.52 -8.55
C VAL A 45 8.14 9.55 -8.64
N ASN A 46 7.85 10.82 -8.45
CA ASN A 46 8.93 11.80 -8.46
C ASN A 46 9.91 11.71 -7.30
N ASN A 47 9.39 11.53 -6.08
CA ASN A 47 10.24 11.29 -4.93
C ASN A 47 11.13 10.12 -5.22
N LEU A 48 10.56 8.98 -5.58
CA LEU A 48 11.41 7.86 -5.92
C LEU A 48 12.53 8.25 -6.91
N ASN A 49 12.20 8.92 -7.98
CA ASN A 49 13.21 9.15 -8.99
C ASN A 49 14.20 10.25 -8.65
N GLU A 50 13.80 11.27 -7.90
CA GLU A 50 14.77 12.31 -7.45
C GLU A 50 15.69 11.73 -6.41
N ARG A 51 15.16 10.87 -5.56
CA ARG A 51 15.90 10.17 -4.53
C ARG A 51 16.88 9.18 -5.15
N ALA A 52 16.47 8.42 -6.15
CA ALA A 52 17.40 7.57 -6.90
C ALA A 52 18.46 8.36 -7.64
N LYS A 53 18.12 9.48 -8.23
CA LYS A 53 19.09 10.23 -8.98
C LYS A 53 20.16 10.82 -8.06
N THR A 54 19.76 11.32 -6.89
CA THR A 54 20.70 11.74 -5.90
C THR A 54 21.58 10.55 -5.54
N LEU A 55 20.95 9.44 -5.17
CA LEU A 55 21.66 8.28 -4.64
C LEU A 55 22.70 7.73 -5.60
N ALA A 56 22.35 7.60 -6.88
CA ALA A 56 23.22 6.96 -7.89
C ALA A 56 24.18 7.84 -8.68
N GLY A 57 23.89 9.13 -8.80
CA GLY A 57 24.71 10.02 -9.62
C GLY A 57 25.22 11.23 -8.89
N GLY A 58 24.83 11.41 -7.63
CA GLY A 58 25.32 12.52 -6.79
C GLY A 58 26.58 12.13 -6.04
N THR A 59 27.15 13.10 -5.29
CA THR A 59 28.37 12.86 -4.50
C THR A 59 28.21 13.34 -3.06
N THR A 60 28.31 14.64 -2.86
CA THR A 60 28.14 15.20 -1.52
C THR A 60 26.94 14.58 -0.80
N ASN A 61 25.84 14.41 -1.52
CA ASN A 61 24.56 14.01 -0.91
C ASN A 61 24.15 12.58 -1.11
N SER A 62 25.00 11.72 -1.63
CA SER A 62 24.69 10.30 -1.77
C SER A 62 25.42 9.45 -0.75
N PRO A 63 24.69 8.81 0.15
CA PRO A 63 25.27 7.76 0.96
C PRO A 63 25.87 6.61 0.19
N ALA A 64 25.39 6.30 -0.99
CA ALA A 64 25.96 5.17 -1.68
C ALA A 64 27.38 5.52 -2.12
N TYR A 65 27.59 6.76 -2.54
CA TYR A 65 28.87 7.23 -3.01
C TYR A 65 29.81 7.54 -1.87
N GLN A 66 29.28 8.02 -0.75
CA GLN A 66 30.13 8.34 0.40
C GLN A 66 30.55 7.06 1.09
N ALA A 67 29.72 6.03 1.13
CA ALA A 67 30.19 4.74 1.64
C ALA A 67 31.21 4.13 0.72
N THR A 68 31.11 4.42 -0.55
CA THR A 68 31.99 3.76 -1.48
C THR A 68 33.35 4.44 -1.34
N LEU A 69 33.35 5.76 -1.36
CA LEU A 69 34.56 6.51 -1.18
C LEU A 69 35.19 6.20 0.19
N LEU A 70 34.38 6.03 1.22
CA LEU A 70 34.86 5.72 2.55
C LEU A 70 35.61 4.42 2.54
N ALA A 71 35.09 3.42 1.88
CA ALA A 71 35.77 2.15 1.89
C ALA A 71 37.08 2.22 1.14
N LEU A 72 37.16 3.07 0.13
CA LEU A 72 38.39 3.18 -0.66
C LEU A 72 39.42 3.98 0.12
N ARG A 73 38.98 5.07 0.71
CA ARG A 73 39.84 5.91 1.50
C ARG A 73 40.34 5.15 2.72
N SER A 74 39.49 4.29 3.26
CA SER A 74 39.91 3.50 4.40
C SER A 74 41.09 2.59 4.08
N VAL A 75 41.14 2.04 2.88
CA VAL A 75 42.19 1.09 2.52
C VAL A 75 43.47 1.86 2.34
N LEU A 76 43.35 3.01 1.70
CA LEU A 76 44.43 3.90 1.47
C LEU A 76 45.01 4.21 2.86
N GLY A 77 44.12 4.53 3.79
CA GLY A 77 44.54 4.95 5.11
C GLY A 77 45.13 3.83 5.94
N LEU A 78 44.66 2.60 5.70
CA LEU A 78 45.18 1.42 6.40
C LEU A 78 46.59 1.24 5.92
N TRP A 79 46.78 1.32 4.61
CA TRP A 79 48.12 1.15 4.12
C TRP A 79 49.07 2.23 4.66
N ASN A 80 48.66 3.48 4.68
CA ASN A 80 49.57 4.52 5.11
C ASN A 80 49.92 4.35 6.58
N SER A 81 48.96 3.84 7.35
CA SER A 81 49.06 3.81 8.79
C SER A 81 49.96 2.68 9.21
N MET A 82 49.85 1.53 8.56
CA MET A 82 50.59 0.35 9.00
C MET A 82 51.37 -0.40 7.91
N GLY A 83 51.48 0.20 6.73
CA GLY A 83 52.00 -0.51 5.55
C GLY A 83 53.49 -0.59 5.60
N TYR A 84 54.10 0.49 6.07
CA TYR A 84 55.56 0.60 6.13
C TYR A 84 56.18 -0.48 6.96
N ALA A 85 55.37 -1.07 7.85
CA ALA A 85 55.83 -2.08 8.84
C ALA A 85 55.73 -3.54 8.39
N VAL A 86 55.24 -3.76 7.18
CA VAL A 86 55.11 -5.10 6.63
C VAL A 86 56.44 -5.60 6.04
N ILE A 87 56.73 -6.88 6.24
CA ILE A 87 57.98 -7.45 5.72
C ILE A 87 57.78 -8.00 4.32
N CYS A 88 58.48 -7.39 3.36
CA CYS A 88 58.49 -7.82 1.95
C CYS A 88 59.88 -8.23 1.50
N GLY A 89 59.96 -9.10 0.50
CA GLY A 89 61.26 -9.51 -0.03
C GLY A 89 61.78 -10.86 0.39
N GLY A 90 60.91 -11.68 0.98
CA GLY A 90 61.26 -13.06 1.28
C GLY A 90 61.57 -13.86 0.02
N TYR A 91 62.24 -14.97 0.20
CA TYR A 91 62.69 -15.77 -0.90
C TYR A 91 61.58 -16.72 -1.33
N THR A 92 61.19 -16.59 -2.60
CA THR A 92 60.47 -17.63 -3.30
C THR A 92 61.54 -18.52 -3.88
N LYS A 93 62.62 -17.83 -4.26
CA LYS A 93 63.82 -18.33 -4.94
C LYS A 93 64.37 -19.68 -4.43
N SER A 94 64.14 -19.98 -3.16
CA SER A 94 64.69 -21.15 -2.43
C SER A 94 66.09 -21.04 -1.78
N PRO A 95 66.81 -19.90 -1.90
CA PRO A 95 68.10 -19.81 -1.20
C PRO A 95 68.11 -19.08 0.17
N GLY A 96 68.39 -17.76 0.27
CA GLY A 96 67.99 -16.73 -0.71
C GLY A 96 68.96 -16.02 -1.67
N GLU A 97 68.41 -15.65 -2.84
CA GLU A 97 69.13 -14.92 -3.91
C GLU A 97 68.67 -13.47 -3.90
N ASN A 98 68.79 -12.75 -5.00
CA ASN A 98 68.69 -11.28 -4.95
C ASN A 98 67.28 -10.76 -5.18
N ASN A 99 66.69 -10.15 -4.13
CA ASN A 99 65.42 -9.45 -4.25
C ASN A 99 65.49 -7.96 -3.95
N GLN A 100 66.71 -7.41 -3.84
CA GLN A 100 66.91 -5.98 -3.65
C GLN A 100 66.07 -5.11 -4.56
N LYS A 101 64.88 -4.75 -4.08
CA LYS A 101 63.98 -3.86 -4.80
C LYS A 101 63.35 -2.81 -3.91
N ASP A 102 63.41 -1.57 -4.41
CA ASP A 102 62.89 -0.40 -3.72
C ASP A 102 61.66 0.13 -4.49
N PHE A 103 60.63 0.50 -3.75
CA PHE A 103 59.40 0.96 -4.27
C PHE A 103 59.23 2.41 -3.89
N HIS A 104 59.03 3.26 -4.88
CA HIS A 104 58.98 4.68 -4.63
C HIS A 104 57.56 5.15 -4.46
N TYR A 105 57.16 5.44 -3.22
CA TYR A 105 55.85 5.96 -2.99
C TYR A 105 55.81 7.44 -3.22
N THR A 106 55.83 7.85 -4.48
CA THR A 106 55.95 9.26 -4.84
C THR A 106 54.83 9.76 -5.73
N ASP A 107 54.89 11.04 -6.04
CA ASP A 107 54.01 11.62 -7.02
C ASP A 107 54.73 11.62 -8.36
N GLU A 108 54.05 12.14 -9.39
CA GLU A 108 54.63 12.34 -10.75
C GLU A 108 56.04 12.95 -10.82
N ASN A 109 56.41 13.76 -9.83
CA ASN A 109 57.66 14.50 -9.85
C ASN A 109 58.76 13.99 -8.94
N GLY A 110 58.45 12.90 -8.24
CA GLY A 110 59.42 12.25 -7.34
C GLY A 110 59.36 12.67 -5.88
N ASN A 111 58.44 13.56 -5.54
CA ASN A 111 58.19 13.91 -4.15
C ASN A 111 57.49 12.77 -3.44
N GLY A 112 58.14 12.28 -2.37
CA GLY A 112 57.64 11.20 -1.53
C GLY A 112 58.77 10.40 -0.91
N THR A 113 58.47 9.24 -0.36
CA THR A 113 59.44 8.39 0.29
C THR A 113 59.50 7.07 -0.43
N THR A 114 60.46 6.23 -0.04
CA THR A 114 60.74 4.96 -0.69
C THR A 114 60.75 3.86 0.34
N ILE A 115 60.33 2.65 -0.02
CA ILE A 115 60.39 1.53 0.90
C ILE A 115 61.36 0.53 0.32
N ASN A 116 62.23 -0.03 1.16
CA ASN A 116 63.15 -1.06 0.75
C ASN A 116 62.49 -2.43 0.97
N CYS A 117 62.60 -3.32 0.00
CA CYS A 117 62.30 -4.75 0.18
C CYS A 117 63.51 -5.59 -0.21
N GLY A 118 63.58 -6.78 0.36
CA GLY A 118 64.63 -7.74 0.08
C GLY A 118 65.98 -7.35 0.63
N GLY A 119 66.00 -6.52 1.67
CA GLY A 119 67.25 -6.01 2.24
C GLY A 119 68.07 -7.09 2.91
N THR A 134 67.85 -13.85 4.93
CA THR A 134 66.46 -13.45 4.92
C THR A 134 65.55 -14.71 5.01
N LEU A 135 64.23 -14.50 4.86
CA LEU A 135 63.20 -15.43 5.30
C LEU A 135 62.43 -15.93 4.10
N LYS A 136 61.81 -17.11 4.20
CA LYS A 136 60.97 -17.65 3.12
C LYS A 136 59.69 -16.80 3.01
N ALA A 137 59.49 -16.16 1.84
CA ALA A 137 58.23 -15.52 1.54
C ALA A 137 57.26 -16.65 1.37
N ASP A 138 56.36 -16.77 2.34
CA ASP A 138 55.14 -17.55 2.18
C ASP A 138 54.21 -17.15 3.30
N LYS A 139 53.08 -17.85 3.38
CA LYS A 139 51.99 -17.45 4.25
C LYS A 139 52.47 -17.34 5.69
N ASN A 140 52.11 -16.23 6.32
CA ASN A 140 52.36 -15.96 7.72
C ASN A 140 53.75 -15.50 8.11
N VAL A 141 54.66 -15.36 7.14
CA VAL A 141 56.04 -14.92 7.45
C VAL A 141 56.36 -13.60 6.79
N SER A 142 56.34 -13.63 5.46
CA SER A 142 56.73 -12.50 4.63
C SER A 142 56.02 -12.49 3.25
N LEU A 143 55.97 -11.32 2.62
CA LEU A 143 55.46 -11.11 1.27
C LEU A 143 56.57 -11.22 0.21
N SER A 144 56.28 -11.84 -0.93
CA SER A 144 57.23 -11.88 -2.06
C SER A 144 57.32 -10.50 -2.75
N ILE A 145 58.33 -10.27 -3.58
CA ILE A 145 58.37 -9.07 -4.36
C ILE A 145 57.13 -9.04 -5.27
N GLU A 146 56.69 -10.20 -5.72
CA GLU A 146 55.60 -10.27 -6.70
C GLU A 146 54.35 -9.73 -6.03
N GLN A 147 54.15 -10.09 -4.78
CA GLN A 147 53.01 -9.54 -4.07
C GLN A 147 53.20 -8.08 -3.72
N TYR A 148 54.38 -7.69 -3.24
CA TYR A 148 54.57 -6.30 -2.92
C TYR A 148 54.42 -5.44 -4.17
N GLU A 149 54.86 -5.88 -5.35
CA GLU A 149 54.72 -4.96 -6.51
C GLU A 149 53.29 -4.69 -6.86
N LYS A 150 52.43 -5.66 -6.58
CA LYS A 150 50.99 -5.48 -6.78
C LYS A 150 50.32 -4.58 -5.77
N ILE A 151 50.81 -4.58 -4.55
CA ILE A 151 50.27 -3.69 -3.55
C ILE A 151 50.66 -2.28 -3.89
N HIS A 152 51.89 -2.10 -4.35
CA HIS A 152 52.44 -0.79 -4.59
C HIS A 152 51.69 -0.19 -5.77
N GLU A 153 51.47 -0.99 -6.82
CA GLU A 153 50.74 -0.54 -7.99
C GLU A 153 49.30 -0.17 -7.66
N ALA A 154 48.63 -1.07 -6.96
CA ALA A 154 47.27 -0.81 -6.55
C ALA A 154 47.23 0.49 -5.82
N TYR A 155 48.09 0.60 -4.80
CA TYR A 155 48.07 1.70 -3.91
C TYR A 155 48.28 2.98 -4.69
N GLN A 156 49.14 2.99 -5.70
CA GLN A 156 49.45 4.24 -6.44
C GLN A 156 48.35 4.67 -7.38
N ILE A 157 47.63 3.70 -7.97
CA ILE A 157 46.35 4.00 -8.66
C ILE A 157 45.33 4.54 -7.69
N LEU A 158 45.08 3.82 -6.61
CA LEU A 158 44.22 4.40 -5.59
C LEU A 158 44.59 5.84 -5.29
N SER A 159 45.81 6.07 -4.84
CA SER A 159 46.16 7.38 -4.34
C SER A 159 45.97 8.47 -5.39
N LYS A 160 46.44 8.23 -6.60
CA LYS A 160 46.30 9.24 -7.64
C LYS A 160 44.84 9.49 -8.02
N ALA A 161 44.05 8.42 -8.15
CA ALA A 161 42.65 8.59 -8.54
C ALA A 161 41.97 9.38 -7.46
N LEU A 162 42.08 8.89 -6.23
CA LEU A 162 41.43 9.50 -5.09
C LEU A 162 41.87 10.92 -4.77
N LYS A 163 43.10 11.29 -5.12
CA LYS A 163 43.62 12.61 -4.74
C LYS A 163 43.57 13.70 -5.81
N GLN A 164 43.58 13.34 -7.11
CA GLN A 164 43.43 14.31 -8.20
C GLN A 164 42.06 14.23 -8.84
N ALA A 165 41.73 13.07 -9.45
CA ALA A 165 40.46 12.98 -10.15
C ALA A 165 39.23 12.92 -9.26
N GLY A 166 39.37 12.50 -7.99
CA GLY A 166 38.21 12.12 -7.21
C GLY A 166 37.62 10.78 -7.68
N LEU A 167 36.73 10.18 -6.87
CA LEU A 167 35.99 9.02 -7.34
C LEU A 167 34.81 9.54 -8.12
N ALA A 168 34.57 8.99 -9.31
CA ALA A 168 33.44 9.46 -10.13
C ALA A 168 32.12 8.93 -9.62
N PRO A 169 31.05 9.69 -9.92
CA PRO A 169 29.68 9.28 -9.52
C PRO A 169 29.41 7.84 -9.90
N LEU A 170 28.73 7.11 -9.03
CA LEU A 170 28.52 5.67 -9.24
C LEU A 170 27.75 5.27 -10.51
N ASN A 171 27.26 6.24 -11.28
CA ASN A 171 26.60 6.00 -12.54
C ASN A 171 27.28 6.74 -13.72
N SER A 172 28.60 6.74 -13.77
CA SER A 172 29.38 7.46 -14.76
C SER A 172 30.37 6.45 -15.23
N LYS A 173 30.90 6.62 -16.45
CA LYS A 173 31.99 5.76 -16.93
C LYS A 173 33.31 6.09 -16.24
N GLY A 174 33.46 7.38 -15.91
CA GLY A 174 34.62 7.87 -15.18
C GLY A 174 35.60 8.52 -16.11
N GLU A 175 36.34 9.49 -15.62
CA GLU A 175 37.44 10.07 -16.37
C GLU A 175 38.60 9.09 -16.54
N LYS A 176 39.46 9.37 -17.50
CA LYS A 176 40.74 8.68 -17.62
C LYS A 176 41.74 9.43 -16.76
N LEU A 177 42.57 8.67 -16.05
CA LEU A 177 43.70 9.20 -15.27
C LEU A 177 44.93 8.45 -15.68
N GLU A 178 46.09 9.10 -15.52
CA GLU A 178 47.41 8.44 -15.65
C GLU A 178 48.04 8.25 -14.28
N ALA A 179 48.38 7.02 -13.90
CA ALA A 179 49.10 6.77 -12.62
C ALA A 179 50.58 6.35 -12.84
N HIS A 180 51.51 6.98 -12.17
CA HIS A 180 52.94 6.64 -12.34
C HIS A 180 53.37 5.68 -11.29
N VAL A 181 54.22 4.73 -11.63
CA VAL A 181 54.60 3.71 -10.67
C VAL A 181 56.06 3.38 -10.93
N THR A 182 56.89 3.75 -9.96
CA THR A 182 58.33 3.77 -10.16
C THR A 182 59.04 2.96 -9.10
N THR A 183 60.05 2.23 -9.54
CA THR A 183 60.78 1.39 -8.67
C THR A 183 62.23 1.32 -9.08
N SER A 184 63.06 0.86 -8.14
CA SER A 184 64.47 0.69 -8.37
C SER A 184 64.89 -0.75 -7.97
N LYS A 185 65.61 -1.43 -8.85
CA LYS A 185 66.10 -2.77 -8.55
C LYS A 185 67.63 -2.85 -8.80
N TYR A 186 68.32 -3.58 -7.94
CA TYR A 186 69.80 -3.61 -7.88
C TYR A 186 70.10 -5.07 -8.11
N GLN A 187 70.62 -5.44 -9.28
CA GLN A 187 70.57 -6.84 -9.69
C GLN A 187 71.96 -7.49 -9.71
N GLN A 188 72.75 -7.26 -10.73
CA GLN A 188 74.14 -7.71 -10.69
C GLN A 188 74.72 -6.68 -9.75
N ASP A 189 76.03 -6.65 -9.66
CA ASP A 189 76.65 -5.53 -9.00
C ASP A 189 77.07 -4.56 -10.09
N ASN A 190 77.07 -3.31 -9.67
CA ASN A 190 77.08 -2.18 -10.58
C ASN A 190 76.01 -2.27 -11.68
N GLN A 191 74.79 -2.65 -11.30
CA GLN A 191 73.67 -2.66 -12.25
C GLN A 191 72.38 -2.18 -11.61
N THR A 192 71.86 -1.08 -12.13
CA THR A 192 70.64 -0.50 -11.62
C THR A 192 69.54 -0.49 -12.70
N LYS A 193 68.46 -1.20 -12.42
CA LYS A 193 67.21 -1.11 -13.20
C LYS A 193 66.24 -0.15 -12.51
N THR A 194 65.97 0.96 -13.17
CA THR A 194 64.99 1.96 -12.76
C THR A 194 63.74 1.92 -13.64
N THR A 195 62.62 1.51 -13.09
CA THR A 195 61.43 1.22 -13.87
C THR A 195 60.33 2.25 -13.61
N THR A 196 59.84 2.90 -14.68
CA THR A 196 58.59 3.70 -14.56
C THR A 196 57.46 3.07 -15.40
N SER A 197 56.41 2.61 -14.73
CA SER A 197 55.18 2.19 -15.39
C SER A 197 54.25 3.40 -15.41
N VAL A 198 53.78 3.79 -16.59
CA VAL A 198 52.65 4.72 -16.65
C VAL A 198 51.43 3.86 -16.84
N ILE A 199 50.40 4.06 -16.00
CA ILE A 199 49.17 3.27 -16.10
C ILE A 199 47.98 4.13 -16.48
N ASP A 200 47.40 3.90 -17.68
CA ASP A 200 46.21 4.64 -18.19
C ASP A 200 45.00 3.87 -17.66
N THR A 201 44.26 4.46 -16.75
CA THR A 201 43.20 3.75 -16.08
C THR A 201 42.04 4.73 -15.88
N THR A 202 41.12 4.43 -14.96
CA THR A 202 39.92 5.28 -14.72
C THR A 202 39.55 5.33 -13.25
N ASN A 203 38.81 6.35 -12.86
CA ASN A 203 38.27 6.43 -11.51
C ASN A 203 36.93 5.82 -11.32
N ASP A 204 36.45 4.99 -12.24
CA ASP A 204 35.17 4.33 -11.96
C ASP A 204 35.34 3.53 -10.65
N ALA A 205 34.29 3.47 -9.82
CA ALA A 205 34.30 2.70 -8.58
C ALA A 205 34.70 1.26 -8.72
N GLN A 206 34.25 0.59 -9.77
CA GLN A 206 34.59 -0.82 -9.94
C GLN A 206 36.11 -1.00 -10.00
N ASN A 207 36.79 -0.13 -10.73
CA ASN A 207 38.23 -0.25 -10.88
C ASN A 207 38.99 0.04 -9.59
N LEU A 208 38.56 1.05 -8.86
CA LEU A 208 39.21 1.43 -7.64
C LEU A 208 38.97 0.37 -6.57
N LEU A 209 37.81 -0.27 -6.56
CA LEU A 209 37.55 -1.28 -5.54
C LEU A 209 38.38 -2.48 -5.83
N THR A 210 38.72 -2.68 -7.08
CA THR A 210 39.62 -3.76 -7.42
C THR A 210 41.07 -3.56 -6.93
N GLN A 211 41.57 -2.34 -7.05
CA GLN A 211 42.84 -2.02 -6.52
C GLN A 211 42.86 -2.21 -4.97
N ALA A 212 41.85 -1.64 -4.31
CA ALA A 212 41.71 -1.75 -2.88
C ALA A 212 41.58 -3.18 -2.43
N GLN A 213 40.89 -4.00 -3.20
CA GLN A 213 40.74 -5.38 -2.82
C GLN A 213 42.06 -6.11 -2.86
N THR A 214 42.92 -5.74 -3.80
CA THR A 214 44.24 -6.36 -3.93
C THR A 214 45.05 -6.13 -2.66
N ILE A 215 45.00 -4.91 -2.16
CA ILE A 215 45.76 -4.57 -1.02
C ILE A 215 45.23 -5.31 0.20
N VAL A 216 43.94 -5.21 0.46
CA VAL A 216 43.38 -5.78 1.67
C VAL A 216 43.60 -7.28 1.64
N ASN A 217 43.31 -7.91 0.50
CA ASN A 217 43.43 -9.37 0.36
C ASN A 217 44.83 -9.93 0.55
N THR A 218 45.83 -9.26 -0.03
CA THR A 218 47.21 -9.63 0.22
C THR A 218 47.49 -9.66 1.73
N LEU A 219 47.11 -8.63 2.48
CA LEU A 219 47.36 -8.59 3.92
C LEU A 219 46.55 -9.58 4.67
N LYS A 220 45.30 -9.74 4.26
CA LYS A 220 44.42 -10.61 5.01
C LYS A 220 44.80 -12.06 4.79
N ASP A 221 45.12 -12.44 3.55
CA ASP A 221 45.40 -13.84 3.22
C ASP A 221 46.81 -14.33 3.54
N TYR A 222 47.81 -13.45 3.52
CA TYR A 222 49.19 -13.84 3.70
C TYR A 222 49.82 -13.29 4.95
N CYS A 223 49.09 -12.43 5.67
CA CYS A 223 49.46 -12.01 7.04
C CYS A 223 50.93 -11.88 7.35
N PRO A 224 51.63 -10.94 6.70
CA PRO A 224 53.05 -10.88 6.84
C PRO A 224 53.41 -10.35 8.20
N ILE A 225 54.63 -10.65 8.62
CA ILE A 225 55.15 -10.26 9.91
C ILE A 225 55.39 -8.76 9.94
N LEU A 226 55.14 -8.17 11.10
CA LEU A 226 55.45 -6.77 11.34
C LEU A 226 56.89 -6.55 11.82
N ILE A 227 57.49 -5.51 11.29
CA ILE A 227 58.79 -5.09 11.69
C ILE A 227 58.75 -4.60 13.13
N ALA A 228 59.77 -4.96 13.92
CA ALA A 228 59.88 -4.50 15.32
C ALA A 228 60.67 -3.20 15.36
N LYS A 229 60.53 -2.44 16.44
CA LYS A 229 61.31 -1.23 16.61
C LYS A 229 61.27 -0.76 18.05
N ASN A 241 58.97 8.03 18.58
CA ASN A 241 57.60 7.54 18.83
C ASN A 241 57.17 6.32 17.95
N THR A 242 56.93 5.19 18.61
CA THR A 242 56.62 3.92 17.94
C THR A 242 55.19 3.52 18.24
N PRO A 243 54.30 3.69 17.26
CA PRO A 243 52.92 3.29 17.45
C PRO A 243 52.73 2.09 18.37
N SER A 244 51.86 2.25 19.33
CA SER A 244 51.40 1.15 20.15
C SER A 244 51.40 -0.23 19.48
N TRP A 245 50.83 -0.32 18.29
CA TRP A 245 50.59 -1.62 17.66
C TRP A 245 51.92 -2.29 17.26
N GLN A 246 52.92 -1.50 16.93
CA GLN A 246 54.20 -2.05 16.53
C GLN A 246 54.95 -2.64 17.74
N THR A 247 54.77 -2.02 18.90
CA THR A 247 55.46 -2.49 20.07
C THR A 247 54.81 -3.79 20.57
N ALA A 248 53.48 -3.83 20.70
CA ALA A 248 52.77 -5.08 21.01
C ALA A 248 52.46 -5.75 19.69
N GLY A 249 53.51 -6.02 18.93
CA GLY A 249 53.36 -6.04 17.48
C GLY A 249 53.73 -7.29 16.74
N GLY A 250 54.91 -7.33 16.16
CA GLY A 250 56.09 -6.60 16.63
C GLY A 250 57.21 -7.50 16.17
N GLY A 251 57.03 -8.81 16.41
CA GLY A 251 57.65 -9.86 15.57
C GLY A 251 56.68 -10.99 15.22
N LYS A 252 55.40 -10.81 15.55
CA LYS A 252 54.35 -11.76 15.19
C LYS A 252 53.74 -11.28 13.88
N ASN A 253 53.03 -12.20 13.23
CA ASN A 253 52.32 -11.93 12.00
C ASN A 253 51.32 -10.77 12.21
N SER A 254 51.26 -9.83 11.24
CA SER A 254 50.18 -8.84 11.17
C SER A 254 49.04 -9.78 11.18
N CYS A 255 47.84 -9.40 11.55
CA CYS A 255 46.75 -10.42 11.56
C CYS A 255 46.50 -11.01 12.92
N ALA A 256 47.46 -10.86 13.80
CA ALA A 256 47.24 -11.18 15.19
C ALA A 256 47.00 -9.85 15.83
N THR A 257 47.83 -8.87 15.50
CA THR A 257 47.55 -7.48 15.77
C THR A 257 46.25 -7.01 15.04
N PHE A 258 46.19 -7.18 13.71
CA PHE A 258 45.20 -6.47 12.89
C PHE A 258 44.01 -7.31 12.35
N GLY A 259 43.85 -8.53 12.82
CA GLY A 259 42.83 -9.45 12.26
C GLY A 259 41.49 -8.79 12.10
N ALA A 260 41.09 -8.03 13.11
CA ALA A 260 39.81 -7.32 13.08
C ALA A 260 39.82 -6.15 12.08
N GLU A 261 40.93 -5.41 12.05
CA GLU A 261 41.08 -4.27 11.14
C GLU A 261 41.09 -4.71 9.68
N PHE A 262 41.63 -5.89 9.44
CA PHE A 262 41.65 -6.48 8.09
C PHE A 262 40.27 -6.95 7.67
N SER A 263 39.57 -7.67 8.55
CA SER A 263 38.19 -8.11 8.30
C SER A 263 37.26 -6.97 8.05
N ALA A 264 37.49 -5.88 8.74
CA ALA A 264 36.64 -4.74 8.64
C ALA A 264 36.82 -4.05 7.31
N ALA A 265 38.03 -4.04 6.79
CA ALA A 265 38.28 -3.29 5.59
C ALA A 265 37.93 -4.14 4.37
N SER A 266 38.05 -5.46 4.48
CA SER A 266 37.61 -6.38 3.42
C SER A 266 36.09 -6.30 3.22
N ASP A 267 35.37 -6.27 4.34
CA ASP A 267 33.90 -6.18 4.35
C ASP A 267 33.40 -4.85 3.85
N MET A 268 34.05 -3.76 4.27
CA MET A 268 33.75 -2.46 3.63
C MET A 268 33.86 -2.57 2.09
N ILE A 269 34.95 -3.14 1.57
CA ILE A 269 35.12 -3.30 0.15
C ILE A 269 34.00 -4.12 -0.43
N ASN A 270 33.76 -5.32 0.11
CA ASN A 270 32.73 -6.20 -0.42
C ASN A 270 31.37 -5.52 -0.48
N ASN A 271 31.00 -4.83 0.59
CA ASN A 271 29.72 -4.16 0.64
C ASN A 271 29.65 -2.93 -0.23
N ALA A 272 30.81 -2.38 -0.57
CA ALA A 272 30.86 -1.25 -1.49
C ALA A 272 30.65 -1.78 -2.92
N GLN A 273 31.28 -2.89 -3.29
CA GLN A 273 31.01 -3.53 -4.57
C GLN A 273 29.50 -3.76 -4.77
N LYS A 274 28.81 -4.15 -3.70
CA LYS A 274 27.39 -4.37 -3.76
C LYS A 274 26.63 -3.08 -3.94
N ILE A 275 26.91 -2.08 -3.13
CA ILE A 275 26.29 -0.77 -3.32
C ILE A 275 26.38 -0.33 -4.78
N VAL A 276 27.49 -0.64 -5.43
CA VAL A 276 27.74 -0.20 -6.81
C VAL A 276 26.89 -0.97 -7.81
N GLN A 277 26.74 -2.29 -7.60
CA GLN A 277 25.84 -3.12 -8.44
C GLN A 277 24.41 -2.72 -8.23
N GLU A 278 23.91 -2.88 -7.01
CA GLU A 278 22.61 -2.35 -6.68
C GLU A 278 22.35 -0.97 -7.26
N THR A 279 23.30 -0.07 -7.17
CA THR A 279 23.07 1.29 -7.63
C THR A 279 22.87 1.38 -9.14
N GLN A 280 23.57 0.57 -9.92
CA GLN A 280 23.49 0.71 -11.37
C GLN A 280 22.29 -0.04 -11.93
N GLN A 281 21.91 -1.08 -11.22
CA GLN A 281 20.71 -1.81 -11.53
C GLN A 281 19.45 -0.99 -11.07
N LEU A 282 19.57 -0.24 -9.99
CA LEU A 282 18.57 0.79 -9.64
C LEU A 282 18.39 1.82 -10.76
N SER A 283 19.48 2.33 -11.33
CA SER A 283 19.41 3.31 -12.46
C SER A 283 18.54 2.80 -13.63
N ALA A 284 18.50 1.48 -13.77
CA ALA A 284 17.80 0.82 -14.85
C ALA A 284 16.43 0.32 -14.41
N ASN A 285 15.82 0.99 -13.44
CA ASN A 285 14.46 0.62 -13.03
C ASN A 285 13.65 1.85 -12.61
N GLN A 286 13.39 2.73 -13.56
CA GLN A 286 12.73 3.99 -13.29
C GLN A 286 11.25 3.86 -13.56
N PRO A 287 10.39 4.09 -12.54
CA PRO A 287 8.97 4.19 -12.83
C PRO A 287 8.68 5.49 -13.62
N LYS A 288 7.76 5.45 -14.57
CA LYS A 288 7.47 6.61 -15.39
C LYS A 288 6.29 7.32 -14.78
N ASN A 289 6.26 8.64 -14.88
CA ASN A 289 5.09 9.40 -14.46
C ASN A 289 3.85 9.00 -15.24
N ILE A 290 2.70 9.05 -14.59
CA ILE A 290 1.47 8.84 -15.28
C ILE A 290 1.15 10.04 -16.16
N THR A 291 1.05 9.84 -17.46
CA THR A 291 0.63 10.91 -18.38
C THR A 291 -0.79 10.66 -18.82
N GLN A 292 -1.60 11.71 -18.99
CA GLN A 292 -2.96 11.62 -19.58
C GLN A 292 -3.93 10.75 -18.75
N PRO A 293 -4.07 11.07 -17.47
CA PRO A 293 -4.82 10.18 -16.55
C PRO A 293 -6.31 10.06 -16.86
N HIS A 294 -6.79 10.84 -17.81
CA HIS A 294 -8.14 10.71 -18.29
C HIS A 294 -8.21 9.44 -19.12
N ASN A 295 -7.12 9.19 -19.84
CA ASN A 295 -7.01 8.09 -20.80
C ASN A 295 -6.77 6.71 -20.15
N LEU A 296 -7.85 5.95 -20.05
CA LEU A 296 -7.85 4.69 -19.36
C LEU A 296 -7.50 3.55 -20.25
N ASN A 297 -7.01 3.82 -21.45
CA ASN A 297 -6.46 2.78 -22.33
C ASN A 297 -4.92 2.70 -22.13
N LEU A 298 -4.29 3.87 -22.15
CA LEU A 298 -2.89 4.05 -21.79
C LEU A 298 -2.64 3.66 -20.34
N ASN A 299 -3.50 4.17 -19.46
CA ASN A 299 -3.48 3.87 -18.05
C ASN A 299 -4.41 2.74 -17.69
N SER A 300 -4.21 1.59 -18.32
CA SER A 300 -5.05 0.42 -18.11
C SER A 300 -4.72 -0.24 -16.77
N PRO A 301 -5.52 -1.24 -16.37
CA PRO A 301 -5.21 -1.98 -15.18
C PRO A 301 -3.85 -2.58 -15.21
N SER A 302 -3.51 -3.08 -16.38
CA SER A 302 -2.29 -3.83 -16.59
C SER A 302 -1.02 -2.91 -16.55
N SER A 303 -1.16 -1.71 -17.11
CA SER A 303 -0.17 -0.67 -17.12
C SER A 303 0.10 -0.10 -15.72
N LEU A 304 -0.96 0.07 -14.93
CA LEU A 304 -0.82 0.54 -13.54
C LEU A 304 -0.28 -0.52 -12.62
N THR A 305 -0.58 -1.78 -12.89
CA THR A 305 -0.08 -2.81 -12.04
C THR A 305 1.43 -2.82 -12.25
N ALA A 306 1.87 -2.65 -13.50
CA ALA A 306 3.28 -2.80 -13.83
C ALA A 306 4.11 -1.64 -13.31
N LEU A 307 3.47 -0.48 -13.24
CA LEU A 307 4.10 0.71 -12.69
C LEU A 307 4.25 0.58 -11.18
N ALA A 308 3.34 -0.11 -10.50
CA ALA A 308 3.39 -0.21 -9.06
C ALA A 308 4.48 -1.15 -8.73
N GLN A 309 4.68 -2.11 -9.60
CA GLN A 309 5.71 -3.10 -9.36
C GLN A 309 7.12 -2.58 -9.55
N LYS A 310 7.28 -1.65 -10.46
CA LYS A 310 8.51 -0.93 -10.66
C LYS A 310 8.70 0.04 -9.48
N MET A 311 7.59 0.58 -8.97
CA MET A 311 7.66 1.46 -7.84
C MET A 311 8.15 0.68 -6.62
N LEU A 312 7.65 -0.54 -6.45
CA LEU A 312 8.12 -1.34 -5.33
C LEU A 312 9.55 -1.82 -5.54
N LYS A 313 9.94 -2.20 -6.76
CA LYS A 313 11.30 -2.69 -6.95
C LYS A 313 12.33 -1.60 -6.67
N ASN A 314 12.07 -0.42 -7.23
CA ASN A 314 12.88 0.75 -7.04
C ASN A 314 13.08 1.12 -5.56
N ALA A 315 12.06 0.98 -4.73
CA ALA A 315 12.17 1.37 -3.34
C ALA A 315 12.90 0.30 -2.57
N GLN A 316 12.71 -0.96 -2.96
CA GLN A 316 13.48 -2.03 -2.33
C GLN A 316 14.96 -1.81 -2.62
N SER A 317 15.28 -1.41 -3.84
CA SER A 317 16.67 -1.14 -4.18
C SER A 317 17.26 -0.09 -3.28
N GLN A 318 16.49 0.97 -3.06
CA GLN A 318 16.98 2.08 -2.31
C GLN A 318 17.12 1.69 -0.84
N ALA A 319 16.20 0.92 -0.30
CA ALA A 319 16.34 0.44 1.06
C ALA A 319 17.64 -0.37 1.25
N GLU A 320 18.03 -1.08 0.21
CA GLU A 320 19.04 -2.08 0.28
C GLU A 320 20.39 -1.42 0.15
N ILE A 321 20.47 -0.45 -0.75
CA ILE A 321 21.60 0.44 -0.81
C ILE A 321 21.84 1.14 0.53
N LEU A 322 20.79 1.65 1.15
CA LEU A 322 20.92 2.42 2.39
C LEU A 322 21.30 1.56 3.56
N LYS A 323 20.88 0.31 3.51
CA LYS A 323 21.22 -0.66 4.52
C LYS A 323 22.72 -1.04 4.43
N LEU A 324 23.18 -1.27 3.18
CA LEU A 324 24.58 -1.57 2.90
C LEU A 324 25.49 -0.39 3.27
N ALA A 325 25.10 0.82 2.88
CA ALA A 325 25.89 1.98 3.19
C ALA A 325 26.06 2.14 4.69
N ASN A 326 25.03 1.76 5.46
CA ASN A 326 25.10 1.86 6.92
C ASN A 326 26.04 0.84 7.51
N GLN A 327 26.15 -0.32 6.88
CA GLN A 327 26.94 -1.40 7.43
C GLN A 327 28.40 -1.14 7.08
N VAL A 328 28.64 -0.49 5.94
CA VAL A 328 29.95 0.07 5.66
C VAL A 328 30.37 1.06 6.76
N GLU A 329 29.46 1.94 7.20
CA GLU A 329 29.79 2.84 8.28
C GLU A 329 30.15 2.05 9.53
N SER A 330 29.28 1.14 9.92
CA SER A 330 29.46 0.28 11.10
C SER A 330 30.82 -0.45 11.10
N ASP A 331 31.26 -0.84 9.93
CA ASP A 331 32.54 -1.49 9.79
C ASP A 331 33.73 -0.50 9.86
N PHE A 332 33.61 0.68 9.29
CA PHE A 332 34.66 1.66 9.39
C PHE A 332 34.95 1.92 10.85
N ASN A 333 33.89 2.16 11.60
CA ASN A 333 33.99 2.35 13.02
C ASN A 333 34.79 1.25 13.69
N LYS A 334 34.53 0.01 13.30
CA LYS A 334 35.25 -1.16 13.79
C LYS A 334 36.71 -1.01 13.43
N LEU A 335 36.97 -0.70 12.15
CA LEU A 335 38.34 -0.41 11.68
C LEU A 335 39.08 0.76 12.35
N SER A 336 38.39 1.74 12.93
CA SER A 336 39.01 3.00 13.40
C SER A 336 38.95 3.18 14.92
N SER A 337 38.60 2.12 15.60
CA SER A 337 38.24 2.20 16.99
C SER A 337 39.17 1.40 17.87
N GLY A 338 40.07 0.64 17.24
CA GLY A 338 41.04 -0.25 17.91
C GLY A 338 42.46 0.28 17.75
N HIS A 339 43.38 -0.56 17.31
CA HIS A 339 44.79 -0.16 17.19
C HIS A 339 45.04 1.11 16.42
N LEU A 340 44.22 1.38 15.41
CA LEU A 340 44.47 2.46 14.47
C LEU A 340 43.74 3.75 14.84
N LYS A 341 42.96 3.71 15.93
CA LYS A 341 42.15 4.84 16.35
C LYS A 341 42.94 6.16 16.39
N ASP A 342 44.13 6.17 16.96
CA ASP A 342 44.92 7.38 17.05
C ASP A 342 45.67 7.77 15.76
N TYR A 343 45.49 7.04 14.67
CA TYR A 343 46.32 7.27 13.50
C TYR A 343 45.54 7.38 12.21
N ILE A 344 44.72 6.37 11.91
CA ILE A 344 43.99 6.33 10.64
C ILE A 344 43.13 7.56 10.53
N GLY A 345 43.11 8.19 9.38
CA GLY A 345 42.52 9.55 9.38
C GLY A 345 42.99 10.60 10.40
N LYS A 346 44.29 10.69 10.60
CA LYS A 346 44.96 11.87 11.13
C LYS A 346 45.96 12.25 10.06
N CYS A 347 46.32 13.52 9.97
CA CYS A 347 47.37 13.93 9.03
C CYS A 347 48.22 15.08 9.56
N ASP A 348 49.51 14.97 9.33
CA ASP A 348 50.44 15.97 9.79
C ASP A 348 51.22 16.51 8.59
N GLN A 360 55.03 19.16 1.96
CA GLN A 360 53.79 18.92 1.22
C GLN A 360 53.59 17.41 0.93
N ASN A 361 54.04 16.93 -0.24
CA ASN A 361 54.18 15.50 -0.54
C ASN A 361 55.56 15.01 -0.16
N GLN A 362 56.50 15.95 -0.08
CA GLN A 362 57.90 15.71 0.31
C GLN A 362 58.01 15.18 1.74
N LYS A 363 56.98 15.44 2.53
CA LYS A 363 56.86 14.95 3.90
C LYS A 363 56.61 13.43 3.99
N ASN A 364 57.25 12.83 4.99
CA ASN A 364 57.05 11.44 5.37
C ASN A 364 55.85 11.41 6.28
N ASN A 365 54.76 10.80 5.84
CA ASN A 365 53.58 10.72 6.71
C ASN A 365 53.17 9.28 7.07
N TRP A 366 54.08 8.34 6.86
CA TRP A 366 53.81 6.97 7.26
C TRP A 366 53.39 6.91 8.74
N GLY A 367 52.55 5.95 9.07
CA GLY A 367 52.04 5.79 10.41
C GLY A 367 50.71 6.44 10.74
N ASN A 368 50.45 7.57 10.11
CA ASN A 368 49.14 8.14 10.20
C ASN A 368 48.39 8.26 8.83
N GLY A 369 47.07 8.16 8.89
CA GLY A 369 46.27 7.67 7.78
C GLY A 369 46.24 8.53 6.55
N CYS A 370 46.29 9.85 6.74
CA CYS A 370 46.33 10.88 5.68
C CYS A 370 45.54 10.47 4.46
N ALA A 371 44.31 10.03 4.70
CA ALA A 371 43.51 9.42 3.64
C ALA A 371 42.16 10.08 3.39
N GLY A 372 41.71 10.92 4.30
CA GLY A 372 40.47 11.65 4.15
C GLY A 372 39.31 11.06 4.91
N VAL A 373 39.53 9.97 5.63
CA VAL A 373 38.43 9.18 6.18
C VAL A 373 37.51 9.92 7.14
N GLU A 374 37.96 10.94 7.83
CA GLU A 374 37.01 11.59 8.70
C GLU A 374 36.04 12.49 7.94
N GLU A 375 36.55 13.23 6.97
CA GLU A 375 35.79 14.17 6.16
C GLU A 375 34.70 13.36 5.48
N THR A 376 35.07 12.17 5.01
CA THR A 376 34.15 11.33 4.26
C THR A 376 33.11 10.67 5.18
N GLN A 377 33.54 10.06 6.28
CA GLN A 377 32.60 9.51 7.25
C GLN A 377 31.53 10.51 7.68
N SER A 378 31.86 11.79 7.75
CA SER A 378 30.89 12.76 8.24
C SER A 378 29.89 13.12 7.14
N LEU A 379 30.29 13.08 5.88
CA LEU A 379 29.38 13.25 4.79
C LEU A 379 28.48 12.05 4.64
N LEU A 380 29.01 10.86 4.90
CA LEU A 380 28.21 9.65 4.97
C LEU A 380 27.12 9.82 6.02
N LYS A 381 27.54 10.14 7.24
CA LYS A 381 26.62 10.41 8.33
C LYS A 381 25.52 11.40 7.97
N THR A 382 25.91 12.59 7.50
CA THR A 382 24.97 13.64 7.05
C THR A 382 23.97 13.08 6.05
N SER A 383 24.49 12.49 4.99
CA SER A 383 23.67 12.10 3.89
C SER A 383 22.87 10.85 4.26
N ALA A 384 23.38 9.97 5.12
CA ALA A 384 22.61 8.79 5.51
C ALA A 384 21.42 9.24 6.32
N ALA A 385 21.58 10.29 7.10
CA ALA A 385 20.49 10.88 7.85
C ALA A 385 19.50 11.67 6.99
N ASP A 386 19.96 12.32 5.93
CA ASP A 386 19.01 12.99 5.05
C ASP A 386 18.11 11.96 4.36
N PHE A 387 18.64 10.79 4.04
CA PHE A 387 17.83 9.79 3.40
C PHE A 387 16.88 9.17 4.41
N ASN A 388 17.30 9.13 5.65
CA ASN A 388 16.48 8.63 6.72
C ASN A 388 15.30 9.54 7.03
N ASN A 389 15.52 10.84 6.92
CA ASN A 389 14.43 11.80 7.04
C ASN A 389 13.33 11.60 6.02
N GLN A 390 13.70 11.28 4.78
CA GLN A 390 12.78 10.98 3.70
C GLN A 390 12.08 9.62 3.81
N THR A 391 12.21 8.90 4.91
CA THR A 391 11.57 7.58 5.02
C THR A 391 10.03 7.53 4.93
N PRO A 392 9.31 8.63 5.23
CA PRO A 392 7.90 8.77 4.87
C PRO A 392 7.64 8.76 3.38
N GLN A 393 8.27 9.67 2.63
CA GLN A 393 8.15 9.65 1.18
C GLN A 393 8.15 8.21 0.60
N ILE A 394 9.02 7.36 1.11
CA ILE A 394 9.19 6.01 0.57
C ILE A 394 8.16 5.05 1.09
N ASN A 395 7.59 5.32 2.26
CA ASN A 395 6.47 4.51 2.75
C ASN A 395 5.18 4.84 2.02
N GLN A 396 4.95 6.12 1.69
CA GLN A 396 3.82 6.56 0.85
C GLN A 396 3.86 5.91 -0.51
N ALA A 397 5.02 5.97 -1.15
CA ALA A 397 5.21 5.34 -2.45
C ALA A 397 4.90 3.87 -2.39
N GLN A 398 5.23 3.20 -1.29
CA GLN A 398 5.02 1.78 -1.23
C GLN A 398 3.61 1.45 -0.93
N ASN A 399 2.98 2.16 -0.01
CA ASN A 399 1.57 1.92 0.37
C ASN A 399 0.66 2.13 -0.83
N LEU A 400 0.84 3.24 -1.52
CA LEU A 400 0.22 3.51 -2.82
C LEU A 400 0.34 2.35 -3.79
N ALA A 401 1.57 2.00 -4.15
CA ALA A 401 1.79 0.88 -5.05
C ALA A 401 1.08 -0.39 -4.60
N ASN A 402 1.16 -0.69 -3.31
CA ASN A 402 0.46 -1.86 -2.78
C ASN A 402 -1.05 -1.70 -2.85
N THR A 403 -1.58 -0.48 -2.81
CA THR A 403 -3.02 -0.31 -2.93
C THR A 403 -3.43 -0.53 -4.39
N LEU A 404 -2.69 0.04 -5.33
CA LEU A 404 -3.01 -0.15 -6.72
C LEU A 404 -3.01 -1.62 -7.02
N ILE A 405 -2.04 -2.35 -6.50
CA ILE A 405 -1.99 -3.79 -6.78
C ILE A 405 -3.14 -4.56 -6.14
N GLN A 406 -3.52 -4.18 -4.93
CA GLN A 406 -4.62 -4.85 -4.30
C GLN A 406 -5.94 -4.50 -5.00
N GLU A 407 -6.17 -3.21 -5.28
CA GLU A 407 -7.43 -2.75 -5.88
C GLU A 407 -7.61 -3.35 -7.26
N LEU A 408 -6.53 -3.32 -8.06
CA LEU A 408 -6.57 -3.85 -9.41
C LEU A 408 -6.51 -5.36 -9.48
N GLY A 409 -6.70 -6.02 -8.33
CA GLY A 409 -6.63 -7.48 -8.25
C GLY A 409 -7.91 -8.18 -7.84
N ASN A 410 -9.00 -7.44 -7.63
CA ASN A 410 -10.31 -8.02 -7.44
C ASN A 410 -11.32 -7.38 -8.40
N ASN A 411 -12.61 -7.73 -8.24
CA ASN A 411 -13.66 -7.26 -9.15
C ASN A 411 -13.70 -5.74 -9.31
N PRO A 412 -13.94 -5.26 -10.54
CA PRO A 412 -14.27 -5.91 -11.82
C PRO A 412 -13.09 -6.14 -12.77
N PHE A 413 -11.87 -6.24 -12.22
CA PHE A 413 -10.62 -6.32 -13.01
C PHE A 413 -10.22 -7.77 -13.31
N ARG A 414 -10.63 -8.71 -12.45
CA ARG A 414 -10.63 -10.14 -12.82
C ARG A 414 -11.87 -10.89 -12.31
N ASN A 415 -12.18 -11.98 -13.00
CA ASN A 415 -13.22 -12.91 -12.59
C ASN A 415 -12.72 -13.60 -11.34
N MET A 416 -13.54 -13.65 -10.30
CA MET A 416 -13.07 -14.00 -8.95
C MET A 416 -13.41 -15.43 -8.47
N GLN B 13 -76.45 -50.63 -54.15
CA GLN B 13 -75.85 -51.20 -55.41
C GLN B 13 -74.57 -50.47 -55.76
N LYS B 14 -73.81 -51.01 -56.69
CA LYS B 14 -72.55 -50.40 -57.13
C LYS B 14 -72.80 -49.30 -58.16
N LEU B 15 -72.11 -48.18 -58.02
CA LEU B 15 -72.31 -47.02 -58.87
C LEU B 15 -71.23 -46.86 -59.87
N SER B 16 -70.10 -47.50 -59.68
CA SER B 16 -68.90 -47.18 -60.45
C SER B 16 -67.83 -48.00 -59.89
N ASP B 17 -66.81 -48.30 -60.65
CA ASP B 17 -65.69 -48.94 -60.04
C ASP B 17 -64.87 -47.91 -59.37
N THR B 18 -64.82 -46.72 -59.97
CA THR B 18 -64.13 -45.63 -59.37
C THR B 18 -64.66 -45.35 -57.97
N TYR B 19 -65.98 -45.21 -57.87
CA TYR B 19 -66.63 -44.97 -56.60
C TYR B 19 -66.43 -46.11 -55.64
N GLU B 20 -66.64 -47.35 -56.10
CA GLU B 20 -66.51 -48.49 -55.19
C GLU B 20 -65.14 -48.60 -54.53
N GLN B 21 -64.09 -48.25 -55.28
CA GLN B 21 -62.72 -48.27 -54.78
C GLN B 21 -62.48 -47.07 -53.88
N LEU B 22 -62.91 -45.87 -54.26
CA LEU B 22 -62.77 -44.70 -53.34
C LEU B 22 -63.43 -44.89 -52.00
N SER B 23 -64.65 -45.42 -51.98
CA SER B 23 -65.31 -45.64 -50.72
C SER B 23 -64.66 -46.82 -49.93
N ARG B 24 -63.89 -47.67 -50.58
CA ARG B 24 -63.08 -48.64 -49.81
C ARG B 24 -61.90 -47.98 -49.14
N LEU B 25 -61.27 -47.01 -49.82
CA LEU B 25 -60.19 -46.20 -49.29
C LEU B 25 -60.64 -45.11 -48.30
N LEU B 26 -61.92 -44.88 -48.09
CA LEU B 26 -62.34 -43.96 -47.04
C LEU B 26 -63.22 -44.69 -46.01
N THR B 27 -63.21 -46.03 -46.06
CA THR B 27 -64.08 -46.97 -45.27
C THR B 27 -65.59 -46.90 -45.57
N THR B 36 -57.02 -48.20 -44.64
CA THR B 36 -56.87 -46.75 -44.72
C THR B 36 -58.19 -45.97 -44.88
N SER B 37 -58.93 -45.75 -43.81
CA SER B 37 -60.13 -44.92 -43.83
C SER B 37 -59.87 -43.39 -43.83
N ALA B 38 -60.97 -42.61 -43.87
CA ALA B 38 -60.94 -41.14 -43.74
C ALA B 38 -60.52 -40.72 -42.35
N GLN B 39 -60.87 -41.53 -41.35
CA GLN B 39 -60.54 -41.23 -39.96
C GLN B 39 -59.06 -41.39 -39.77
N ALA B 40 -58.57 -42.56 -40.18
CA ALA B 40 -57.15 -42.91 -40.17
C ALA B 40 -56.27 -41.85 -40.82
N ILE B 41 -56.73 -41.37 -41.97
CA ILE B 41 -56.07 -40.32 -42.69
C ILE B 41 -56.13 -39.02 -41.92
N ASN B 42 -57.29 -38.66 -41.38
CA ASN B 42 -57.43 -37.40 -40.63
C ASN B 42 -56.62 -37.36 -39.31
N GLN B 43 -56.41 -38.52 -38.73
CA GLN B 43 -55.69 -38.60 -37.52
C GLN B 43 -54.18 -38.45 -37.82
N ALA B 44 -53.76 -38.91 -38.99
CA ALA B 44 -52.38 -38.78 -39.43
C ALA B 44 -52.13 -37.37 -39.87
N VAL B 45 -53.11 -36.79 -40.53
CA VAL B 45 -53.02 -35.41 -40.90
C VAL B 45 -52.97 -34.55 -39.66
N ASN B 46 -53.74 -34.87 -38.62
CA ASN B 46 -53.63 -34.09 -37.39
C ASN B 46 -52.29 -34.23 -36.64
N ASN B 47 -51.78 -35.46 -36.52
CA ASN B 47 -50.45 -35.67 -35.97
C ASN B 47 -49.46 -34.85 -36.72
N LEU B 48 -49.38 -35.03 -38.04
CA LEU B 48 -48.47 -34.19 -38.80
C LEU B 48 -48.60 -32.70 -38.45
N ASN B 49 -49.81 -32.16 -38.43
CA ASN B 49 -49.90 -30.73 -38.22
C ASN B 49 -49.70 -30.25 -36.79
N GLU B 50 -50.06 -31.04 -35.79
CA GLU B 50 -49.78 -30.67 -34.40
C GLU B 50 -48.29 -30.77 -34.13
N ARG B 51 -47.65 -31.78 -34.71
CA ARG B 51 -46.22 -31.97 -34.63
C ARG B 51 -45.45 -30.85 -35.33
N ALA B 52 -45.88 -30.45 -36.52
CA ALA B 52 -45.30 -29.28 -37.16
C ALA B 52 -45.52 -28.00 -36.38
N LYS B 53 -46.69 -27.81 -35.81
CA LYS B 53 -46.95 -26.56 -35.11
C LYS B 53 -46.10 -26.45 -33.86
N THR B 54 -45.92 -27.57 -33.15
CA THR B 54 -45.00 -27.59 -32.05
C THR B 54 -43.62 -27.22 -32.57
N LEU B 55 -43.18 -27.94 -33.60
CA LEU B 55 -41.82 -27.82 -34.10
C LEU B 55 -41.47 -26.40 -34.53
N ALA B 56 -42.35 -25.75 -35.27
CA ALA B 56 -42.08 -24.45 -35.89
C ALA B 56 -42.46 -23.19 -35.10
N GLY B 57 -43.41 -23.30 -34.18
CA GLY B 57 -43.88 -22.12 -33.45
C GLY B 57 -43.78 -22.26 -31.95
N GLY B 58 -43.38 -23.42 -31.45
CA GLY B 58 -43.19 -23.64 -30.01
C GLY B 58 -41.76 -23.31 -29.56
N THR B 59 -41.50 -23.42 -28.25
CA THR B 59 -40.17 -23.11 -27.66
C THR B 59 -39.65 -24.22 -26.76
N THR B 60 -40.16 -24.28 -25.54
CA THR B 60 -39.81 -25.35 -24.64
C THR B 60 -39.77 -26.73 -25.34
N ASN B 61 -40.78 -27.01 -26.17
CA ASN B 61 -40.95 -28.34 -26.75
C ASN B 61 -40.55 -28.50 -28.19
N SER B 62 -39.89 -27.53 -28.80
CA SER B 62 -39.39 -27.67 -30.17
C SER B 62 -37.89 -27.89 -30.22
N PRO B 63 -37.46 -29.04 -30.70
CA PRO B 63 -36.06 -29.22 -31.03
C PRO B 63 -35.52 -28.27 -32.07
N ALA B 64 -36.35 -27.78 -32.95
CA ALA B 64 -35.80 -26.90 -33.96
C ALA B 64 -35.39 -25.60 -33.30
N TYR B 65 -36.19 -25.15 -32.34
CA TYR B 65 -35.95 -23.89 -31.63
C TYR B 65 -34.88 -24.01 -30.58
N GLN B 66 -34.80 -25.16 -29.93
CA GLN B 66 -33.78 -25.37 -28.92
C GLN B 66 -32.42 -25.59 -29.57
N ALA B 67 -32.35 -26.22 -30.74
CA ALA B 67 -31.07 -26.27 -31.46
C ALA B 67 -30.68 -24.91 -31.98
N THR B 68 -31.65 -24.07 -32.26
CA THR B 68 -31.31 -22.81 -32.82
C THR B 68 -30.79 -21.95 -31.69
N LEU B 69 -31.51 -21.92 -30.60
CA LEU B 69 -31.08 -21.18 -29.44
C LEU B 69 -29.72 -21.69 -28.94
N LEU B 70 -29.50 -23.00 -29.00
CA LEU B 70 -28.27 -23.61 -28.54
C LEU B 70 -27.12 -23.09 -29.34
N ALA B 71 -27.27 -22.99 -30.63
CA ALA B 71 -26.17 -22.52 -31.44
C ALA B 71 -25.86 -21.07 -31.18
N LEU B 72 -26.87 -20.28 -30.84
CA LEU B 72 -26.67 -18.85 -30.57
C LEU B 72 -26.03 -18.67 -29.22
N ARG B 73 -26.53 -19.39 -28.22
CA ARG B 73 -26.01 -19.33 -26.91
C ARG B 73 -24.57 -19.85 -26.88
N SER B 74 -24.29 -20.83 -27.71
CA SER B 74 -22.94 -21.36 -27.76
C SER B 74 -21.94 -20.32 -28.21
N VAL B 75 -22.32 -19.44 -29.13
CA VAL B 75 -21.39 -18.44 -29.66
C VAL B 75 -21.13 -17.40 -28.61
N LEU B 76 -22.19 -17.04 -27.92
CA LEU B 76 -22.18 -16.09 -26.86
C LEU B 76 -21.21 -16.64 -25.83
N GLY B 77 -21.36 -17.93 -25.54
CA GLY B 77 -20.54 -18.58 -24.53
C GLY B 77 -19.09 -18.75 -24.94
N LEU B 78 -18.84 -18.94 -26.24
CA LEU B 78 -17.50 -19.07 -26.75
C LEU B 78 -16.82 -17.74 -26.55
N TRP B 79 -17.53 -16.65 -26.93
CA TRP B 79 -16.91 -15.37 -26.78
C TRP B 79 -16.60 -15.05 -25.31
N ASN B 80 -17.52 -15.33 -24.39
CA ASN B 80 -17.30 -15.00 -23.00
C ASN B 80 -16.14 -15.81 -22.43
N SER B 81 -15.99 -17.04 -22.91
CA SER B 81 -15.04 -17.98 -22.38
C SER B 81 -13.64 -17.64 -22.81
N MET B 82 -13.46 -17.28 -24.08
CA MET B 82 -12.12 -17.09 -24.63
C MET B 82 -11.91 -15.79 -25.42
N GLY B 83 -12.87 -14.89 -25.34
CA GLY B 83 -12.85 -13.67 -26.18
C GLY B 83 -11.88 -12.65 -25.66
N TYR B 84 -11.82 -12.53 -24.34
CA TYR B 84 -10.96 -11.54 -23.67
C TYR B 84 -9.52 -11.71 -24.02
N ALA B 85 -9.15 -12.91 -24.47
CA ALA B 85 -7.75 -13.30 -24.77
C ALA B 85 -7.27 -13.04 -26.21
N VAL B 86 -8.16 -12.54 -27.04
CA VAL B 86 -7.85 -12.29 -28.44
C VAL B 86 -7.13 -10.93 -28.58
N ILE B 87 -6.13 -10.87 -29.48
CA ILE B 87 -5.37 -9.65 -29.70
C ILE B 87 -6.03 -8.79 -30.76
N CYS B 88 -6.51 -7.62 -30.37
CA CYS B 88 -7.12 -6.61 -31.27
C CYS B 88 -6.33 -5.32 -31.30
N GLY B 89 -6.41 -4.56 -32.37
CA GLY B 89 -5.73 -3.26 -32.43
C GLY B 89 -4.42 -3.22 -33.21
N GLY B 90 -4.15 -4.25 -34.00
CA GLY B 90 -3.03 -4.23 -34.91
C GLY B 90 -3.16 -3.13 -35.95
N TYR B 91 -2.04 -2.80 -36.58
CA TYR B 91 -1.99 -1.70 -37.50
C TYR B 91 -2.41 -2.19 -38.89
N THR B 92 -3.46 -1.58 -39.42
CA THR B 92 -3.76 -1.61 -40.83
C THR B 92 -2.97 -0.44 -41.41
N LYS B 93 -2.92 0.59 -40.56
CA LYS B 93 -2.34 1.93 -40.80
C LYS B 93 -0.97 1.94 -41.54
N SER B 94 -0.20 0.87 -41.38
CA SER B 94 1.18 0.73 -41.89
C SER B 94 2.36 1.27 -41.02
N PRO B 95 2.10 1.86 -39.84
CA PRO B 95 3.24 2.29 -39.01
C PRO B 95 3.69 1.35 -37.86
N GLY B 96 3.20 1.48 -36.62
CA GLY B 96 1.82 1.90 -36.26
C GLY B 96 1.46 3.26 -35.68
N GLU B 97 0.24 3.71 -36.02
CA GLU B 97 -0.36 4.98 -35.54
C GLU B 97 -1.41 4.66 -34.47
N ASN B 98 -2.38 5.53 -34.25
CA ASN B 98 -3.20 5.45 -33.05
C ASN B 98 -4.47 4.60 -33.22
N ASN B 99 -4.54 3.46 -32.52
CA ASN B 99 -5.75 2.65 -32.46
C ASN B 99 -6.34 2.52 -31.06
N GLN B 100 -5.84 3.30 -30.11
CA GLN B 100 -6.38 3.33 -28.73
C GLN B 100 -7.90 3.40 -28.69
N LYS B 101 -8.53 2.23 -28.64
CA LYS B 101 -9.97 2.10 -28.53
C LYS B 101 -10.38 1.04 -27.52
N ASP B 102 -11.31 1.44 -26.66
CA ASP B 102 -11.86 0.61 -25.61
C ASP B 102 -13.33 0.26 -25.95
N PHE B 103 -13.71 -0.98 -25.72
CA PHE B 103 -15.00 -1.48 -25.98
C PHE B 103 -15.67 -1.87 -24.69
N HIS B 104 -16.84 -1.31 -24.43
CA HIS B 104 -17.48 -1.48 -23.14
C HIS B 104 -18.48 -2.60 -23.21
N TYR B 105 -18.15 -3.75 -22.65
CA TYR B 105 -19.09 -4.83 -22.62
C TYR B 105 -20.03 -4.65 -21.46
N THR B 106 -20.97 -3.72 -21.60
CA THR B 106 -21.88 -3.37 -20.51
C THR B 106 -23.34 -3.54 -20.84
N ASP B 107 -24.18 -3.26 -19.86
CA ASP B 107 -25.60 -3.19 -20.08
C ASP B 107 -25.97 -1.72 -20.32
N GLU B 108 -27.27 -1.47 -20.53
CA GLU B 108 -27.84 -0.11 -20.68
C GLU B 108 -27.37 0.94 -19.66
N ASN B 109 -27.02 0.51 -18.46
CA ASN B 109 -26.66 1.42 -17.36
C ASN B 109 -25.16 1.54 -17.03
N GLY B 110 -24.34 0.82 -17.80
CA GLY B 110 -22.90 0.87 -17.65
C GLY B 110 -22.30 -0.22 -16.79
N ASN B 111 -23.12 -1.11 -16.27
CA ASN B 111 -22.65 -2.24 -15.50
C ASN B 111 -22.03 -3.25 -16.45
N GLY B 112 -20.76 -3.54 -16.20
CA GLY B 112 -19.98 -4.51 -16.96
C GLY B 112 -18.51 -4.16 -16.96
N THR B 113 -17.74 -4.80 -17.84
CA THR B 113 -16.30 -4.57 -17.93
C THR B 113 -15.96 -4.03 -19.29
N THR B 114 -14.71 -3.63 -19.49
CA THR B 114 -14.24 -3.00 -20.69
C THR B 114 -13.00 -3.72 -21.22
N ILE B 115 -12.83 -3.79 -22.54
CA ILE B 115 -11.65 -4.41 -23.11
C ILE B 115 -10.89 -3.33 -23.81
N ASN B 116 -9.55 -3.30 -23.62
CA ASN B 116 -8.69 -2.36 -24.32
C ASN B 116 -8.18 -3.00 -25.60
N CYS B 117 -8.20 -2.24 -26.70
CA CYS B 117 -7.53 -2.62 -27.96
C CYS B 117 -6.60 -1.50 -28.37
N GLY B 118 -5.58 -1.88 -29.12
CA GLY B 118 -4.59 -0.94 -29.63
C GLY B 118 -3.67 -0.37 -28.59
N GLY B 119 -3.52 -1.09 -27.48
CA GLY B 119 -2.72 -0.60 -26.34
C GLY B 119 -1.23 -0.58 -26.62
N THR B 134 3.51 -2.15 -31.69
CA THR B 134 2.45 -3.12 -31.88
C THR B 134 2.65 -3.86 -33.23
N LEU B 135 1.66 -4.68 -33.61
CA LEU B 135 1.79 -5.74 -34.62
C LEU B 135 0.89 -5.44 -35.80
N LYS B 136 1.21 -5.97 -36.98
CA LYS B 136 0.37 -5.79 -38.17
C LYS B 136 -0.92 -6.60 -37.97
N ALA B 137 -2.07 -5.91 -37.96
CA ALA B 137 -3.36 -6.58 -38.01
C ALA B 137 -3.44 -7.17 -39.38
N ASP B 138 -3.33 -8.48 -39.45
CA ASP B 138 -3.73 -9.24 -40.62
C ASP B 138 -3.84 -10.70 -40.21
N LYS B 139 -4.10 -11.55 -41.19
CA LYS B 139 -4.45 -12.95 -40.92
C LYS B 139 -3.36 -13.62 -40.10
N ASN B 140 -3.81 -14.30 -39.05
CA ASN B 140 -2.98 -15.11 -38.19
C ASN B 140 -2.17 -14.40 -37.11
N VAL B 141 -2.27 -13.07 -37.03
CA VAL B 141 -1.50 -12.32 -36.03
C VAL B 141 -2.42 -11.60 -35.06
N SER B 142 -3.20 -10.68 -35.60
CA SER B 142 -4.07 -9.80 -34.83
C SER B 142 -5.30 -9.34 -35.63
N LEU B 143 -6.34 -8.92 -34.90
CA LEU B 143 -7.55 -8.31 -35.45
C LEU B 143 -7.44 -6.78 -35.54
N SER B 144 -7.94 -6.18 -36.62
CA SER B 144 -8.05 -4.71 -36.72
C SER B 144 -9.13 -4.14 -35.79
N ILE B 145 -9.15 -2.84 -35.54
CA ILE B 145 -10.26 -2.24 -34.82
C ILE B 145 -11.54 -2.47 -35.60
N GLU B 146 -11.46 -2.46 -36.93
CA GLU B 146 -12.64 -2.58 -37.79
C GLU B 146 -13.28 -3.93 -37.56
N GLN B 147 -12.48 -4.96 -37.43
CA GLN B 147 -13.03 -6.27 -37.12
C GLN B 147 -13.51 -6.35 -35.67
N TYR B 148 -12.73 -5.84 -34.73
CA TYR B 148 -13.17 -5.93 -33.36
C TYR B 148 -14.47 -5.14 -33.18
N GLU B 149 -14.65 -4.00 -33.84
CA GLU B 149 -15.93 -3.26 -33.56
C GLU B 149 -17.13 -4.03 -34.02
N LYS B 150 -16.97 -4.84 -35.06
CA LYS B 150 -18.05 -5.72 -35.53
C LYS B 150 -18.33 -6.90 -34.64
N ILE B 151 -17.31 -7.40 -33.97
CA ILE B 151 -17.52 -8.49 -33.03
C ILE B 151 -18.26 -7.95 -31.83
N HIS B 152 -17.88 -6.76 -31.40
CA HIS B 152 -18.42 -6.19 -30.18
C HIS B 152 -19.90 -5.88 -30.40
N GLU B 153 -20.22 -5.31 -31.56
CA GLU B 153 -21.59 -4.99 -31.91
C GLU B 153 -22.45 -6.24 -32.01
N ALA B 154 -21.94 -7.22 -32.74
CA ALA B 154 -22.66 -8.47 -32.90
C ALA B 154 -22.95 -9.00 -31.54
N TYR B 155 -21.90 -9.12 -30.74
CA TYR B 155 -21.99 -9.72 -29.46
C TYR B 155 -23.05 -9.01 -28.63
N GLN B 156 -23.11 -7.68 -28.68
CA GLN B 156 -24.04 -6.92 -27.79
C GLN B 156 -25.48 -7.04 -28.19
N ILE B 157 -25.75 -7.16 -29.50
CA ILE B 157 -27.07 -7.56 -30.00
C ILE B 157 -27.40 -8.96 -29.55
N LEU B 158 -26.52 -9.90 -29.83
CA LEU B 158 -26.76 -11.23 -29.28
C LEU B 158 -27.12 -11.18 -27.81
N SER B 159 -26.25 -10.64 -26.98
CA SER B 159 -26.45 -10.71 -25.57
C SER B 159 -27.78 -10.08 -25.13
N LYS B 160 -28.08 -8.88 -25.62
CA LYS B 160 -29.32 -8.25 -25.22
C LYS B 160 -30.56 -9.01 -25.71
N ALA B 161 -30.54 -9.49 -26.95
CA ALA B 161 -31.70 -10.21 -27.49
C ALA B 161 -31.90 -11.44 -26.65
N LEU B 162 -30.83 -12.24 -26.55
CA LEU B 162 -30.90 -13.52 -25.85
C LEU B 162 -31.22 -13.40 -24.36
N LYS B 163 -30.88 -12.27 -23.72
CA LYS B 163 -31.05 -12.15 -22.26
C LYS B 163 -32.30 -11.42 -21.80
N GLN B 164 -32.87 -10.52 -22.59
CA GLN B 164 -34.12 -9.83 -22.25
C GLN B 164 -35.26 -10.35 -23.09
N ALA B 165 -35.21 -10.17 -24.42
CA ALA B 165 -36.35 -10.59 -25.24
C ALA B 165 -36.53 -12.09 -25.40
N GLY B 166 -35.48 -12.89 -25.21
CA GLY B 166 -35.50 -14.28 -25.67
C GLY B 166 -35.40 -14.37 -27.19
N LEU B 167 -35.14 -15.56 -27.71
CA LEU B 167 -35.21 -15.77 -29.16
C LEU B 167 -36.68 -16.05 -29.47
N ALA B 168 -37.21 -15.41 -30.49
CA ALA B 168 -38.63 -15.62 -30.84
C ALA B 168 -38.84 -16.91 -31.58
N PRO B 169 -40.07 -17.45 -31.48
CA PRO B 169 -40.44 -18.70 -32.17
C PRO B 169 -40.05 -18.65 -33.64
N LEU B 170 -39.55 -19.75 -34.17
CA LEU B 170 -39.01 -19.77 -35.53
C LEU B 170 -40.01 -19.44 -36.66
N ASN B 171 -41.28 -19.22 -36.33
CA ASN B 171 -42.28 -18.79 -37.29
C ASN B 171 -42.95 -17.45 -36.89
N SER B 172 -42.18 -16.48 -36.42
CA SER B 172 -42.69 -15.23 -35.87
C SER B 172 -41.82 -14.19 -36.52
N LYS B 173 -42.32 -12.96 -36.66
CA LYS B 173 -41.49 -11.85 -37.16
C LYS B 173 -40.47 -11.40 -36.10
N GLY B 174 -40.89 -11.51 -34.84
CA GLY B 174 -40.02 -11.21 -33.70
C GLY B 174 -40.36 -9.86 -33.15
N GLU B 175 -40.15 -9.67 -31.87
CA GLU B 175 -40.26 -8.37 -31.26
C GLU B 175 -39.14 -7.44 -31.71
N LYS B 176 -39.34 -6.14 -31.51
CA LYS B 176 -38.26 -5.18 -31.65
C LYS B 176 -37.56 -5.06 -30.32
N LEU B 177 -36.22 -4.99 -30.36
CA LEU B 177 -35.39 -4.72 -29.20
C LEU B 177 -34.46 -3.58 -29.52
N GLU B 178 -34.03 -2.86 -28.48
CA GLU B 178 -32.96 -1.83 -28.59
C GLU B 178 -31.66 -2.37 -27.98
N ALA B 179 -30.56 -2.40 -28.74
CA ALA B 179 -29.25 -2.79 -28.18
C ALA B 179 -28.26 -1.62 -28.07
N HIS B 180 -27.63 -1.43 -26.92
CA HIS B 180 -26.72 -0.29 -26.73
C HIS B 180 -25.31 -0.72 -26.98
N VAL B 181 -24.51 0.11 -27.59
CA VAL B 181 -23.14 -0.31 -27.93
C VAL B 181 -22.24 0.90 -27.77
N THR B 182 -21.38 0.81 -26.77
CA THR B 182 -20.63 1.97 -26.29
C THR B 182 -19.16 1.71 -26.32
N THR B 183 -18.44 2.72 -26.72
CA THR B 183 -17.02 2.62 -26.80
C THR B 183 -16.34 3.93 -26.45
N SER B 184 -15.04 3.85 -26.19
CA SER B 184 -14.23 5.01 -25.89
C SER B 184 -12.96 5.02 -26.78
N LYS B 185 -12.68 6.14 -27.43
CA LYS B 185 -11.50 6.26 -28.25
C LYS B 185 -10.70 7.50 -27.85
N TYR B 186 -9.37 7.39 -27.87
CA TYR B 186 -8.43 8.39 -27.33
C TYR B 186 -7.60 8.75 -28.53
N GLN B 187 -7.80 9.94 -29.10
CA GLN B 187 -7.30 10.18 -30.47
C GLN B 187 -6.13 11.15 -30.50
N GLN B 188 -6.38 12.45 -30.40
CA GLN B 188 -5.28 13.40 -30.25
C GLN B 188 -4.93 13.16 -28.81
N ASP B 189 -4.11 14.02 -28.25
CA ASP B 189 -3.97 14.02 -26.82
C ASP B 189 -4.87 15.09 -26.27
N ASN B 190 -5.32 14.81 -25.05
CA ASN B 190 -6.47 15.46 -24.46
C ASN B 190 -7.69 15.48 -25.38
N GLN B 191 -7.98 14.34 -26.01
CA GLN B 191 -9.22 14.22 -26.81
C GLN B 191 -9.87 12.88 -26.65
N THR B 192 -11.08 12.90 -26.10
CA THR B 192 -11.81 11.67 -25.86
C THR B 192 -13.12 11.67 -26.68
N LYS B 193 -13.23 10.69 -27.56
CA LYS B 193 -14.48 10.36 -28.24
C LYS B 193 -15.16 9.19 -27.52
N THR B 194 -16.31 9.50 -26.94
CA THR B 194 -17.20 8.51 -26.33
C THR B 194 -18.43 8.27 -27.18
N THR B 195 -18.55 7.06 -27.71
CA THR B 195 -19.59 6.77 -28.70
C THR B 195 -20.66 5.81 -28.12
N THR B 196 -21.93 6.22 -28.16
CA THR B 196 -23.04 5.26 -27.93
C THR B 196 -23.87 5.04 -29.22
N SER B 197 -23.85 3.82 -29.73
CA SER B 197 -24.76 3.41 -30.80
C SER B 197 -25.99 2.79 -30.14
N VAL B 198 -27.17 3.29 -30.44
CA VAL B 198 -28.40 2.54 -30.13
C VAL B 198 -28.78 1.81 -31.38
N ILE B 199 -28.99 0.50 -31.28
CA ILE B 199 -29.37 -0.31 -32.46
C ILE B 199 -30.78 -0.89 -32.33
N ASP B 200 -31.71 -0.45 -33.22
CA ASP B 200 -33.13 -0.94 -33.23
C ASP B 200 -33.11 -2.14 -34.11
N THR B 201 -33.34 -3.31 -33.54
CA THR B 201 -33.20 -4.54 -34.28
C THR B 201 -34.30 -5.51 -33.82
N THR B 202 -34.15 -6.81 -34.07
CA THR B 202 -35.18 -7.82 -33.71
C THR B 202 -34.58 -9.12 -33.24
N ASN B 203 -35.35 -9.90 -32.50
CA ASN B 203 -34.90 -11.24 -32.09
C ASN B 203 -35.26 -12.34 -33.05
N ASP B 204 -35.64 -12.04 -34.27
CA ASP B 204 -35.89 -13.14 -35.20
C ASP B 204 -34.57 -13.96 -35.30
N ALA B 205 -34.68 -15.27 -35.43
CA ALA B 205 -33.54 -16.17 -35.58
C ALA B 205 -32.61 -15.79 -36.71
N GLN B 206 -33.14 -15.36 -37.84
CA GLN B 206 -32.28 -15.03 -38.97
C GLN B 206 -31.29 -13.93 -38.56
N ASN B 207 -31.80 -12.91 -37.87
CA ASN B 207 -30.96 -11.78 -37.47
C ASN B 207 -29.88 -12.14 -36.44
N LEU B 208 -30.25 -12.96 -35.47
CA LEU B 208 -29.35 -13.35 -34.44
C LEU B 208 -28.29 -14.28 -35.02
N LEU B 209 -28.63 -15.13 -35.97
CA LEU B 209 -27.64 -16.05 -36.53
C LEU B 209 -26.67 -15.27 -37.33
N THR B 210 -27.11 -14.15 -37.87
CA THR B 210 -26.18 -13.29 -38.58
C THR B 210 -25.11 -12.62 -37.66
N GLN B 211 -25.54 -12.16 -36.50
CA GLN B 211 -24.65 -11.63 -35.55
C GLN B 211 -23.63 -12.72 -35.10
N ALA B 212 -24.16 -13.88 -34.74
CA ALA B 212 -23.34 -14.99 -34.33
C ALA B 212 -22.37 -15.42 -35.42
N GLN B 213 -22.79 -15.37 -36.65
CA GLN B 213 -21.91 -15.76 -37.73
C GLN B 213 -20.75 -14.80 -37.87
N THR B 214 -20.99 -13.53 -37.59
CA THR B 214 -19.95 -12.51 -37.68
C THR B 214 -18.82 -12.82 -36.69
N ILE B 215 -19.21 -13.18 -35.48
CA ILE B 215 -18.26 -13.47 -34.46
C ILE B 215 -17.47 -14.72 -34.80
N VAL B 216 -18.15 -15.81 -35.10
CA VAL B 216 -17.46 -17.06 -35.34
C VAL B 216 -16.53 -16.90 -36.54
N ASN B 217 -17.03 -16.30 -37.62
CA ASN B 217 -16.26 -16.13 -38.87
C ASN B 217 -15.02 -15.28 -38.74
N THR B 218 -15.12 -14.16 -38.02
CA THR B 218 -13.94 -13.38 -37.72
C THR B 218 -12.85 -14.24 -37.04
N LEU B 219 -13.19 -15.03 -36.03
CA LEU B 219 -12.22 -15.87 -35.34
C LEU B 219 -11.72 -17.00 -36.18
N LYS B 220 -12.62 -17.58 -36.95
CA LYS B 220 -12.24 -18.74 -37.72
C LYS B 220 -11.35 -18.34 -38.89
N ASP B 221 -11.69 -17.23 -39.56
CA ASP B 221 -10.96 -16.82 -40.76
C ASP B 221 -9.66 -16.06 -40.52
N TYR B 222 -9.55 -15.35 -39.41
CA TYR B 222 -8.40 -14.50 -39.16
C TYR B 222 -7.59 -14.93 -37.96
N CYS B 223 -8.06 -15.93 -37.23
CA CYS B 223 -7.27 -16.64 -36.21
C CYS B 223 -6.28 -15.82 -35.43
N PRO B 224 -6.74 -14.86 -34.61
CA PRO B 224 -5.84 -13.95 -33.99
C PRO B 224 -5.11 -14.64 -32.88
N ILE B 225 -3.95 -14.08 -32.52
CA ILE B 225 -3.10 -14.62 -31.48
C ILE B 225 -3.73 -14.45 -30.12
N LEU B 226 -3.51 -15.44 -29.27
CA LEU B 226 -3.97 -15.38 -27.89
C LEU B 226 -2.94 -14.69 -26.99
N ILE B 227 -3.45 -13.87 -26.09
CA ILE B 227 -2.66 -13.23 -25.08
C ILE B 227 -2.09 -14.29 -24.13
N ALA B 228 -0.82 -14.13 -23.74
CA ALA B 228 -0.18 -15.02 -22.77
C ALA B 228 -0.39 -14.50 -21.36
N LYS B 229 -0.24 -15.36 -20.37
CA LYS B 229 -0.32 -14.94 -18.98
C LYS B 229 0.21 -16.03 -18.07
N ASN B 241 -5.59 -17.81 -11.32
CA ASN B 241 -6.01 -18.96 -12.14
C ASN B 241 -6.10 -18.67 -13.67
N THR B 242 -5.26 -19.33 -14.45
CA THR B 242 -5.16 -19.11 -15.90
C THR B 242 -5.62 -20.32 -16.65
N PRO B 243 -6.83 -20.26 -17.23
CA PRO B 243 -7.31 -21.36 -18.00
C PRO B 243 -6.23 -22.16 -18.72
N SER B 244 -6.26 -23.45 -18.53
CA SER B 244 -5.47 -24.37 -19.32
C SER B 244 -5.12 -23.92 -20.75
N TRP B 245 -6.13 -23.48 -21.49
CA TRP B 245 -5.93 -23.22 -22.94
C TRP B 245 -5.02 -22.02 -23.15
N GLN B 246 -5.05 -21.07 -22.23
CA GLN B 246 -4.21 -19.88 -22.37
C GLN B 246 -2.73 -20.21 -22.11
N THR B 247 -2.49 -21.17 -21.22
CA THR B 247 -1.12 -21.53 -20.90
C THR B 247 -0.51 -22.34 -22.04
N ALA B 248 -1.20 -23.36 -22.52
CA ALA B 248 -0.78 -24.10 -23.72
C ALA B 248 -1.38 -23.40 -24.92
N GLY B 249 -1.06 -22.12 -25.04
CA GLY B 249 -1.98 -21.19 -25.67
C GLY B 249 -1.54 -20.42 -26.88
N GLY B 250 -1.13 -19.18 -26.69
CA GLY B 250 -0.55 -18.68 -25.45
C GLY B 250 0.34 -17.57 -25.98
N GLY B 251 1.08 -17.87 -27.05
CA GLY B 251 1.52 -16.85 -28.03
C GLY B 251 1.34 -17.30 -29.48
N LYS B 252 0.67 -18.43 -29.68
CA LYS B 252 0.35 -18.93 -31.02
C LYS B 252 -1.05 -18.43 -31.34
N ASN B 253 -1.36 -18.50 -32.64
CA ASN B 253 -2.67 -18.12 -33.15
C ASN B 253 -3.76 -18.94 -32.46
N SER B 254 -4.87 -18.30 -32.08
CA SER B 254 -6.10 -19.02 -31.68
C SER B 254 -6.28 -19.82 -32.90
N CYS B 255 -6.99 -20.93 -32.88
CA CYS B 255 -7.09 -21.72 -34.16
C CYS B 255 -6.11 -22.86 -34.21
N ALA B 256 -5.10 -22.82 -33.37
CA ALA B 256 -4.24 -23.95 -33.18
C ALA B 256 -4.71 -24.56 -31.91
N THR B 257 -4.94 -23.73 -30.90
CA THR B 257 -5.71 -24.10 -29.73
C THR B 257 -7.18 -24.50 -30.11
N PHE B 258 -7.88 -23.61 -30.79
CA PHE B 258 -9.35 -23.72 -30.89
C PHE B 258 -9.94 -24.19 -32.25
N GLY B 259 -9.09 -24.67 -33.15
CA GLY B 259 -9.53 -24.99 -34.52
C GLY B 259 -10.79 -25.82 -34.55
N ALA B 260 -10.85 -26.81 -33.65
CA ALA B 260 -12.02 -27.68 -33.54
C ALA B 260 -13.23 -26.96 -32.93
N GLU B 261 -12.99 -26.15 -31.89
CA GLU B 261 -14.04 -25.38 -31.24
C GLU B 261 -14.68 -24.34 -32.19
N PHE B 262 -13.86 -23.78 -33.08
CA PHE B 262 -14.33 -22.83 -34.08
C PHE B 262 -15.14 -23.52 -35.17
N SER B 263 -14.65 -24.65 -35.69
CA SER B 263 -15.39 -25.45 -36.68
C SER B 263 -16.71 -25.92 -36.17
N ALA B 264 -16.76 -26.22 -34.89
CA ALA B 264 -17.93 -26.76 -34.29
C ALA B 264 -18.99 -25.68 -34.17
N ALA B 265 -18.56 -24.45 -33.90
CA ALA B 265 -19.54 -23.40 -33.66
C ALA B 265 -20.01 -22.80 -34.97
N SER B 266 -19.17 -22.80 -35.99
CA SER B 266 -19.56 -22.38 -37.33
C SER B 266 -20.64 -23.32 -37.91
N ASP B 267 -20.43 -24.62 -37.72
CA ASP B 267 -21.34 -25.66 -38.20
C ASP B 267 -22.66 -25.65 -37.46
N MET B 268 -22.62 -25.50 -36.14
CA MET B 268 -23.87 -25.24 -35.40
C MET B 268 -24.65 -24.07 -36.06
N ILE B 269 -24.01 -22.95 -36.33
CA ILE B 269 -24.65 -21.82 -36.95
C ILE B 269 -25.21 -22.21 -38.28
N ASN B 270 -24.39 -22.77 -39.16
CA ASN B 270 -24.85 -23.14 -40.48
C ASN B 270 -26.08 -24.05 -40.45
N ASN B 271 -26.04 -25.07 -39.61
CA ASN B 271 -27.13 -26.00 -39.50
C ASN B 271 -28.35 -25.40 -38.83
N ALA B 272 -28.15 -24.33 -38.07
CA ALA B 272 -29.27 -23.64 -37.46
C ALA B 272 -29.97 -22.79 -38.53
N GLN B 273 -29.20 -22.10 -39.38
CA GLN B 273 -29.78 -21.37 -40.52
C GLN B 273 -30.69 -22.31 -41.36
N LYS B 274 -30.25 -23.57 -41.52
CA LYS B 274 -31.03 -24.54 -42.27
C LYS B 274 -32.29 -24.93 -41.54
N ILE B 275 -32.18 -25.29 -40.28
CA ILE B 275 -33.37 -25.59 -39.48
C ILE B 275 -34.40 -24.49 -39.63
N VAL B 276 -33.95 -23.25 -39.73
CA VAL B 276 -34.86 -22.10 -39.80
C VAL B 276 -35.54 -21.99 -41.16
N GLN B 277 -34.81 -22.26 -42.25
CA GLN B 277 -35.39 -22.33 -43.60
C GLN B 277 -36.35 -23.48 -43.72
N GLU B 278 -35.84 -24.70 -43.56
CA GLU B 278 -36.70 -25.85 -43.48
C GLU B 278 -37.95 -25.62 -42.64
N THR B 279 -37.82 -24.98 -41.50
CA THR B 279 -38.96 -24.82 -40.63
C THR B 279 -40.02 -23.89 -41.22
N GLN B 280 -39.61 -22.86 -41.93
CA GLN B 280 -40.60 -21.88 -42.41
C GLN B 280 -41.25 -22.35 -43.69
N GLN B 281 -40.50 -23.13 -44.43
CA GLN B 281 -41.00 -23.77 -45.62
C GLN B 281 -41.94 -24.96 -45.22
N LEU B 282 -41.62 -25.64 -44.13
CA LEU B 282 -42.57 -26.56 -43.51
C LEU B 282 -43.90 -25.90 -43.15
N SER B 283 -43.85 -24.72 -42.52
CA SER B 283 -45.09 -23.96 -42.15
C SER B 283 -46.03 -23.74 -43.35
N ALA B 284 -45.43 -23.69 -44.54
CA ALA B 284 -46.12 -23.43 -45.78
C ALA B 284 -46.41 -24.72 -46.55
N ASN B 285 -46.55 -25.84 -45.84
CA ASN B 285 -46.94 -27.08 -46.49
C ASN B 285 -47.84 -27.94 -45.60
N GLN B 286 -49.04 -27.44 -45.33
CA GLN B 286 -49.97 -28.08 -44.41
C GLN B 286 -50.96 -28.94 -45.17
N PRO B 287 -51.01 -30.26 -44.89
CA PRO B 287 -52.07 -31.06 -45.46
C PRO B 287 -53.39 -30.68 -44.80
N LYS B 288 -54.49 -30.68 -45.54
CA LYS B 288 -55.77 -30.29 -44.99
C LYS B 288 -56.49 -31.54 -44.59
N ASN B 289 -57.28 -31.46 -43.54
CA ASN B 289 -58.16 -32.58 -43.19
C ASN B 289 -59.14 -32.91 -44.29
N ILE B 290 -59.49 -34.18 -44.41
CA ILE B 290 -60.52 -34.56 -45.33
C ILE B 290 -61.87 -34.16 -44.76
N THR B 291 -62.60 -33.32 -45.47
CA THR B 291 -63.98 -32.97 -45.09
C THR B 291 -64.96 -33.67 -46.01
N GLN B 292 -66.11 -34.12 -45.50
CA GLN B 292 -67.23 -34.67 -46.34
C GLN B 292 -66.84 -35.94 -47.10
N PRO B 293 -66.32 -36.94 -46.40
CA PRO B 293 -65.75 -38.12 -47.07
C PRO B 293 -66.77 -38.97 -47.84
N HIS B 294 -68.03 -38.63 -47.72
CA HIS B 294 -69.06 -39.25 -48.53
C HIS B 294 -68.92 -38.72 -49.95
N ASN B 295 -68.55 -37.44 -50.03
CA ASN B 295 -68.46 -36.70 -51.29
C ASN B 295 -67.20 -37.00 -52.11
N LEU B 296 -67.36 -37.85 -53.12
CA LEU B 296 -66.27 -38.35 -53.90
C LEU B 296 -65.97 -37.48 -55.06
N ASN B 297 -66.54 -36.29 -55.13
CA ASN B 297 -66.17 -35.28 -56.13
C ASN B 297 -65.11 -34.32 -55.57
N LEU B 298 -65.35 -33.87 -54.34
CA LEU B 298 -64.39 -33.14 -53.53
C LEU B 298 -63.17 -33.98 -53.21
N ASN B 299 -63.44 -35.22 -52.79
CA ASN B 299 -62.44 -36.19 -52.45
C ASN B 299 -62.19 -37.12 -53.61
N SER B 300 -61.85 -36.53 -54.74
CA SER B 300 -61.57 -37.31 -55.97
C SER B 300 -60.22 -38.04 -55.88
N PRO B 301 -59.92 -38.88 -56.86
CA PRO B 301 -58.63 -39.52 -56.92
C PRO B 301 -57.50 -38.54 -56.93
N SER B 302 -57.73 -37.48 -57.67
CA SER B 302 -56.72 -36.47 -57.92
C SER B 302 -56.43 -35.59 -56.66
N SER B 303 -57.49 -35.30 -55.92
CA SER B 303 -57.46 -34.57 -54.67
C SER B 303 -56.78 -35.36 -53.54
N LEU B 304 -57.05 -36.66 -53.48
CA LEU B 304 -56.39 -37.52 -52.51
C LEU B 304 -54.94 -37.79 -52.84
N THR B 305 -54.60 -37.83 -54.11
CA THR B 305 -53.26 -38.11 -54.46
C THR B 305 -52.47 -36.89 -53.96
N ALA B 306 -53.03 -35.70 -54.15
CA ALA B 306 -52.29 -34.47 -53.87
C ALA B 306 -52.10 -34.24 -52.39
N LEU B 307 -53.08 -34.72 -51.62
CA LEU B 307 -53.02 -34.65 -50.18
C LEU B 307 -51.96 -35.61 -49.65
N ALA B 308 -51.73 -36.74 -50.30
CA ALA B 308 -50.79 -37.74 -49.81
C ALA B 308 -49.45 -37.21 -50.06
N GLN B 309 -49.32 -36.46 -51.13
CA GLN B 309 -48.02 -35.92 -51.49
C GLN B 309 -47.58 -34.79 -50.59
N LYS B 310 -48.54 -34.01 -50.09
CA LYS B 310 -48.29 -32.99 -49.11
C LYS B 310 -48.01 -33.68 -47.77
N MET B 311 -48.66 -34.80 -47.54
CA MET B 311 -48.42 -35.55 -46.33
C MET B 311 -46.99 -36.08 -46.34
N LEU B 312 -46.52 -36.57 -47.47
CA LEU B 312 -45.15 -37.04 -47.55
C LEU B 312 -44.17 -35.89 -47.48
N LYS B 313 -44.46 -34.75 -48.12
CA LYS B 313 -43.47 -33.66 -48.10
C LYS B 313 -43.27 -33.12 -46.68
N ASN B 314 -44.39 -32.89 -46.02
CA ASN B 314 -44.43 -32.43 -44.65
C ASN B 314 -43.62 -33.34 -43.70
N ALA B 315 -43.66 -34.65 -43.89
CA ALA B 315 -43.00 -35.56 -42.98
C ALA B 315 -41.53 -35.61 -43.31
N GLN B 316 -41.18 -35.48 -44.58
CA GLN B 316 -39.78 -35.38 -44.95
C GLN B 316 -39.18 -34.12 -44.32
N SER B 317 -39.94 -33.03 -44.33
CA SER B 317 -39.45 -31.81 -43.73
C SER B 317 -39.13 -32.02 -42.27
N GLN B 318 -40.02 -32.71 -41.59
CA GLN B 318 -39.89 -32.86 -40.19
C GLN B 318 -38.72 -33.80 -39.89
N ALA B 319 -38.54 -34.84 -40.68
CA ALA B 319 -37.40 -35.71 -40.50
C ALA B 319 -36.08 -34.94 -40.61
N GLU B 320 -36.06 -33.92 -41.45
CA GLU B 320 -34.87 -33.26 -41.90
C GLU B 320 -34.49 -32.21 -40.90
N ILE B 321 -35.50 -31.51 -40.40
CA ILE B 321 -35.34 -30.65 -39.24
C ILE B 321 -34.78 -31.43 -38.04
N LEU B 322 -35.34 -32.61 -37.76
CA LEU B 322 -34.94 -33.37 -36.59
C LEU B 322 -33.56 -33.96 -36.72
N LYS B 323 -33.16 -34.23 -37.96
CA LYS B 323 -31.82 -34.71 -38.24
C LYS B 323 -30.76 -33.58 -38.04
N LEU B 324 -31.09 -32.39 -38.55
CA LEU B 324 -30.27 -31.20 -38.36
C LEU B 324 -30.15 -30.82 -36.89
N ALA B 325 -31.27 -30.79 -36.19
CA ALA B 325 -31.24 -30.43 -34.79
C ALA B 325 -30.35 -31.39 -33.99
N ASN B 326 -30.30 -32.65 -34.40
CA ASN B 326 -29.45 -33.63 -33.74
C ASN B 326 -27.98 -33.39 -34.01
N GLN B 327 -27.67 -32.89 -35.19
CA GLN B 327 -26.27 -32.72 -35.59
C GLN B 327 -25.74 -31.43 -34.96
N VAL B 328 -26.62 -30.46 -34.76
CA VAL B 328 -26.31 -29.33 -33.90
C VAL B 328 -25.94 -29.81 -32.50
N GLU B 329 -26.69 -30.76 -31.93
CA GLU B 329 -26.35 -31.27 -30.61
C GLU B 329 -24.98 -31.92 -30.65
N SER B 330 -24.79 -32.83 -31.58
CA SER B 330 -23.51 -33.52 -31.79
C SER B 330 -22.30 -32.57 -31.90
N ASP B 331 -22.53 -31.42 -32.51
CA ASP B 331 -21.48 -30.43 -32.63
C ASP B 331 -21.26 -29.64 -31.34
N PHE B 332 -22.31 -29.31 -30.60
CA PHE B 332 -22.14 -28.60 -29.34
C PHE B 332 -21.25 -29.43 -28.46
N ASN B 333 -21.57 -30.71 -28.37
CA ASN B 333 -20.78 -31.64 -27.62
C ASN B 333 -19.30 -31.55 -27.98
N LYS B 334 -19.02 -31.48 -29.27
CA LYS B 334 -17.67 -31.34 -29.80
C LYS B 334 -17.09 -30.03 -29.27
N LEU B 335 -17.86 -28.95 -29.40
CA LEU B 335 -17.47 -27.65 -28.84
C LEU B 335 -17.27 -27.58 -27.31
N SER B 336 -17.87 -28.47 -26.51
CA SER B 336 -17.90 -28.35 -25.03
C SER B 336 -17.15 -29.47 -24.31
N SER B 337 -16.37 -30.22 -25.07
CA SER B 337 -15.80 -31.46 -24.61
C SER B 337 -14.30 -31.43 -24.63
N GLY B 338 -13.72 -30.35 -25.16
CA GLY B 338 -12.27 -30.15 -25.28
C GLY B 338 -11.80 -29.03 -24.37
N HIS B 339 -11.05 -28.07 -24.89
CA HIS B 339 -10.48 -26.99 -24.07
C HIS B 339 -11.49 -26.25 -23.20
N LEU B 340 -12.74 -26.13 -23.68
CA LEU B 340 -13.71 -25.26 -23.04
C LEU B 340 -14.63 -26.02 -22.09
N LYS B 341 -14.42 -27.33 -21.98
CA LYS B 341 -15.26 -28.20 -21.16
C LYS B 341 -15.48 -27.64 -19.76
N ASP B 342 -14.44 -27.18 -19.09
CA ASP B 342 -14.57 -26.68 -17.73
C ASP B 342 -15.09 -25.26 -17.62
N TYR B 343 -15.46 -24.63 -18.72
CA TYR B 343 -15.77 -23.23 -18.67
C TYR B 343 -17.07 -22.87 -19.37
N ILE B 344 -17.18 -23.25 -20.63
CA ILE B 344 -18.35 -22.86 -21.45
C ILE B 344 -19.60 -23.39 -20.79
N GLY B 345 -20.62 -22.57 -20.70
CA GLY B 345 -21.70 -22.96 -19.77
C GLY B 345 -21.40 -23.34 -18.30
N LYS B 346 -20.53 -22.56 -17.66
CA LYS B 346 -20.46 -22.44 -16.20
C LYS B 346 -20.70 -20.96 -15.94
N CYS B 347 -21.24 -20.63 -14.76
CA CYS B 347 -21.39 -19.23 -14.40
C CYS B 347 -21.20 -18.98 -12.91
N ASP B 348 -20.48 -17.90 -12.61
CA ASP B 348 -20.20 -17.56 -11.24
C ASP B 348 -20.73 -16.16 -10.98
N GLN B 360 -23.80 -8.75 -9.89
CA GLN B 360 -24.85 -9.11 -10.84
C GLN B 360 -24.31 -9.05 -12.32
N ASN B 361 -24.46 -7.92 -13.00
CA ASN B 361 -23.77 -7.61 -14.26
C ASN B 361 -22.47 -6.90 -14.02
N GLN B 362 -22.39 -6.28 -12.83
CA GLN B 362 -21.18 -5.59 -12.34
C GLN B 362 -19.98 -6.53 -12.18
N LYS B 363 -20.28 -7.82 -12.04
CA LYS B 363 -19.27 -8.88 -11.97
C LYS B 363 -18.53 -9.14 -13.31
N ASN B 364 -17.24 -9.40 -13.19
CA ASN B 364 -16.38 -9.82 -14.30
C ASN B 364 -16.53 -11.31 -14.42
N ASN B 365 -17.11 -11.79 -15.50
CA ASN B 365 -17.27 -13.24 -15.68
C ASN B 365 -16.53 -13.79 -16.89
N TRP B 366 -15.59 -13.01 -17.41
CA TRP B 366 -14.78 -13.50 -18.52
C TRP B 366 -14.11 -14.83 -18.16
N GLY B 367 -13.92 -15.68 -19.17
CA GLY B 367 -13.36 -16.98 -18.96
C GLY B 367 -14.32 -18.15 -18.79
N ASN B 368 -15.46 -17.87 -18.18
CA ASN B 368 -16.51 -18.87 -18.17
C ASN B 368 -17.82 -18.43 -18.87
N GLY B 369 -18.52 -19.41 -19.43
CA GLY B 369 -19.39 -19.20 -20.57
C GLY B 369 -20.60 -18.34 -20.33
N CYS B 370 -21.17 -18.42 -19.12
CA CYS B 370 -22.33 -17.62 -18.65
C CYS B 370 -23.31 -17.34 -19.75
N ALA B 371 -23.68 -18.38 -20.51
CA ALA B 371 -24.45 -18.21 -21.73
C ALA B 371 -25.76 -18.96 -21.77
N GLY B 372 -25.94 -19.92 -20.86
CA GLY B 372 -27.16 -20.70 -20.79
C GLY B 372 -27.10 -22.07 -21.43
N VAL B 373 -25.94 -22.44 -21.98
CA VAL B 373 -25.86 -23.60 -22.85
C VAL B 373 -26.24 -24.91 -22.19
N GLU B 374 -26.12 -25.06 -20.90
CA GLU B 374 -26.51 -26.36 -20.36
C GLU B 374 -28.03 -26.51 -20.24
N GLU B 375 -28.70 -25.45 -19.79
CA GLU B 375 -30.13 -25.40 -19.64
C GLU B 375 -30.75 -25.71 -21.00
N THR B 376 -30.14 -25.14 -22.05
CA THR B 376 -30.70 -25.26 -23.39
C THR B 376 -30.42 -26.64 -23.96
N GLN B 377 -29.18 -27.13 -23.87
CA GLN B 377 -28.88 -28.48 -24.34
C GLN B 377 -29.83 -29.53 -23.75
N SER B 378 -30.27 -29.34 -22.51
CA SER B 378 -31.09 -30.35 -21.87
C SER B 378 -32.52 -30.28 -22.38
N LEU B 379 -33.00 -29.10 -22.75
CA LEU B 379 -34.30 -28.98 -23.36
C LEU B 379 -34.27 -29.55 -24.76
N LEU B 380 -33.14 -29.35 -25.46
CA LEU B 380 -32.93 -29.97 -26.77
C LEU B 380 -33.04 -31.49 -26.63
N LYS B 381 -32.25 -32.04 -25.72
CA LYS B 381 -32.31 -33.46 -25.41
C LYS B 381 -33.73 -33.97 -25.13
N THR B 382 -34.42 -33.36 -24.16
CA THR B 382 -35.81 -33.67 -23.81
C THR B 382 -36.69 -33.69 -25.05
N SER B 383 -36.68 -32.56 -25.77
CA SER B 383 -37.62 -32.38 -26.84
C SER B 383 -37.22 -33.20 -28.06
N ALA B 384 -35.91 -33.48 -28.27
CA ALA B 384 -35.52 -34.33 -29.38
C ALA B 384 -35.99 -35.73 -29.13
N ALA B 385 -36.01 -36.16 -27.88
CA ALA B 385 -36.53 -37.46 -27.50
C ALA B 385 -38.05 -37.53 -27.54
N ASP B 386 -38.76 -36.45 -27.25
CA ASP B 386 -40.21 -36.48 -27.38
C ASP B 386 -40.61 -36.64 -28.83
N PHE B 387 -39.87 -36.06 -29.74
CA PHE B 387 -40.18 -36.21 -31.14
C PHE B 387 -39.83 -37.60 -31.62
N ASN B 388 -38.82 -38.17 -31.02
CA ASN B 388 -38.41 -39.52 -31.34
C ASN B 388 -39.44 -40.56 -30.89
N ASN B 389 -40.07 -40.30 -29.75
CA ASN B 389 -41.17 -41.14 -29.30
C ASN B 389 -42.32 -41.19 -30.27
N GLN B 390 -42.64 -40.06 -30.90
CA GLN B 390 -43.68 -39.98 -31.92
C GLN B 390 -43.30 -40.57 -33.29
N THR B 391 -42.17 -41.27 -33.42
CA THR B 391 -41.78 -41.81 -34.72
C THR B 391 -42.72 -42.85 -35.37
N PRO B 392 -43.57 -43.53 -34.59
CA PRO B 392 -44.71 -44.28 -35.15
C PRO B 392 -45.75 -43.41 -35.83
N GLN B 393 -46.31 -42.44 -35.13
CA GLN B 393 -47.23 -41.49 -35.75
C GLN B 393 -46.79 -41.10 -37.18
N ILE B 394 -45.50 -40.86 -37.38
CA ILE B 394 -45.00 -40.37 -38.65
C ILE B 394 -44.81 -41.49 -39.65
N ASN B 395 -44.58 -42.71 -39.18
CA ASN B 395 -44.53 -43.86 -40.10
C ASN B 395 -45.91 -44.25 -40.59
N GLN B 396 -46.93 -44.15 -39.73
CA GLN B 396 -48.35 -44.37 -40.11
C GLN B 396 -48.77 -43.37 -41.17
N ALA B 397 -48.49 -42.10 -40.93
CA ALA B 397 -48.80 -41.06 -41.89
C ALA B 397 -48.15 -41.34 -43.23
N GLN B 398 -46.94 -41.88 -43.23
CA GLN B 398 -46.27 -42.10 -44.48
C GLN B 398 -46.76 -43.32 -45.18
N ASN B 399 -46.98 -44.41 -44.45
CA ASN B 399 -47.47 -45.67 -45.04
C ASN B 399 -48.83 -45.47 -45.68
N LEU B 400 -49.74 -44.84 -44.94
CA LEU B 400 -51.02 -44.35 -45.45
C LEU B 400 -50.89 -43.59 -46.77
N ALA B 401 -50.18 -42.48 -46.74
CA ALA B 401 -49.98 -41.69 -47.94
C ALA B 401 -49.45 -42.53 -49.10
N ASN B 402 -48.48 -43.39 -48.82
CA ASN B 402 -47.96 -44.26 -49.85
C ASN B 402 -48.99 -45.28 -50.31
N THR B 403 -49.95 -45.66 -49.47
CA THR B 403 -50.96 -46.59 -49.92
C THR B 403 -51.94 -45.84 -50.83
N LEU B 404 -52.37 -44.64 -50.44
CA LEU B 404 -53.29 -43.90 -51.26
C LEU B 404 -52.66 -43.69 -52.62
N ILE B 405 -51.39 -43.38 -52.67
CA ILE B 405 -50.74 -43.17 -53.97
C ILE B 405 -50.65 -44.46 -54.79
N GLN B 406 -50.37 -45.57 -54.14
CA GLN B 406 -50.28 -46.81 -54.87
C GLN B 406 -51.66 -47.25 -55.34
N GLU B 407 -52.66 -47.20 -54.45
CA GLU B 407 -54.02 -47.66 -54.77
C GLU B 407 -54.63 -46.81 -55.88
N LEU B 408 -54.48 -45.49 -55.77
CA LEU B 408 -55.02 -44.56 -56.77
C LEU B 408 -54.19 -44.49 -58.01
N GLY B 409 -53.27 -45.43 -58.19
CA GLY B 409 -52.38 -45.47 -59.36
C GLY B 409 -52.51 -46.68 -60.27
N ASN B 410 -53.44 -47.57 -59.97
CA ASN B 410 -53.82 -48.65 -60.88
C ASN B 410 -55.33 -48.70 -61.09
N ASN B 411 -55.82 -49.72 -61.80
CA ASN B 411 -57.23 -49.84 -62.15
C ASN B 411 -58.18 -49.74 -60.95
N PRO B 412 -59.31 -49.04 -61.12
CA PRO B 412 -59.92 -48.36 -62.29
C PRO B 412 -59.66 -46.86 -62.42
N PHE B 413 -58.55 -46.38 -61.84
CA PHE B 413 -58.23 -44.94 -61.74
C PHE B 413 -57.40 -44.47 -62.92
N ARG B 414 -56.63 -45.36 -63.55
CA ARG B 414 -56.09 -45.11 -64.89
C ARG B 414 -56.11 -46.36 -65.78
N ASN B 415 -56.11 -46.12 -67.10
CA ASN B 415 -55.99 -47.15 -68.10
C ASN B 415 -54.58 -47.68 -68.02
N MET B 416 -54.42 -49.00 -67.95
CA MET B 416 -53.14 -49.62 -67.54
C MET B 416 -52.31 -50.21 -68.69
N GLN C 13 89.63 14.71 43.87
CA GLN C 13 89.73 13.40 44.58
C GLN C 13 88.36 12.93 45.03
N LYS C 14 88.27 11.69 45.46
CA LYS C 14 87.01 11.11 45.92
C LYS C 14 86.73 11.48 47.38
N LEU C 15 85.49 11.88 47.68
CA LEU C 15 85.09 12.33 49.00
C LEU C 15 84.31 11.29 49.75
N SER C 16 83.80 10.28 49.09
CA SER C 16 82.81 9.41 49.71
C SER C 16 82.36 8.51 48.64
N ASP C 17 81.89 7.34 48.99
CA ASP C 17 81.32 6.52 47.95
C ASP C 17 79.94 7.00 47.71
N THR C 18 79.29 7.44 48.78
CA THR C 18 77.97 8.01 48.66
C THR C 18 77.97 9.17 47.67
N TYR C 19 78.90 10.10 47.88
CA TYR C 19 79.06 11.24 47.00
C TYR C 19 79.44 10.84 45.61
N GLU C 20 80.43 9.97 45.45
CA GLU C 20 80.85 9.59 44.11
C GLU C 20 79.72 9.00 43.26
N GLN C 21 78.82 8.24 43.89
CA GLN C 21 77.70 7.60 43.20
C GLN C 21 76.61 8.63 42.94
N LEU C 22 76.29 9.49 43.91
CA LEU C 22 75.33 10.59 43.64
C LEU C 22 75.73 11.49 42.48
N SER C 23 76.99 11.89 42.44
CA SER C 23 77.43 12.75 41.36
C SER C 23 77.51 11.98 40.02
N ARG C 24 77.54 10.66 40.03
CA ARG C 24 77.37 9.91 38.79
C ARG C 24 75.92 9.94 38.31
N LEU C 25 74.97 9.87 39.24
CA LEU C 25 73.54 9.98 38.96
C LEU C 25 73.06 11.40 38.72
N LEU C 26 73.87 12.42 38.86
CA LEU C 26 73.46 13.76 38.43
C LEU C 26 74.39 14.31 37.36
N THR C 27 75.23 13.41 36.76
CA THR C 27 76.33 13.71 35.78
C THR C 27 77.49 14.53 36.35
N THR C 36 71.48 8.92 33.42
CA THR C 36 70.52 9.72 34.17
C THR C 36 71.11 10.93 34.90
N SER C 37 71.35 12.03 34.19
CA SER C 37 71.78 13.30 34.82
C SER C 37 70.65 14.10 35.49
N ALA C 38 71.03 15.25 36.08
CA ALA C 38 70.09 16.26 36.63
C ALA C 38 69.27 16.93 35.56
N GLN C 39 69.87 17.08 34.38
CA GLN C 39 69.21 17.72 33.26
C GLN C 39 68.12 16.80 32.77
N ALA C 40 68.52 15.56 32.50
CA ALA C 40 67.62 14.48 32.07
C ALA C 40 66.38 14.33 32.98
N ILE C 41 66.65 14.39 34.28
CA ILE C 41 65.64 14.32 35.28
C ILE C 41 64.76 15.55 35.23
N ASN C 42 65.35 16.74 35.11
CA ASN C 42 64.56 17.98 35.08
C ASN C 42 63.69 18.14 33.82
N GLN C 43 64.15 17.55 32.74
CA GLN C 43 63.43 17.61 31.53
C GLN C 43 62.21 16.66 31.61
N ALA C 44 62.35 15.56 32.34
CA ALA C 44 61.28 14.60 32.52
C ALA C 44 60.31 15.15 33.52
N VAL C 45 60.83 15.80 34.54
CA VAL C 45 59.99 16.45 35.49
C VAL C 45 59.22 17.55 34.79
N ASN C 46 59.83 18.29 33.88
CA ASN C 46 59.06 19.30 33.17
C ASN C 46 57.98 18.77 32.23
N ASN C 47 58.31 17.73 31.46
CA ASN C 47 57.31 17.05 30.65
C ASN C 47 56.17 16.60 31.52
N LEU C 48 56.44 15.84 32.57
CA LEU C 48 55.37 15.47 33.46
C LEU C 48 54.49 16.67 33.87
N ASN C 49 55.09 17.76 34.31
CA ASN C 49 54.27 18.83 34.82
C ASN C 49 53.59 19.68 33.76
N GLU C 50 54.17 19.84 32.58
CA GLU C 50 53.49 20.56 31.51
C GLU C 50 52.34 19.72 30.97
N ARG C 51 52.54 18.42 30.91
CA ARG C 51 51.54 17.46 30.50
C ARG C 51 50.39 17.39 31.50
N ALA C 52 50.69 17.37 32.79
CA ALA C 52 49.65 17.47 33.79
C ALA C 52 48.91 18.79 33.77
N LYS C 53 49.60 19.87 33.55
CA LYS C 53 48.93 21.16 33.56
C LYS C 53 47.99 21.29 32.38
N THR C 54 48.40 20.80 31.21
CA THR C 54 47.51 20.74 30.10
C THR C 54 46.30 19.89 30.48
N LEU C 55 46.57 18.68 30.96
CA LEU C 55 45.53 17.71 31.22
C LEU C 55 44.48 18.20 32.19
N ALA C 56 44.90 18.80 33.30
CA ALA C 56 44.00 19.20 34.40
C ALA C 56 43.40 20.61 34.35
N GLY C 57 44.02 21.55 33.66
CA GLY C 57 43.58 22.94 33.67
C GLY C 57 43.34 23.49 32.28
N GLY C 58 43.64 22.72 31.23
CA GLY C 58 43.38 23.13 29.85
C GLY C 58 42.00 22.68 29.38
N THR C 59 41.64 23.06 28.14
CA THR C 59 40.31 22.72 27.55
C THR C 59 40.43 22.12 26.15
N THR C 60 40.65 22.97 25.16
CA THR C 60 40.85 22.48 23.80
C THR C 60 41.79 21.27 23.76
N ASN C 61 42.87 21.31 24.53
CA ASN C 61 43.92 20.29 24.45
C ASN C 61 43.96 19.27 25.55
N SER C 62 42.97 19.19 26.41
CA SER C 62 42.90 18.17 27.44
C SER C 62 41.85 17.09 27.14
N PRO C 63 42.29 15.86 26.93
CA PRO C 63 41.38 14.75 26.89
C PRO C 63 40.57 14.56 28.15
N ALA C 64 41.07 14.95 29.29
CA ALA C 64 40.29 14.72 30.49
C ALA C 64 39.05 15.62 30.46
N TYR C 65 39.24 16.84 29.97
CA TYR C 65 38.18 17.83 29.91
C TYR C 65 37.25 17.57 28.75
N GLN C 66 37.76 17.06 27.65
CA GLN C 66 36.93 16.81 26.48
C GLN C 66 36.12 15.56 26.70
N ALA C 67 36.65 14.56 27.40
CA ALA C 67 35.79 13.43 27.78
C ALA C 67 34.73 13.83 28.79
N THR C 68 35.02 14.83 29.59
CA THR C 68 34.11 15.17 30.63
C THR C 68 32.99 15.94 29.98
N LEU C 69 33.35 16.90 29.16
CA LEU C 69 32.37 17.66 28.42
C LEU C 69 31.54 16.74 27.51
N LEU C 70 32.17 15.74 26.91
CA LEU C 70 31.50 14.82 26.03
C LEU C 70 30.44 14.10 26.77
N ALA C 71 30.73 13.64 27.96
CA ALA C 71 29.74 12.88 28.69
C ALA C 71 28.55 13.76 29.10
N LEU C 72 28.81 15.03 29.32
CA LEU C 72 27.74 15.95 29.73
C LEU C 72 26.90 16.31 28.53
N ARG C 73 27.55 16.62 27.44
CA ARG C 73 26.87 16.97 26.23
C ARG C 73 26.06 15.77 25.71
N SER C 74 26.60 14.56 25.91
CA SER C 74 25.88 13.38 25.49
C SER C 74 24.53 13.24 26.19
N VAL C 75 24.46 13.60 27.46
CA VAL C 75 23.22 13.42 28.23
C VAL C 75 22.22 14.44 27.76
N LEU C 76 22.71 15.64 27.54
CA LEU C 76 21.94 16.74 27.05
C LEU C 76 21.33 16.25 25.74
N GLY C 77 22.19 15.67 24.91
CA GLY C 77 21.75 15.23 23.58
C GLY C 77 20.79 14.05 23.59
N LEU C 78 20.94 13.17 24.59
CA LEU C 78 20.08 12.01 24.74
C LEU C 78 18.72 12.56 25.08
N TRP C 79 18.67 13.49 26.04
CA TRP C 79 17.40 14.01 26.40
C TRP C 79 16.72 14.71 25.21
N ASN C 80 17.44 15.54 24.44
CA ASN C 80 16.81 16.28 23.36
C ASN C 80 16.31 15.32 22.29
N SER C 81 17.02 14.22 22.09
CA SER C 81 16.75 13.29 21.03
C SER C 81 15.52 12.46 21.33
N MET C 82 15.38 11.99 22.56
CA MET C 82 14.33 11.02 22.90
C MET C 82 13.51 11.37 24.15
N GLY C 83 13.70 12.57 24.68
CA GLY C 83 13.10 12.94 25.97
C GLY C 83 11.63 13.23 25.82
N TYR C 84 11.29 13.89 24.72
CA TYR C 84 9.92 14.33 24.47
C TYR C 84 8.96 13.18 24.45
N ALA C 85 9.48 11.97 24.23
CA ALA C 85 8.67 10.74 24.05
C ALA C 85 8.41 9.93 25.33
N VAL C 86 8.95 10.39 26.44
CA VAL C 86 8.79 9.74 27.72
C VAL C 86 7.44 10.10 28.37
N ILE C 87 6.79 9.13 29.01
CA ILE C 87 5.50 9.37 29.64
C ILE C 87 5.69 9.81 31.06
N CYS C 88 5.28 11.05 31.36
CA CYS C 88 5.29 11.63 32.71
C CYS C 88 3.87 11.95 33.19
N GLY C 89 3.67 11.98 34.49
CA GLY C 89 2.37 12.38 35.04
C GLY C 89 1.46 11.26 35.51
N GLY C 90 2.03 10.07 35.66
CA GLY C 90 1.29 8.97 36.27
C GLY C 90 0.91 9.27 37.70
N TYR C 91 -0.05 8.52 38.22
CA TYR C 91 -0.59 8.76 39.53
C TYR C 91 0.26 8.05 40.57
N THR C 92 0.80 8.84 41.49
CA THR C 92 1.29 8.33 42.76
C THR C 92 0.07 8.34 43.67
N LYS C 93 -0.74 9.37 43.41
CA LYS C 93 -1.95 9.76 44.14
C LYS C 93 -2.90 8.60 44.55
N SER C 94 -2.88 7.52 43.77
CA SER C 94 -3.78 6.35 43.91
C SER C 94 -5.17 6.40 43.20
N PRO C 95 -5.53 7.49 42.49
CA PRO C 95 -6.83 7.47 41.79
C PRO C 95 -6.81 7.13 40.28
N GLY C 96 -6.72 8.09 39.35
CA GLY C 96 -5.96 9.35 39.48
C GLY C 96 -6.60 10.73 39.67
N GLU C 97 -5.86 11.60 40.38
CA GLU C 97 -6.24 13.00 40.67
C GLU C 97 -5.43 13.93 39.77
N ASN C 98 -5.23 15.19 40.16
CA ASN C 98 -4.75 16.19 39.21
C ASN C 98 -3.23 16.33 39.19
N ASN C 99 -2.61 15.96 38.07
CA ASN C 99 -1.19 16.20 37.82
C ASN C 99 -0.89 17.12 36.65
N GLN C 100 -1.91 17.77 36.11
CA GLN C 100 -1.74 18.76 35.03
C GLN C 100 -0.61 19.74 35.29
N LYS C 101 0.57 19.38 34.80
CA LYS C 101 1.74 20.23 34.88
C LYS C 101 2.53 20.27 33.59
N ASP C 102 2.86 21.50 33.18
CA ASP C 102 3.60 21.78 31.97
C ASP C 102 5.00 22.31 32.37
N PHE C 103 6.01 21.83 31.66
CA PHE C 103 7.38 22.18 31.89
C PHE C 103 7.89 22.95 30.70
N HIS C 104 8.38 24.15 30.93
CA HIS C 104 8.78 25.02 29.85
C HIS C 104 10.26 24.89 29.56
N TYR C 105 10.61 24.20 28.47
CA TYR C 105 11.99 24.07 28.11
C TYR C 105 12.45 25.29 27.35
N THR C 106 12.66 26.39 28.06
CA THR C 106 12.93 27.68 27.43
C THR C 106 14.23 28.32 27.90
N ASP C 107 14.53 29.46 27.32
CA ASP C 107 15.61 30.27 27.79
C ASP C 107 15.06 31.32 28.77
N GLU C 108 15.95 32.16 29.30
CA GLU C 108 15.59 33.31 30.15
C GLU C 108 14.41 34.17 29.68
N ASN C 109 14.17 34.24 28.38
CA ASN C 109 13.16 35.13 27.79
C ASN C 109 11.87 34.47 27.31
N GLY C 110 11.81 33.15 27.48
CA GLY C 110 10.63 32.38 27.13
C GLY C 110 10.67 31.71 25.76
N ASN C 111 11.77 31.88 25.03
CA ASN C 111 11.95 31.23 23.74
C ASN C 111 12.24 29.75 23.99
N GLY C 112 11.39 28.91 23.41
CA GLY C 112 11.51 27.46 23.51
C GLY C 112 10.15 26.78 23.41
N THR C 113 10.08 25.50 23.74
CA THR C 113 8.86 24.74 23.67
C THR C 113 8.52 24.23 25.07
N THR C 114 7.35 23.63 25.21
CA THR C 114 6.79 23.21 26.47
C THR C 114 6.38 21.76 26.39
N ILE C 115 6.50 20.99 27.47
CA ILE C 115 6.05 19.61 27.44
C ILE C 115 4.92 19.51 28.41
N ASN C 116 3.84 18.81 28.03
CA ASN C 116 2.72 18.57 28.92
C ASN C 116 2.94 17.24 29.66
N CYS C 117 2.70 17.23 30.97
CA CYS C 117 2.61 15.99 31.77
C CYS C 117 1.28 15.95 32.48
N GLY C 118 0.85 14.74 32.78
CA GLY C 118 -0.39 14.51 33.50
C GLY C 118 -1.65 14.80 32.70
N GLY C 119 -1.54 14.76 31.38
CA GLY C 119 -2.65 15.11 30.49
C GLY C 119 -3.79 14.10 30.45
N THR C 134 -5.60 7.86 33.35
CA THR C 134 -4.16 7.77 33.24
C THR C 134 -3.63 6.56 34.04
N LEU C 135 -2.30 6.45 34.14
CA LEU C 135 -1.60 5.22 34.50
C LEU C 135 -0.87 5.41 35.81
N LYS C 136 -0.60 4.32 36.53
CA LYS C 136 0.16 4.39 37.79
C LYS C 136 1.62 4.74 37.47
N ALA C 137 2.09 5.89 37.98
CA ALA C 137 3.51 6.22 37.93
C ALA C 137 4.17 5.25 38.85
N ASP C 138 4.90 4.30 38.27
CA ASP C 138 5.87 3.51 39.01
C ASP C 138 6.76 2.84 37.99
N LYS C 139 7.66 1.98 38.48
CA LYS C 139 8.72 1.42 37.65
C LYS C 139 8.14 0.72 36.42
N ASN C 140 8.72 1.04 35.28
CA ASN C 140 8.42 0.42 34.01
C ASN C 140 7.16 0.88 33.28
N VAL C 141 6.42 1.84 33.84
CA VAL C 141 5.20 2.32 33.19
C VAL C 141 5.32 3.80 32.85
N SER C 142 5.46 4.61 33.89
CA SER C 142 5.46 6.06 33.77
C SER C 142 6.29 6.73 34.90
N LEU C 143 6.70 7.98 34.65
CA LEU C 143 7.38 8.85 35.61
C LEU C 143 6.38 9.73 36.38
N SER C 144 6.60 9.91 37.69
CA SER C 144 5.80 10.85 38.49
C SER C 144 6.14 12.32 38.13
N ILE C 145 5.32 13.29 38.53
CA ILE C 145 5.69 14.68 38.38
C ILE C 145 6.96 14.94 39.17
N GLU C 146 7.12 14.26 40.31
CA GLU C 146 8.24 14.51 41.20
C GLU C 146 9.52 14.16 40.46
N GLN C 147 9.50 13.07 39.72
CA GLN C 147 10.67 12.71 38.95
C GLN C 147 10.83 13.61 37.74
N TYR C 148 9.76 13.90 37.02
CA TYR C 148 9.91 14.76 35.89
C TYR C 148 10.40 16.14 36.31
N GLU C 149 9.97 16.70 37.45
CA GLU C 149 10.48 18.05 37.79
C GLU C 149 11.97 18.07 38.02
N LYS C 150 12.51 16.97 38.50
CA LYS C 150 13.95 16.84 38.69
C LYS C 150 14.73 16.71 37.41
N ILE C 151 14.14 16.07 36.43
CA ILE C 151 14.80 15.93 35.15
C ILE C 151 14.84 17.26 34.49
N HIS C 152 13.75 18.00 34.61
CA HIS C 152 13.60 19.27 33.90
C HIS C 152 14.59 20.25 34.50
N GLU C 153 14.69 20.27 35.83
CA GLU C 153 15.61 21.15 36.53
C GLU C 153 17.07 20.82 36.17
N ALA C 154 17.41 19.55 36.27
CA ALA C 154 18.73 19.12 35.94
C ALA C 154 19.05 19.59 34.55
N TYR C 155 18.16 19.23 33.62
CA TYR C 155 18.38 19.49 32.24
C TYR C 155 18.60 20.98 32.02
N GLN C 156 17.86 21.85 32.70
CA GLN C 156 17.98 23.30 32.45
C GLN C 156 19.26 23.92 33.00
N ILE C 157 19.75 23.39 34.14
CA ILE C 157 21.11 23.72 34.62
C ILE C 157 22.14 23.22 33.62
N LEU C 158 22.07 21.95 33.26
CA LEU C 158 22.97 21.50 32.21
C LEU C 158 22.97 22.46 31.03
N SER C 159 21.81 22.66 30.43
CA SER C 159 21.77 23.39 29.19
C SER C 159 22.35 24.79 29.34
N LYS C 160 21.95 25.51 30.38
CA LYS C 160 22.46 26.87 30.53
C LYS C 160 23.97 26.92 30.82
N ALA C 161 24.45 26.02 31.67
CA ALA C 161 25.88 26.00 32.00
C ALA C 161 26.62 25.71 30.71
N LEU C 162 26.26 24.61 30.05
CA LEU C 162 26.96 24.16 28.88
C LEU C 162 26.88 25.11 27.69
N LYS C 163 25.84 25.93 27.61
CA LYS C 163 25.64 26.78 26.42
C LYS C 163 26.09 28.23 26.58
N GLN C 164 26.13 28.79 27.80
CA GLN C 164 26.62 30.16 28.04
C GLN C 164 27.98 30.13 28.71
N ALA C 165 28.06 29.60 29.94
CA ALA C 165 29.33 29.63 30.65
C ALA C 165 30.40 28.70 30.11
N GLY C 166 30.05 27.63 29.40
CA GLY C 166 30.99 26.54 29.14
C GLY C 166 31.23 25.71 30.41
N LEU C 167 31.85 24.53 30.25
CA LEU C 167 32.27 23.76 31.43
C LEU C 167 33.63 24.33 31.82
N ALA C 168 33.83 24.61 33.11
CA ALA C 168 35.11 25.17 33.56
C ALA C 168 36.19 24.12 33.63
N PRO C 169 37.46 24.56 33.50
CA PRO C 169 38.61 23.66 33.56
C PRO C 169 38.54 22.77 34.78
N LEU C 170 38.90 21.51 34.65
CA LEU C 170 38.72 20.53 35.74
C LEU C 170 39.47 20.83 37.04
N ASN C 171 40.28 21.89 37.07
CA ASN C 171 40.95 22.32 38.29
C ASN C 171 40.61 23.77 38.68
N SER C 172 39.35 24.16 38.57
CA SER C 172 38.90 25.52 38.78
C SER C 172 37.73 25.36 39.68
N LYS C 173 37.40 26.39 40.45
CA LYS C 173 36.17 26.37 41.27
C LYS C 173 34.93 26.53 40.39
N GLY C 174 35.08 27.30 39.31
CA GLY C 174 34.03 27.49 38.32
C GLY C 174 33.36 28.81 38.54
N GLU C 175 32.86 29.41 37.47
CA GLU C 175 32.06 30.61 37.59
C GLU C 175 30.69 30.33 38.22
N LYS C 176 30.03 31.37 38.68
CA LYS C 176 28.64 31.28 39.09
C LYS C 176 27.79 31.56 37.86
N LEU C 177 26.72 30.78 37.71
CA LEU C 177 25.71 30.96 36.68
C LEU C 177 24.37 31.01 37.35
N GLU C 178 23.40 31.69 36.72
CA GLU C 178 21.98 31.66 37.10
C GLU C 178 21.18 30.80 36.08
N ALA C 179 20.47 29.76 36.54
CA ALA C 179 19.60 28.97 35.64
C ALA C 179 18.12 29.17 35.92
N HIS C 180 17.32 29.47 34.90
CA HIS C 180 15.87 29.72 35.12
C HIS C 180 15.08 28.48 34.86
N VAL C 181 14.05 28.23 35.65
CA VAL C 181 13.32 26.97 35.52
C VAL C 181 11.86 27.27 35.79
N THR C 182 11.07 27.15 34.73
CA THR C 182 9.71 27.67 34.72
C THR C 182 8.72 26.61 34.37
N THR C 183 7.61 26.63 35.07
CA THR C 183 6.59 25.66 34.84
C THR C 183 5.21 26.25 35.06
N SER C 184 4.20 25.53 34.57
CA SER C 184 2.83 25.92 34.71
C SER C 184 2.01 24.74 35.26
N LYS C 185 1.24 24.99 36.31
CA LYS C 185 0.38 23.96 36.88
C LYS C 185 -1.07 24.48 36.95
N TYR C 186 -2.02 23.58 36.67
CA TYR C 186 -3.45 23.92 36.52
C TYR C 186 -4.09 23.09 37.60
N GLN C 187 -4.57 23.70 38.69
CA GLN C 187 -4.86 22.92 39.89
C GLN C 187 -6.35 22.83 40.17
N GLN C 188 -6.96 23.86 40.76
CA GLN C 188 -8.42 23.87 40.87
C GLN C 188 -8.80 24.18 39.45
N ASP C 189 -10.05 24.50 39.23
CA ASP C 189 -10.41 25.07 37.95
C ASP C 189 -10.46 26.57 38.13
N ASN C 190 -10.14 27.22 37.02
CA ASN C 190 -9.74 28.63 37.02
C ASN C 190 -8.63 28.96 38.03
N GLN C 191 -7.61 28.11 38.10
CA GLN C 191 -6.44 28.39 38.97
C GLN C 191 -5.15 28.00 38.31
N THR C 192 -4.32 28.99 38.05
CA THR C 192 -3.06 28.76 37.38
C THR C 192 -1.91 29.17 38.30
N LYS C 193 -1.07 28.18 38.62
CA LYS C 193 0.21 28.41 39.29
C LYS C 193 1.33 28.41 38.24
N THR C 194 1.93 29.57 38.08
CA THR C 194 3.09 29.78 37.23
C THR C 194 4.36 29.96 38.08
N THR C 195 5.26 29.01 38.00
CA THR C 195 6.42 28.97 38.89
C THR C 195 7.72 29.27 38.14
N THR C 196 8.47 30.28 38.58
CA THR C 196 9.86 30.46 38.13
C THR C 196 10.88 30.22 39.29
N SER C 197 11.70 29.18 39.16
CA SER C 197 12.81 28.99 40.06
C SER C 197 14.04 29.63 39.41
N VAL C 198 14.71 30.54 40.10
CA VAL C 198 16.06 30.97 39.69
C VAL C 198 17.03 30.13 40.50
N ILE C 199 17.98 29.48 39.83
CA ILE C 199 18.96 28.63 40.52
C ILE C 199 20.37 29.17 40.39
N ASP C 200 20.98 29.61 41.52
CA ASP C 200 22.36 30.14 41.56
C ASP C 200 23.24 28.94 41.76
N THR C 201 24.05 28.61 40.75
CA THR C 201 24.80 27.37 40.79
C THR C 201 26.17 27.64 40.14
N THR C 202 26.87 26.60 39.72
CA THR C 202 28.23 26.75 39.10
C THR C 202 28.45 25.75 37.98
N ASN C 203 29.40 26.06 37.09
CA ASN C 203 29.80 25.13 36.06
C ASN C 203 30.91 24.20 36.42
N ASP C 204 31.23 24.05 37.69
CA ASP C 204 32.25 23.06 38.02
C ASP C 204 31.74 21.69 37.50
N ALA C 205 32.65 20.84 36.99
CA ALA C 205 32.32 19.51 36.53
C ALA C 205 31.56 18.66 37.52
N GLN C 206 31.91 18.72 38.79
CA GLN C 206 31.23 17.88 39.77
C GLN C 206 29.73 18.18 39.78
N ASN C 207 29.38 19.47 39.73
CA ASN C 207 27.99 19.87 39.78
C ASN C 207 27.20 19.46 38.53
N LEU C 208 27.82 19.61 37.37
CA LEU C 208 27.17 19.28 36.14
C LEU C 208 27.02 17.78 36.01
N LEU C 209 27.96 17.00 36.49
CA LEU C 209 27.84 15.54 36.38
C LEU C 209 26.76 15.07 37.28
N THR C 210 26.50 15.80 38.36
CA THR C 210 25.38 15.46 39.20
C THR C 210 24.00 15.70 38.53
N GLN C 211 23.86 16.79 37.82
CA GLN C 211 22.67 17.03 37.09
C GLN C 211 22.46 15.94 36.01
N ALA C 212 23.51 15.67 35.25
CA ALA C 212 23.46 14.64 34.23
C ALA C 212 23.16 13.27 34.79
N GLN C 213 23.68 12.97 35.96
CA GLN C 213 23.42 11.69 36.56
C GLN C 213 21.96 11.53 36.93
N THR C 214 21.32 12.64 37.35
CA THR C 214 19.91 12.61 37.71
C THR C 214 19.06 12.20 36.51
N ILE C 215 19.37 12.76 35.37
CA ILE C 215 18.65 12.48 34.20
C ILE C 215 18.83 11.04 33.77
N VAL C 216 20.08 10.61 33.63
CA VAL C 216 20.34 9.28 33.12
C VAL C 216 19.72 8.25 34.07
N ASN C 217 19.93 8.44 35.38
CA ASN C 217 19.45 7.50 36.39
C ASN C 217 17.95 7.35 36.46
N THR C 218 17.23 8.47 36.40
CA THR C 218 15.78 8.38 36.30
C THR C 218 15.35 7.49 35.11
N LEU C 219 15.93 7.67 33.92
CA LEU C 219 15.56 6.85 32.76
C LEU C 219 16.00 5.45 32.87
N LYS C 220 17.18 5.26 33.42
CA LYS C 220 17.71 3.92 33.48
C LYS C 220 16.98 3.11 34.53
N ASP C 221 16.70 3.70 35.69
CA ASP C 221 16.10 2.96 36.81
C ASP C 221 14.58 2.78 36.73
N TYR C 222 13.87 3.70 36.09
CA TYR C 222 12.42 3.66 36.07
C TYR C 222 11.84 3.43 34.68
N CYS C 223 12.69 3.42 33.67
CA CYS C 223 12.33 2.96 32.31
C CYS C 223 10.92 3.25 31.84
N PRO C 224 10.57 4.53 31.66
CA PRO C 224 9.20 4.87 31.40
C PRO C 224 8.86 4.50 29.99
N ILE C 225 7.56 4.33 29.74
CA ILE C 225 7.04 3.93 28.45
C ILE C 225 7.20 5.07 27.45
N LEU C 226 7.47 4.69 26.23
CA LEU C 226 7.55 5.65 25.13
C LEU C 226 6.16 5.90 24.50
N ILE C 227 5.92 7.16 24.19
CA ILE C 227 4.74 7.56 23.48
C ILE C 227 4.78 6.98 22.06
N ALA C 228 3.64 6.50 21.57
CA ALA C 228 3.50 5.98 20.19
C ALA C 228 3.11 7.11 19.26
N LYS C 229 3.35 6.92 17.97
CA LYS C 229 2.91 7.91 16.99
C LYS C 229 2.96 7.30 15.60
N ASN C 241 7.45 12.85 9.90
CA ASN C 241 8.60 11.96 10.13
C ASN C 241 8.77 11.49 11.62
N THR C 242 8.64 10.18 11.85
CA THR C 242 8.67 9.59 13.19
C THR C 242 9.90 8.74 13.36
N PRO C 243 10.89 9.24 14.08
CA PRO C 243 12.07 8.46 14.32
C PRO C 243 11.84 6.96 14.40
N SER C 244 12.62 6.23 13.64
CA SER C 244 12.69 4.79 13.75
C SER C 244 12.39 4.21 15.13
N TRP C 245 13.03 4.74 16.17
CA TRP C 245 12.98 4.13 17.50
C TRP C 245 11.57 4.25 18.10
N GLN C 246 10.86 5.32 17.76
CA GLN C 246 9.51 5.49 18.28
C GLN C 246 8.52 4.49 17.65
N THR C 247 8.75 4.15 16.38
CA THR C 247 7.85 3.25 15.72
C THR C 247 8.07 1.81 16.21
N ALA C 248 9.32 1.35 16.26
CA ALA C 248 9.64 0.06 16.88
C ALA C 248 9.88 0.31 18.35
N GLY C 249 8.88 0.87 19.00
CA GLY C 249 9.14 1.74 20.14
C GLY C 249 8.52 1.39 21.46
N GLY C 250 7.44 2.04 21.82
CA GLY C 250 6.46 2.60 20.88
C GLY C 250 5.19 2.54 21.70
N GLY C 251 5.00 1.40 22.36
CA GLY C 251 4.21 1.33 23.61
C GLY C 251 4.87 0.47 24.69
N LYS C 252 6.11 0.05 24.45
CA LYS C 252 6.88 -0.70 25.43
C LYS C 252 7.73 0.31 26.18
N ASN C 253 8.22 -0.14 27.34
CA ASN C 253 9.11 0.66 28.18
C ASN C 253 10.36 1.10 27.38
N SER C 254 10.76 2.37 27.54
CA SER C 254 12.07 2.84 27.07
C SER C 254 12.91 1.85 27.77
N CYS C 255 14.11 1.58 27.36
CA CYS C 255 14.90 0.54 28.10
C CYS C 255 14.84 -0.81 27.46
N ALA C 256 13.87 -1.01 26.58
CA ALA C 256 13.86 -2.18 25.75
C ALA C 256 14.37 -1.69 24.43
N THR C 257 13.88 -0.54 23.98
CA THR C 257 14.50 0.23 22.93
C THR C 257 15.93 0.69 23.32
N PHE C 258 16.07 1.39 24.45
CA PHE C 258 17.30 2.16 24.75
C PHE C 258 18.28 1.58 25.80
N GLY C 259 18.06 0.34 26.22
CA GLY C 259 18.84 -0.25 27.32
C GLY C 259 20.32 -0.04 27.17
N ALA C 260 20.81 -0.23 25.94
CA ALA C 260 22.22 0.00 25.63
C ALA C 260 22.63 1.47 25.66
N GLU C 261 21.75 2.33 25.10
CA GLU C 261 22.00 3.76 25.08
C GLU C 261 22.02 4.38 26.49
N PHE C 262 21.21 3.82 27.37
CA PHE C 262 21.18 4.24 28.78
C PHE C 262 22.42 3.79 29.55
N SER C 263 22.81 2.53 29.38
CA SER C 263 24.04 2.00 30.00
C SER C 263 25.25 2.75 29.56
N ALA C 264 25.26 3.16 28.31
CA ALA C 264 26.39 3.83 27.74
C ALA C 264 26.54 5.23 28.32
N ALA C 265 25.42 5.88 28.60
CA ALA C 265 25.50 7.26 29.04
C ALA C 265 25.73 7.32 30.54
N SER C 266 25.23 6.32 31.28
CA SER C 266 25.53 6.20 32.71
C SER C 266 27.03 5.99 32.94
N ASP C 267 27.62 5.11 32.13
CA ASP C 267 29.05 4.77 32.23
C ASP C 267 29.93 5.92 31.83
N MET C 268 29.57 6.62 30.76
CA MET C 268 30.26 7.89 30.46
C MET C 268 30.28 8.80 31.69
N ILE C 269 29.15 8.99 32.34
CA ILE C 269 29.07 9.83 33.52
C ILE C 269 29.98 9.30 34.61
N ASN C 270 29.83 8.02 34.96
CA ASN C 270 30.64 7.44 36.01
C ASN C 270 32.12 7.62 35.76
N ASN C 271 32.56 7.35 34.54
CA ASN C 271 33.96 7.46 34.21
C ASN C 271 34.41 8.88 34.13
N ALA C 272 33.48 9.81 33.93
CA ALA C 272 33.85 11.23 33.93
C ALA C 272 34.06 11.69 35.37
N GLN C 273 33.19 11.28 36.29
CA GLN C 273 33.40 11.56 37.72
C GLN C 273 34.80 11.12 38.17
N LYS C 274 35.26 9.98 37.65
CA LYS C 274 36.57 9.47 37.97
C LYS C 274 37.66 10.32 37.37
N ILE C 275 37.58 10.62 36.10
CA ILE C 275 38.55 11.51 35.48
C ILE C 275 38.72 12.77 36.31
N VAL C 276 37.63 13.25 36.90
CA VAL C 276 37.66 14.50 37.65
C VAL C 276 38.34 14.36 39.00
N GLN C 277 38.12 13.23 39.68
CA GLN C 277 38.84 12.91 40.92
C GLN C 277 40.32 12.69 40.65
N GLU C 278 40.63 11.68 39.86
CA GLU C 278 41.98 11.50 39.40
C GLU C 278 42.65 12.80 39.02
N THR C 279 41.97 13.66 38.29
CA THR C 279 42.61 14.86 37.81
C THR C 279 42.98 15.82 38.93
N GLN C 280 42.17 15.90 39.97
CA GLN C 280 42.42 16.91 41.01
C GLN C 280 43.41 16.39 42.03
N GLN C 281 43.43 15.09 42.18
CA GLN C 281 44.42 14.43 42.99
C GLN C 281 45.80 14.40 42.24
N LEU C 282 45.78 14.30 40.92
CA LEU C 282 46.98 14.57 40.09
C LEU C 282 47.53 15.98 40.33
N SER C 283 46.69 17.00 40.34
CA SER C 283 47.12 18.41 40.59
C SER C 283 47.93 18.55 41.88
N ALA C 284 47.63 17.67 42.84
CA ALA C 284 48.21 17.68 44.15
C ALA C 284 49.36 16.68 44.26
N ASN C 285 50.03 16.38 43.14
CA ASN C 285 51.19 15.50 43.19
C ASN C 285 52.27 15.92 42.18
N GLN C 286 52.85 17.10 42.39
CA GLN C 286 53.80 17.67 41.45
C GLN C 286 55.22 17.37 41.89
N PRO C 287 56.00 16.67 41.02
CA PRO C 287 57.41 16.55 41.32
C PRO C 287 58.10 17.91 41.15
N LYS C 288 59.09 18.23 41.97
CA LYS C 288 59.73 19.52 41.91
C LYS C 288 61.00 19.33 41.11
N ASN C 289 61.38 20.35 40.35
CA ASN C 289 62.67 20.32 39.68
C ASN C 289 63.82 20.20 40.65
N ILE C 290 64.87 19.53 40.23
CA ILE C 290 66.07 19.49 41.02
C ILE C 290 66.76 20.84 40.94
N THR C 291 66.93 21.49 42.07
CA THR C 291 67.74 22.72 42.15
C THR C 291 69.08 22.44 42.80
N GLN C 292 70.14 23.09 42.34
CA GLN C 292 71.49 23.02 43.01
C GLN C 292 72.09 21.61 43.02
N PRO C 293 72.21 20.99 41.84
CA PRO C 293 72.59 19.57 41.79
C PRO C 293 74.02 19.28 42.23
N HIS C 294 74.78 20.32 42.52
CA HIS C 294 76.11 20.18 43.10
C HIS C 294 75.92 19.78 44.57
N ASN C 295 74.88 20.33 45.17
CA ASN C 295 74.56 20.15 46.58
C ASN C 295 73.90 18.81 46.92
N LEU C 296 74.71 17.90 47.42
CA LEU C 296 74.30 16.54 47.67
C LEU C 296 73.74 16.36 49.04
N ASN C 297 73.46 17.46 49.75
CA ASN C 297 72.74 17.40 51.03
C ASN C 297 71.23 17.62 50.80
N LEU C 298 70.93 18.65 50.00
CA LEU C 298 69.60 18.93 49.47
C LEU C 298 69.12 17.79 48.59
N ASN C 299 69.99 17.37 47.69
CA ASN C 299 69.75 16.28 46.78
C ASN C 299 70.32 14.98 47.29
N SER C 300 69.88 14.60 48.49
CA SER C 300 70.37 13.39 49.15
C SER C 300 69.74 12.15 48.52
N PRO C 301 70.18 10.96 48.94
CA PRO C 301 69.58 9.75 48.43
C PRO C 301 68.13 9.69 48.70
N SER C 302 67.79 10.16 49.88
CA SER C 302 66.42 10.07 50.39
C SER C 302 65.46 11.06 49.65
N SER C 303 65.98 12.24 49.33
CA SER C 303 65.29 13.27 48.60
C SER C 303 65.05 12.88 47.12
N LEU C 304 66.03 12.24 46.51
CA LEU C 304 65.89 11.74 45.15
C LEU C 304 64.97 10.52 45.06
N THR C 305 64.96 9.69 46.08
CA THR C 305 64.14 8.54 46.01
C THR C 305 62.71 9.08 46.03
N ALA C 306 62.46 10.09 46.83
CA ALA C 306 61.09 10.55 47.04
C ALA C 306 60.56 11.28 45.82
N LEU C 307 61.47 11.93 45.11
CA LEU C 307 61.14 12.61 43.88
C LEU C 307 60.81 11.61 42.80
N ALA C 308 61.42 10.43 42.80
CA ALA C 308 61.21 9.44 41.74
C ALA C 308 59.88 8.85 41.97
N GLN C 309 59.52 8.76 43.22
CA GLN C 309 58.25 8.14 43.57
C GLN C 309 57.06 9.02 43.26
N LYS C 310 57.26 10.33 43.35
CA LYS C 310 56.28 11.30 42.94
C LYS C 310 56.24 11.33 41.39
N MET C 311 57.39 11.12 40.77
CA MET C 311 57.44 11.05 39.34
C MET C 311 56.65 9.84 38.85
N LEU C 312 56.78 8.70 39.53
CA LEU C 312 56.02 7.53 39.13
C LEU C 312 54.54 7.71 39.44
N LYS C 313 54.19 8.32 40.58
CA LYS C 313 52.76 8.42 40.91
C LYS C 313 52.04 9.31 39.90
N ASN C 314 52.67 10.44 39.60
CA ASN C 314 52.17 11.40 38.66
C ASN C 314 51.93 10.79 37.26
N ALA C 315 52.79 9.89 36.82
CA ALA C 315 52.66 9.32 35.49
C ALA C 315 51.60 8.25 35.51
N GLN C 316 51.49 7.52 36.61
CA GLN C 316 50.40 6.55 36.73
C GLN C 316 49.07 7.29 36.67
N SER C 317 48.99 8.45 37.31
CA SER C 317 47.76 9.22 37.30
C SER C 317 47.38 9.59 35.89
N GLN C 318 48.37 10.00 35.13
CA GLN C 318 48.12 10.47 33.81
C GLN C 318 47.73 9.29 32.91
N ALA C 319 48.37 8.14 33.07
CA ALA C 319 47.97 6.98 32.31
C ALA C 319 46.49 6.63 32.55
N GLU C 320 46.02 6.88 33.75
CA GLU C 320 44.78 6.36 34.24
C GLU C 320 43.67 7.28 33.79
N ILE C 321 43.95 8.57 33.84
CA ILE C 321 43.11 9.56 33.23
C ILE C 321 42.93 9.28 31.73
N LEU C 322 44.02 8.98 31.04
CA LEU C 322 43.97 8.79 29.60
C LEU C 322 43.28 7.53 29.20
N LYS C 323 43.36 6.54 30.07
CA LYS C 323 42.66 5.27 29.86
C LYS C 323 41.13 5.45 30.04
N LEU C 324 40.75 6.19 31.09
CA LEU C 324 39.35 6.55 31.35
C LEU C 324 38.77 7.41 30.24
N ALA C 325 39.49 8.44 29.83
CA ALA C 325 39.01 9.30 28.76
C ALA C 325 38.76 8.51 27.48
N ASN C 326 39.57 7.47 27.24
CA ASN C 326 39.39 6.64 26.05
C ASN C 326 38.14 5.79 26.15
N GLN C 327 37.78 5.37 27.35
CA GLN C 327 36.69 4.43 27.54
C GLN C 327 35.39 5.24 27.50
N VAL C 328 35.46 6.49 27.93
CA VAL C 328 34.40 7.44 27.65
C VAL C 328 34.14 7.56 26.15
N GLU C 329 35.20 7.66 25.34
CA GLU C 329 35.02 7.74 23.91
C GLU C 329 34.35 6.48 23.41
N SER C 330 34.91 5.34 23.76
CA SER C 330 34.38 4.02 23.37
C SER C 330 32.88 3.86 23.71
N ASP C 331 32.46 4.45 24.82
CA ASP C 331 31.07 4.40 25.21
C ASP C 331 30.20 5.38 24.46
N PHE C 332 30.69 6.57 24.14
CA PHE C 332 29.91 7.50 23.34
C PHE C 332 29.57 6.84 22.03
N ASN C 333 30.58 6.25 21.41
CA ASN C 333 30.40 5.52 20.18
C ASN C 333 29.27 4.52 20.27
N LYS C 334 29.22 3.78 21.37
CA LYS C 334 28.17 2.81 21.67
C LYS C 334 26.85 3.55 21.71
N LEU C 335 26.81 4.64 22.45
CA LEU C 335 25.62 5.51 22.51
C LEU C 335 25.15 6.13 21.18
N SER C 336 26.02 6.30 20.19
CA SER C 336 25.71 7.10 18.97
C SER C 336 25.69 6.26 17.69
N SER C 337 25.67 4.95 17.86
CA SER C 337 25.90 4.03 16.79
C SER C 337 24.72 3.13 16.57
N GLY C 338 23.72 3.21 17.44
CA GLY C 338 22.48 2.41 17.37
C GLY C 338 21.29 3.28 17.04
N HIS C 339 20.21 3.20 17.81
CA HIS C 339 18.98 3.93 17.50
C HIS C 339 19.15 5.43 17.27
N LEU C 340 20.11 6.03 17.94
CA LEU C 340 20.24 7.48 17.97
C LEU C 340 21.27 7.99 16.97
N LYS C 341 21.90 7.08 16.23
CA LYS C 341 22.92 7.41 15.25
C LYS C 341 22.51 8.56 14.31
N ASP C 342 21.32 8.52 13.75
CA ASP C 342 20.88 9.57 12.84
C ASP C 342 20.39 10.86 13.51
N TYR C 343 20.48 10.97 14.83
CA TYR C 343 19.86 12.09 15.50
C TYR C 343 20.79 12.78 16.49
N ILE C 344 21.33 12.01 17.44
CA ILE C 344 22.13 12.59 18.52
C ILE C 344 23.29 13.32 17.92
N GLY C 345 23.58 14.50 18.41
CA GLY C 345 24.50 15.34 17.61
C GLY C 345 24.24 15.62 16.11
N LYS C 346 22.99 15.89 15.76
CA LYS C 346 22.62 16.58 14.55
C LYS C 346 21.86 17.81 15.05
N CYS C 347 21.87 18.90 14.29
CA CYS C 347 21.07 20.06 14.67
C CYS C 347 20.52 20.80 13.46
N ASP C 348 19.27 21.20 13.58
CA ASP C 348 18.61 21.90 12.51
C ASP C 348 18.13 23.24 13.04
N GLN C 360 15.84 30.34 16.03
CA GLN C 360 17.02 30.31 16.89
C GLN C 360 16.83 29.34 18.09
N ASN C 361 16.37 29.84 19.24
CA ASN C 361 15.86 29.03 20.36
C ASN C 361 14.37 28.81 20.25
N GLN C 362 13.72 29.71 19.49
CA GLN C 362 12.28 29.66 19.19
C GLN C 362 11.91 28.41 18.41
N LYS C 363 12.89 27.81 17.74
CA LYS C 363 12.74 26.57 17.02
C LYS C 363 12.56 25.33 17.93
N ASN C 364 11.69 24.43 17.47
CA ASN C 364 11.47 23.12 18.08
C ASN C 364 12.52 22.19 17.52
N ASN C 365 13.45 21.73 18.35
CA ASN C 365 14.48 20.82 17.85
C ASN C 365 14.44 19.44 18.52
N TRP C 366 13.34 19.13 19.18
CA TRP C 366 13.19 17.80 19.76
C TRP C 366 13.41 16.72 18.71
N GLY C 367 13.93 15.57 19.14
CA GLY C 367 14.25 14.48 18.25
C GLY C 367 15.67 14.39 17.71
N ASN C 368 16.30 15.55 17.50
CA ASN C 368 17.71 15.56 17.21
C ASN C 368 18.57 16.31 18.28
N GLY C 369 19.80 15.83 18.41
CA GLY C 369 20.57 15.98 19.66
C GLY C 369 20.95 17.39 20.07
N CYS C 370 21.22 18.24 19.07
CA CYS C 370 21.56 19.66 19.25
C CYS C 370 22.35 19.93 20.50
N ALA C 371 23.39 19.14 20.71
CA ALA C 371 24.10 19.14 21.99
C ALA C 371 25.59 19.41 21.91
N GLY C 372 26.16 19.34 20.71
CA GLY C 372 27.54 19.62 20.48
C GLY C 372 28.43 18.40 20.37
N VAL C 373 27.85 17.21 20.48
CA VAL C 373 28.64 16.00 20.68
C VAL C 373 29.62 15.69 19.56
N GLU C 374 29.39 16.13 18.35
CA GLU C 374 30.41 15.78 17.34
C GLU C 374 31.66 16.66 17.45
N GLU C 375 31.46 17.95 17.67
CA GLU C 375 32.52 18.94 17.79
C GLU C 375 33.40 18.48 18.94
N THR C 376 32.77 18.01 20.01
CA THR C 376 33.51 17.62 21.21
C THR C 376 34.23 16.30 21.00
N GLN C 377 33.56 15.27 20.49
CA GLN C 377 34.21 13.99 20.20
C GLN C 377 35.47 14.18 19.36
N SER C 378 35.48 15.16 18.47
CA SER C 378 36.63 15.29 17.57
C SER C 378 37.79 15.98 18.30
N LEU C 379 37.51 16.84 19.25
CA LEU C 379 38.54 17.42 20.08
C LEU C 379 39.10 16.40 21.02
N LEU C 380 38.23 15.52 21.52
CA LEU C 380 38.67 14.37 22.31
C LEU C 380 39.65 13.53 21.49
N LYS C 381 39.22 13.13 20.30
CA LYS C 381 40.06 12.39 19.39
C LYS C 381 41.43 13.04 19.16
N THR C 382 41.42 14.30 18.74
CA THR C 382 42.63 15.10 18.52
C THR C 382 43.55 15.06 19.75
N SER C 383 43.00 15.43 20.89
CA SER C 383 43.79 15.62 22.07
C SER C 383 44.19 14.27 22.66
N ALA C 384 43.37 13.22 22.49
CA ALA C 384 43.77 11.91 22.99
C ALA C 384 44.95 11.41 22.21
N ALA C 385 45.00 11.74 20.92
CA ALA C 385 46.12 11.38 20.08
C ALA C 385 47.36 12.24 20.33
N ASP C 386 47.21 13.51 20.73
CA ASP C 386 48.38 14.30 21.07
C ASP C 386 49.03 13.75 22.31
N PHE C 387 48.26 13.24 23.25
CA PHE C 387 48.82 12.70 24.45
C PHE C 387 49.48 11.36 24.16
N ASN C 388 48.93 10.66 23.19
CA ASN C 388 49.49 9.40 22.76
C ASN C 388 50.85 9.57 22.06
N ASN C 389 50.99 10.65 21.31
CA ASN C 389 52.27 10.99 20.71
C ASN C 389 53.36 11.18 21.73
N GLN C 390 53.04 11.82 22.85
CA GLN C 390 53.96 12.03 23.96
C GLN C 390 54.26 10.78 24.81
N THR C 391 53.85 9.59 24.40
CA THR C 391 54.09 8.39 25.19
C THR C 391 55.57 7.99 25.44
N PRO C 392 56.52 8.44 24.60
CA PRO C 392 57.94 8.40 24.91
C PRO C 392 58.32 9.27 26.10
N GLN C 393 58.04 10.56 26.04
CA GLN C 393 58.28 11.44 27.18
C GLN C 393 57.96 10.76 28.53
N ILE C 394 56.84 10.04 28.60
CA ILE C 394 56.38 9.45 29.84
C ILE C 394 57.08 8.14 30.14
N ASN C 395 57.57 7.45 29.13
CA ASN C 395 58.38 6.25 29.37
C ASN C 395 59.78 6.61 29.85
N GLN C 396 60.38 7.69 29.33
CA GLN C 396 61.67 8.25 29.81
C GLN C 396 61.58 8.65 31.25
N ALA C 397 60.55 9.41 31.60
CA ALA C 397 60.32 9.82 32.97
C ALA C 397 60.22 8.61 33.88
N GLN C 398 59.63 7.52 33.43
CA GLN C 398 59.44 6.38 34.30
C GLN C 398 60.67 5.57 34.43
N ASN C 399 61.37 5.35 33.32
CA ASN C 399 62.62 4.56 33.32
C ASN C 399 63.66 5.22 34.20
N LEU C 400 63.85 6.53 34.02
CA LEU C 400 64.63 7.38 34.91
C LEU C 400 64.30 7.16 36.38
N ALA C 401 63.07 7.45 36.75
CA ALA C 401 62.65 7.29 38.12
C ALA C 401 62.95 5.88 38.64
N ASN C 402 62.68 4.88 37.84
CA ASN C 402 62.98 3.51 38.23
C ASN C 402 64.46 3.27 38.34
N THR C 403 65.29 3.99 37.59
CA THR C 403 66.72 3.80 37.73
C THR C 403 67.18 4.46 39.04
N LEU C 404 66.72 5.67 39.34
CA LEU C 404 67.13 6.32 40.55
C LEU C 404 66.75 5.44 41.71
N ILE C 405 65.59 4.82 41.67
CA ILE C 405 65.18 3.98 42.80
C ILE C 405 66.04 2.72 42.89
N GLN C 406 66.37 2.13 41.76
CA GLN C 406 67.19 0.95 41.80
C GLN C 406 68.60 1.29 42.25
N GLU C 407 69.19 2.35 41.68
CA GLU C 407 70.57 2.72 41.97
C GLU C 407 70.72 3.10 43.43
N LEU C 408 69.78 3.92 43.92
CA LEU C 408 69.80 4.38 45.31
C LEU C 408 69.33 3.35 46.28
N GLY C 409 69.23 2.09 45.84
CA GLY C 409 68.76 0.97 46.68
C GLY C 409 69.76 -0.16 46.93
N ASN C 410 70.98 -0.02 46.42
CA ASN C 410 72.06 -0.92 46.76
C ASN C 410 73.30 -0.12 47.19
N ASN C 411 74.41 -0.82 47.42
CA ASN C 411 75.65 -0.20 47.91
C ASN C 411 76.13 1.01 47.08
N PRO C 412 76.63 2.08 47.75
CA PRO C 412 76.88 2.32 49.17
C PRO C 412 75.79 3.08 49.93
N PHE C 413 74.54 2.99 49.45
CA PHE C 413 73.39 3.76 49.99
C PHE C 413 72.65 3.00 51.11
N ARG C 414 72.71 1.67 51.10
CA ARG C 414 72.37 0.89 52.28
C ARG C 414 73.29 -0.33 52.47
N ASN C 415 73.37 -0.77 53.72
CA ASN C 415 74.08 -1.97 54.09
C ASN C 415 73.29 -3.13 53.53
N MET C 416 73.95 -4.06 52.83
CA MET C 416 73.27 -5.04 51.96
C MET C 416 73.17 -6.47 52.55
N GLN D 13 4.87 38.43 30.53
CA GLN D 13 6.05 37.99 29.73
C GLN D 13 5.76 36.70 28.98
N LYS D 14 6.62 36.32 28.06
CA LYS D 14 6.45 35.11 27.29
C LYS D 14 6.95 33.88 28.07
N LEU D 15 6.19 32.80 28.05
CA LEU D 15 6.48 31.58 28.80
C LEU D 15 7.02 30.48 27.94
N SER D 16 6.86 30.56 26.63
CA SER D 16 7.11 29.42 25.77
C SER D 16 6.71 29.85 24.44
N ASP D 17 7.26 29.25 23.41
CA ASP D 17 6.75 29.56 22.10
C ASP D 17 5.51 28.74 21.89
N THR D 18 5.51 27.54 22.42
CA THR D 18 4.34 26.69 22.36
C THR D 18 3.14 27.43 22.96
N TYR D 19 3.31 27.94 24.17
CA TYR D 19 2.27 28.68 24.85
C TYR D 19 1.88 29.93 24.12
N GLU D 20 2.86 30.74 23.70
CA GLU D 20 2.53 31.97 23.01
C GLU D 20 1.67 31.78 21.74
N GLN D 21 1.92 30.67 21.02
CA GLN D 21 1.17 30.36 19.81
C GLN D 21 -0.18 29.80 20.16
N LEU D 22 -0.27 28.89 21.13
CA LEU D 22 -1.59 28.41 21.59
C LEU D 22 -2.52 29.52 22.07
N SER D 23 -2.02 30.44 22.86
CA SER D 23 -2.85 31.53 23.33
C SER D 23 -3.18 32.53 22.18
N ARG D 24 -2.43 32.52 21.09
CA ARG D 24 -2.86 33.26 19.90
C ARG D 24 -4.04 32.59 19.20
N LEU D 25 -4.03 31.26 19.14
CA LEU D 25 -5.11 30.45 18.58
C LEU D 25 -6.32 30.29 19.50
N LEU D 26 -6.29 30.77 20.73
CA LEU D 26 -7.50 30.81 21.55
C LEU D 26 -7.85 32.26 21.96
N THR D 27 -7.22 33.24 21.28
CA THR D 27 -7.29 34.71 21.55
C THR D 27 -6.66 35.16 22.86
N THR D 36 -9.05 32.89 14.77
CA THR D 36 -9.63 31.69 15.38
C THR D 36 -9.52 31.58 16.91
N SER D 37 -10.37 32.26 17.66
CA SER D 37 -10.41 32.15 19.12
C SER D 37 -11.12 30.90 19.66
N ALA D 38 -11.16 30.77 20.99
CA ALA D 38 -11.94 29.73 21.71
C ALA D 38 -13.43 29.92 21.54
N GLN D 39 -13.86 31.17 21.44
CA GLN D 39 -15.26 31.49 21.28
C GLN D 39 -15.71 31.06 19.91
N ALA D 40 -14.97 31.51 18.90
CA ALA D 40 -15.18 31.16 17.51
C ALA D 40 -15.31 29.66 17.28
N ILE D 41 -14.40 28.94 17.93
CA ILE D 41 -14.38 27.50 17.87
C ILE D 41 -15.59 26.94 18.54
N ASN D 42 -15.94 27.44 19.73
CA ASN D 42 -17.11 26.92 20.47
C ASN D 42 -18.47 27.20 19.78
N GLN D 43 -18.51 28.27 19.03
CA GLN D 43 -19.70 28.63 18.34
C GLN D 43 -19.87 27.71 17.12
N ALA D 44 -18.76 27.29 16.51
CA ALA D 44 -18.77 26.38 15.39
C ALA D 44 -19.06 24.98 15.89
N VAL D 45 -18.49 24.65 17.04
CA VAL D 45 -18.79 23.38 17.64
C VAL D 45 -20.25 23.33 18.02
N ASN D 46 -20.83 24.41 18.51
CA ASN D 46 -22.26 24.39 18.78
C ASN D 46 -23.17 24.29 17.55
N ASN D 47 -22.88 25.06 16.50
CA ASN D 47 -23.58 24.91 15.23
C ASN D 47 -23.50 23.50 14.78
N LEU D 48 -22.30 22.94 14.64
CA LEU D 48 -22.23 21.54 14.28
C LEU D 48 -23.16 20.65 15.12
N ASN D 49 -23.13 20.77 16.44
CA ASN D 49 -23.89 19.84 17.23
C ASN D 49 -25.39 20.10 17.28
N GLU D 50 -25.82 21.35 17.19
CA GLU D 50 -27.28 21.64 17.10
C GLU D 50 -27.82 21.20 15.77
N ARG D 51 -27.04 21.37 14.72
CA ARG D 51 -27.37 20.95 13.37
C ARG D 51 -27.41 19.42 13.29
N ALA D 52 -26.46 18.71 13.87
CA ALA D 52 -26.54 17.26 13.95
C ALA D 52 -27.70 16.77 14.78
N LYS D 53 -28.01 17.43 15.88
CA LYS D 53 -29.10 16.96 16.72
C LYS D 53 -30.46 17.13 16.02
N THR D 54 -30.64 18.24 15.30
CA THR D 54 -31.79 18.39 14.47
C THR D 54 -31.82 17.25 13.45
N LEU D 55 -30.72 17.09 12.73
CA LEU D 55 -30.67 16.17 11.60
C LEU D 55 -30.99 14.74 12.01
N ALA D 56 -30.42 14.26 13.11
CA ALA D 56 -30.51 12.85 13.52
C ALA D 56 -31.67 12.48 14.45
N GLY D 57 -32.21 13.43 15.20
CA GLY D 57 -33.23 13.12 16.20
C GLY D 57 -34.49 13.92 16.05
N GLY D 58 -34.51 14.88 15.11
CA GLY D 58 -35.70 15.67 14.83
C GLY D 58 -36.58 15.01 13.75
N THR D 59 -37.73 15.63 13.46
CA THR D 59 -38.68 15.10 12.44
C THR D 59 -39.12 16.17 11.45
N THR D 60 -40.02 17.05 11.85
CA THR D 60 -40.42 18.15 11.00
C THR D 60 -39.23 18.82 10.30
N ASN D 61 -38.16 19.04 11.05
CA ASN D 61 -37.03 19.84 10.55
C ASN D 61 -35.81 19.07 10.13
N SER D 62 -35.86 17.75 10.04
CA SER D 62 -34.72 16.95 9.55
C SER D 62 -34.95 16.43 8.13
N PRO D 63 -34.12 16.87 7.19
CA PRO D 63 -34.11 16.24 5.89
C PRO D 63 -33.75 14.77 5.91
N ALA D 64 -32.98 14.33 6.87
CA ALA D 64 -32.62 12.92 6.84
C ALA D 64 -33.88 12.10 7.13
N TYR D 65 -34.71 12.59 8.03
CA TYR D 65 -35.91 11.89 8.44
C TYR D 65 -37.03 12.04 7.44
N GLN D 66 -37.11 13.19 6.79
CA GLN D 66 -38.15 13.41 5.78
C GLN D 66 -37.82 12.67 4.52
N ALA D 67 -36.55 12.54 4.15
CA ALA D 67 -36.22 11.64 3.03
C ALA D 67 -36.49 10.19 3.37
N THR D 68 -36.36 9.84 4.62
CA THR D 68 -36.50 8.45 4.96
C THR D 68 -37.97 8.13 4.92
N LEU D 69 -38.76 8.97 5.55
CA LEU D 69 -40.18 8.82 5.54
C LEU D 69 -40.73 8.86 4.11
N LEU D 70 -40.16 9.73 3.27
CA LEU D 70 -40.58 9.87 1.89
C LEU D 70 -40.39 8.57 1.16
N ALA D 71 -39.27 7.92 1.36
CA ALA D 71 -39.03 6.68 0.63
C ALA D 71 -39.95 5.58 1.09
N LEU D 72 -40.35 5.60 2.36
CA LEU D 72 -41.25 4.57 2.88
C LEU D 72 -42.67 4.83 2.41
N ARG D 73 -43.10 6.07 2.48
CA ARG D 73 -44.40 6.47 2.04
C ARG D 73 -44.53 6.23 0.53
N SER D 74 -43.45 6.44 -0.20
CA SER D 74 -43.50 6.23 -1.63
C SER D 74 -43.80 4.79 -1.99
N VAL D 75 -43.28 3.84 -1.21
CA VAL D 75 -43.48 2.43 -1.52
C VAL D 75 -44.92 2.07 -1.22
N LEU D 76 -45.40 2.59 -0.12
CA LEU D 76 -46.75 2.40 0.32
C LEU D 76 -47.62 2.89 -0.82
N GLY D 77 -47.28 4.07 -1.32
CA GLY D 77 -48.08 4.70 -2.36
C GLY D 77 -48.01 3.98 -3.70
N LEU D 78 -46.86 3.38 -4.00
CA LEU D 78 -46.68 2.64 -5.24
C LEU D 78 -47.60 1.46 -5.15
N TRP D 79 -47.57 0.77 -4.01
CA TRP D 79 -48.39 -0.40 -3.92
C TRP D 79 -49.88 -0.02 -4.04
N ASN D 80 -50.34 1.03 -3.37
CA ASN D 80 -51.75 1.36 -3.42
C ASN D 80 -52.16 1.73 -4.84
N SER D 81 -51.25 2.34 -5.57
CA SER D 81 -51.54 2.93 -6.87
C SER D 81 -51.64 1.85 -7.91
N MET D 82 -50.75 0.87 -7.87
CA MET D 82 -50.67 -0.13 -8.94
C MET D 82 -50.63 -1.59 -8.48
N GLY D 83 -50.87 -1.83 -7.19
CA GLY D 83 -50.64 -3.15 -6.59
C GLY D 83 -51.77 -4.08 -6.92
N TYR D 84 -52.98 -3.53 -6.93
CA TYR D 84 -54.18 -4.33 -7.19
C TYR D 84 -54.14 -5.00 -8.52
N ALA D 85 -53.31 -4.49 -9.43
CA ALA D 85 -53.24 -4.96 -10.84
C ALA D 85 -52.20 -6.05 -11.12
N VAL D 86 -51.48 -6.46 -10.10
CA VAL D 86 -50.47 -7.48 -10.22
C VAL D 86 -51.09 -8.90 -10.15
N ILE D 87 -50.57 -9.82 -10.97
CA ILE D 87 -51.12 -11.17 -11.02
C ILE D 87 -50.40 -12.05 -10.03
N CYS D 88 -51.14 -12.53 -9.03
CA CYS D 88 -50.64 -13.47 -8.01
C CYS D 88 -51.39 -14.80 -8.05
N GLY D 89 -50.77 -15.87 -7.61
CA GLY D 89 -51.43 -17.17 -7.55
C GLY D 89 -51.08 -18.16 -8.65
N GLY D 90 -50.01 -17.87 -9.39
CA GLY D 90 -49.50 -18.83 -10.36
C GLY D 90 -49.05 -20.12 -9.68
N TYR D 91 -48.92 -21.17 -10.48
CA TYR D 91 -48.61 -22.47 -9.97
C TYR D 91 -47.10 -22.62 -9.85
N THR D 92 -46.66 -22.88 -8.63
CA THR D 92 -45.33 -23.43 -8.38
C THR D 92 -45.53 -24.94 -8.47
N LYS D 93 -46.73 -25.32 -8.01
CA LYS D 93 -47.23 -26.69 -7.85
C LYS D 93 -46.93 -27.66 -9.02
N SER D 94 -46.79 -27.11 -10.23
CA SER D 94 -46.63 -27.86 -11.50
C SER D 94 -47.90 -28.34 -12.26
N PRO D 95 -49.13 -28.09 -11.74
CA PRO D 95 -50.31 -28.52 -12.53
C PRO D 95 -51.02 -27.43 -13.37
N GLY D 96 -52.04 -26.70 -12.89
CA GLY D 96 -52.17 -26.23 -11.50
C GLY D 96 -53.18 -26.80 -10.49
N GLU D 97 -52.78 -26.77 -9.21
CA GLU D 97 -53.59 -27.23 -8.06
C GLU D 97 -54.12 -26.01 -7.33
N ASN D 98 -54.46 -26.13 -6.05
CA ASN D 98 -55.28 -25.10 -5.40
C ASN D 98 -54.46 -24.01 -4.73
N ASN D 99 -54.57 -22.78 -5.25
CA ASN D 99 -53.99 -21.61 -4.61
C ASN D 99 -55.00 -20.56 -4.18
N GLN D 100 -56.29 -20.89 -4.23
CA GLN D 100 -57.35 -20.00 -3.77
C GLN D 100 -57.05 -19.37 -2.40
N LYS D 101 -56.43 -18.18 -2.44
CA LYS D 101 -56.16 -17.41 -1.25
C LYS D 101 -56.47 -15.94 -1.44
N ASP D 102 -57.18 -15.41 -0.44
CA ASP D 102 -57.59 -14.02 -0.38
C ASP D 102 -56.81 -13.29 0.73
N PHE D 103 -56.38 -12.07 0.45
CA PHE D 103 -55.62 -11.27 1.32
C PHE D 103 -56.40 -10.06 1.70
N HIS D 104 -56.58 -9.83 2.99
CA HIS D 104 -57.46 -8.79 3.45
C HIS D 104 -56.68 -7.54 3.78
N TYR D 105 -56.75 -6.55 2.91
CA TYR D 105 -56.08 -5.31 3.18
C TYR D 105 -56.93 -4.45 4.08
N THR D 106 -56.99 -4.80 5.36
CA THR D 106 -57.88 -4.13 6.32
C THR D 106 -57.15 -3.54 7.53
N ASP D 107 -57.92 -2.88 8.38
CA ASP D 107 -57.41 -2.42 9.64
C ASP D 107 -57.75 -3.47 10.70
N GLU D 108 -57.35 -3.21 11.94
CA GLU D 108 -57.68 -4.05 13.11
C GLU D 108 -59.14 -4.54 13.22
N ASN D 109 -60.08 -3.77 12.69
CA ASN D 109 -61.50 -4.07 12.83
C ASN D 109 -62.21 -4.67 11.61
N GLY D 110 -61.43 -4.85 10.55
CA GLY D 110 -61.94 -5.44 9.30
C GLY D 110 -62.39 -4.45 8.24
N ASN D 111 -62.27 -3.16 8.51
CA ASN D 111 -62.53 -2.15 7.51
C ASN D 111 -61.41 -2.14 6.46
N GLY D 112 -61.80 -2.36 5.21
CA GLY D 112 -60.91 -2.36 4.07
C GLY D 112 -61.42 -3.25 2.95
N THR D 113 -60.56 -3.55 1.98
CA THR D 113 -60.93 -4.38 0.85
C THR D 113 -60.06 -5.62 0.85
N THR D 114 -60.35 -6.55 -0.04
CA THR D 114 -59.69 -7.84 -0.14
C THR D 114 -59.22 -8.10 -1.55
N ILE D 115 -58.10 -8.79 -1.74
CA ILE D 115 -57.63 -9.11 -3.07
C ILE D 115 -57.66 -10.60 -3.20
N ASN D 116 -58.15 -11.10 -4.33
CA ASN D 116 -58.17 -12.53 -4.62
C ASN D 116 -56.89 -12.90 -5.36
N CYS D 117 -56.26 -14.01 -4.95
CA CYS D 117 -55.17 -14.64 -5.71
C CYS D 117 -55.51 -16.09 -5.95
N GLY D 118 -54.94 -16.62 -7.02
CA GLY D 118 -55.14 -18.00 -7.42
C GLY D 118 -56.53 -18.32 -7.95
N GLY D 119 -57.22 -17.29 -8.46
CA GLY D 119 -58.61 -17.44 -8.90
C GLY D 119 -58.73 -18.25 -10.18
N THR D 134 -54.79 -21.63 -15.01
CA THR D 134 -53.94 -20.54 -14.59
C THR D 134 -52.50 -20.74 -15.10
N LEU D 135 -51.57 -19.88 -14.64
CA LEU D 135 -50.28 -19.65 -15.28
C LEU D 135 -49.17 -20.07 -14.34
N LYS D 136 -47.99 -20.41 -14.87
CA LYS D 136 -46.83 -20.75 -14.05
C LYS D 136 -46.34 -19.49 -13.32
N ALA D 137 -46.37 -19.51 -11.99
CA ALA D 137 -45.72 -18.47 -11.20
C ALA D 137 -44.25 -18.68 -11.41
N ASP D 138 -43.64 -17.76 -12.15
CA ASP D 138 -42.20 -17.61 -12.17
C ASP D 138 -41.91 -16.26 -12.80
N LYS D 139 -40.62 -15.99 -12.99
CA LYS D 139 -40.15 -14.66 -13.38
C LYS D 139 -40.83 -14.20 -14.67
N ASN D 140 -41.33 -12.98 -14.63
CA ASN D 140 -41.94 -12.32 -15.76
C ASN D 140 -43.38 -12.68 -16.13
N VAL D 141 -44.01 -13.60 -15.40
CA VAL D 141 -45.38 -14.00 -15.69
C VAL D 141 -46.32 -13.66 -14.55
N SER D 142 -46.07 -14.28 -13.39
CA SER D 142 -46.92 -14.17 -12.21
C SER D 142 -46.12 -14.39 -10.90
N LEU D 143 -46.70 -13.89 -9.80
CA LEU D 143 -46.19 -14.07 -8.43
C LEU D 143 -46.81 -15.31 -7.76
N SER D 144 -46.00 -16.07 -7.01
CA SER D 144 -46.52 -17.19 -6.22
C SER D 144 -47.32 -16.69 -5.01
N ILE D 145 -48.11 -17.54 -4.36
CA ILE D 145 -48.72 -17.15 -3.10
C ILE D 145 -47.63 -16.81 -2.09
N GLU D 146 -46.50 -17.51 -2.15
CA GLU D 146 -45.42 -17.33 -1.18
C GLU D 146 -44.90 -15.90 -1.28
N GLN D 147 -44.75 -15.42 -2.49
CA GLN D 147 -44.31 -14.06 -2.65
C GLN D 147 -45.42 -13.06 -2.31
N TYR D 148 -46.64 -13.32 -2.74
CA TYR D 148 -47.69 -12.39 -2.40
C TYR D 148 -47.89 -12.33 -0.88
N GLU D 149 -47.76 -13.43 -0.15
CA GLU D 149 -48.01 -13.28 1.31
C GLU D 149 -46.99 -12.39 1.99
N LYS D 150 -45.78 -12.37 1.44
CA LYS D 150 -44.72 -11.49 1.96
C LYS D 150 -44.92 -10.04 1.61
N ILE D 151 -45.52 -9.78 0.47
CA ILE D 151 -45.81 -8.40 0.12
C ILE D 151 -46.91 -7.89 1.01
N HIS D 152 -47.90 -8.74 1.26
CA HIS D 152 -49.08 -8.32 2.00
C HIS D 152 -48.67 -8.05 3.45
N GLU D 153 -47.85 -8.92 4.01
CA GLU D 153 -47.34 -8.72 5.37
C GLU D 153 -46.50 -7.45 5.49
N ALA D 154 -45.56 -7.30 4.58
CA ALA D 154 -44.71 -6.12 4.58
C ALA D 154 -45.60 -4.92 4.55
N TYR D 155 -46.50 -4.90 3.56
CA TYR D 155 -47.32 -3.77 3.33
C TYR D 155 -48.10 -3.42 4.59
N GLN D 156 -48.62 -4.41 5.31
CA GLN D 156 -49.48 -4.13 6.47
C GLN D 156 -48.73 -3.63 7.68
N ILE D 157 -47.49 -4.09 7.86
CA ILE D 157 -46.56 -3.45 8.83
C ILE D 157 -46.25 -2.02 8.41
N LEU D 158 -45.81 -1.83 7.18
CA LEU D 158 -45.66 -0.46 6.72
C LEU D 158 -46.87 0.38 7.04
N SER D 159 -48.03 0.00 6.55
CA SER D 159 -49.19 0.86 6.68
C SER D 159 -49.51 1.17 8.14
N LYS D 160 -49.53 0.16 8.99
CA LYS D 160 -49.86 0.42 10.38
C LYS D 160 -48.81 1.29 11.08
N ALA D 161 -47.53 1.03 10.83
CA ALA D 161 -46.47 1.81 11.49
C ALA D 161 -46.63 3.22 11.04
N LEU D 162 -46.62 3.41 9.72
CA LEU D 162 -46.66 4.75 9.14
C LEU D 162 -47.92 5.54 9.46
N LYS D 163 -49.04 4.87 9.73
CA LYS D 163 -50.31 5.57 9.93
C LYS D 163 -50.74 5.80 11.37
N GLN D 164 -50.31 4.96 12.31
CA GLN D 164 -50.61 5.16 13.74
C GLN D 164 -49.37 5.64 14.48
N ALA D 165 -48.32 4.82 14.53
CA ALA D 165 -47.16 5.22 15.32
C ALA D 165 -46.34 6.35 14.72
N GLY D 166 -46.40 6.60 13.42
CA GLY D 166 -45.39 7.42 12.77
C GLY D 166 -44.04 6.69 12.66
N LEU D 167 -43.13 7.21 11.83
CA LEU D 167 -41.77 6.67 11.80
C LEU D 167 -41.02 7.36 12.94
N ALA D 168 -40.29 6.60 13.75
CA ALA D 168 -39.56 7.20 14.89
C ALA D 168 -38.29 7.90 14.42
N PRO D 169 -37.86 8.91 15.21
CA PRO D 169 -36.65 9.67 14.92
C PRO D 169 -35.48 8.75 14.62
N LEU D 170 -34.66 9.09 13.64
CA LEU D 170 -33.59 8.18 13.18
C LEU D 170 -32.53 7.81 14.22
N ASN D 171 -32.61 8.37 15.42
CA ASN D 171 -31.74 8.01 16.52
C ASN D 171 -32.51 7.51 17.77
N SER D 172 -33.53 6.69 17.57
CA SER D 172 -34.41 6.22 18.64
C SER D 172 -34.50 4.74 18.39
N LYS D 173 -34.79 3.95 19.43
CA LYS D 173 -35.03 2.51 19.27
C LYS D 173 -36.39 2.25 18.60
N GLY D 174 -37.34 3.13 18.90
CA GLY D 174 -38.67 3.09 18.28
C GLY D 174 -39.65 2.48 19.23
N GLU D 175 -40.90 2.89 19.14
CA GLU D 175 -41.97 2.27 19.89
C GLU D 175 -42.26 0.85 19.37
N LYS D 176 -42.94 0.07 20.19
CA LYS D 176 -43.49 -1.19 19.74
C LYS D 176 -44.87 -0.93 19.18
N LEU D 177 -45.18 -1.58 18.05
CA LEU D 177 -46.50 -1.56 17.44
C LEU D 177 -46.94 -2.99 17.24
N GLU D 178 -48.25 -3.20 17.20
CA GLU D 178 -48.86 -4.49 16.79
C GLU D 178 -49.46 -4.35 15.38
N ALA D 179 -49.06 -5.17 14.42
CA ALA D 179 -49.69 -5.18 13.07
C ALA D 179 -50.54 -6.43 12.81
N HIS D 180 -51.78 -6.28 12.34
CA HIS D 180 -52.66 -7.45 12.10
C HIS D 180 -52.62 -7.85 10.67
N VAL D 181 -52.65 -9.12 10.37
CA VAL D 181 -52.47 -9.57 9.00
C VAL D 181 -53.34 -10.78 8.82
N THR D 182 -54.38 -10.59 7.99
CA THR D 182 -55.48 -11.55 7.92
C THR D 182 -55.73 -12.02 6.52
N THR D 183 -55.99 -13.30 6.40
CA THR D 183 -56.19 -13.88 5.11
C THR D 183 -57.20 -15.01 5.19
N SER D 184 -57.71 -15.38 4.02
CA SER D 184 -58.68 -16.45 3.88
C SER D 184 -58.19 -17.44 2.79
N LYS D 185 -58.18 -18.73 3.11
CA LYS D 185 -57.80 -19.74 2.15
C LYS D 185 -58.90 -20.81 2.06
N TYR D 186 -59.14 -21.30 0.85
CA TYR D 186 -60.27 -22.20 0.53
C TYR D 186 -59.58 -23.44 0.00
N GLN D 187 -59.56 -24.53 0.75
CA GLN D 187 -58.60 -25.59 0.46
C GLN D 187 -59.27 -26.86 -0.08
N GLN D 188 -59.86 -27.68 0.78
CA GLN D 188 -60.67 -28.79 0.30
C GLN D 188 -61.90 -28.06 -0.14
N ASP D 189 -62.96 -28.79 -0.42
CA ASP D 189 -64.24 -28.13 -0.57
C ASP D 189 -64.95 -28.28 0.74
N ASN D 190 -65.78 -27.27 0.98
CA ASN D 190 -66.31 -26.97 2.29
C ASN D 190 -65.24 -26.88 3.38
N GLN D 191 -64.13 -26.20 3.08
CA GLN D 191 -63.08 -25.98 4.08
C GLN D 191 -62.46 -24.61 3.99
N THR D 192 -62.64 -23.83 5.05
CA THR D 192 -62.16 -22.47 5.08
C THR D 192 -61.14 -22.29 6.22
N LYS D 193 -59.92 -21.95 5.83
CA LYS D 193 -58.88 -21.50 6.77
C LYS D 193 -58.83 -19.97 6.77
N THR D 194 -59.18 -19.41 7.93
CA THR D 194 -59.09 -17.99 8.19
C THR D 194 -57.94 -17.67 9.15
N THR D 195 -56.93 -16.97 8.68
CA THR D 195 -55.70 -16.79 9.43
C THR D 195 -55.51 -15.34 9.87
N THR D 196 -55.35 -15.11 11.18
CA THR D 196 -54.88 -13.79 11.67
C THR D 196 -53.46 -13.88 12.31
N SER D 197 -52.49 -13.22 11.70
CA SER D 197 -51.18 -13.09 12.28
C SER D 197 -51.17 -11.77 13.03
N VAL D 198 -50.82 -11.78 14.30
CA VAL D 198 -50.51 -10.53 14.99
C VAL D 198 -49.01 -10.42 14.98
N ILE D 199 -48.48 -9.29 14.50
CA ILE D 199 -47.03 -9.10 14.43
C ILE D 199 -46.54 -7.99 15.37
N ASP D 200 -45.74 -8.36 16.40
CA ASP D 200 -45.18 -7.39 17.40
C ASP D 200 -43.88 -6.92 16.81
N THR D 201 -43.82 -5.66 16.42
CA THR D 201 -42.68 -5.16 15.68
C THR D 201 -42.41 -3.74 16.17
N THR D 202 -41.67 -2.95 15.40
CA THR D 202 -41.29 -1.56 15.79
C THR D 202 -41.26 -0.62 14.60
N ASN D 203 -41.38 0.68 14.86
CA ASN D 203 -41.27 1.68 13.82
C ASN D 203 -39.87 2.19 13.58
N ASP D 204 -38.85 1.52 14.08
CA ASP D 204 -37.52 2.00 13.77
C ASP D 204 -37.39 2.00 12.21
N ALA D 205 -36.67 2.97 11.66
CA ALA D 205 -36.42 3.06 10.22
C ALA D 205 -35.84 1.82 9.61
N GLN D 206 -34.91 1.17 10.29
CA GLN D 206 -34.28 -0.02 9.71
C GLN D 206 -35.34 -1.09 9.40
N ASN D 207 -36.28 -1.28 10.34
CA ASN D 207 -37.31 -2.30 10.16
C ASN D 207 -38.30 -1.98 9.04
N LEU D 208 -38.70 -0.72 8.96
CA LEU D 208 -39.63 -0.31 7.96
C LEU D 208 -38.99 -0.34 6.59
N LEU D 209 -37.70 -0.02 6.47
CA LEU D 209 -37.05 -0.04 5.17
C LEU D 209 -36.94 -1.45 4.71
N THR D 210 -36.87 -2.38 5.65
CA THR D 210 -36.85 -3.79 5.27
C THR D 210 -38.18 -4.30 4.68
N GLN D 211 -39.29 -3.88 5.27
CA GLN D 211 -40.57 -4.20 4.74
C GLN D 211 -40.73 -3.60 3.33
N ALA D 212 -40.40 -2.32 3.19
CA ALA D 212 -40.47 -1.64 1.92
C ALA D 212 -39.57 -2.27 0.89
N GLN D 213 -38.42 -2.73 1.28
CA GLN D 213 -37.52 -3.36 0.33
C GLN D 213 -38.10 -4.64 -0.21
N THR D 214 -38.84 -5.36 0.64
CA THR D 214 -39.46 -6.63 0.23
C THR D 214 -40.45 -6.40 -0.90
N ILE D 215 -41.26 -5.37 -0.75
CA ILE D 215 -42.24 -5.05 -1.71
C ILE D 215 -41.59 -4.62 -3.02
N VAL D 216 -40.69 -3.65 -2.97
CA VAL D 216 -40.11 -3.13 -4.20
C VAL D 216 -39.37 -4.25 -4.91
N ASN D 217 -38.57 -5.02 -4.16
CA ASN D 217 -37.75 -6.09 -4.76
C ASN D 217 -38.53 -7.21 -5.43
N THR D 218 -39.61 -7.65 -4.78
CA THR D 218 -40.49 -8.62 -5.41
C THR D 218 -40.96 -8.11 -6.78
N LEU D 219 -41.41 -6.84 -6.89
CA LEU D 219 -41.88 -6.30 -8.16
C LEU D 219 -40.78 -6.09 -9.14
N LYS D 220 -39.65 -5.64 -8.65
CA LYS D 220 -38.56 -5.31 -9.55
C LYS D 220 -37.96 -6.60 -10.10
N ASP D 221 -37.76 -7.60 -9.26
CA ASP D 221 -37.06 -8.83 -9.66
C ASP D 221 -37.91 -9.85 -10.42
N TYR D 222 -39.21 -9.88 -10.16
CA TYR D 222 -40.07 -10.91 -10.74
C TYR D 222 -41.11 -10.34 -11.68
N CYS D 223 -41.20 -9.02 -11.78
CA CYS D 223 -41.98 -8.31 -12.81
C CYS D 223 -43.25 -8.97 -13.29
N PRO D 224 -44.26 -9.09 -12.41
CA PRO D 224 -45.42 -9.86 -12.75
C PRO D 224 -46.25 -9.11 -13.74
N ILE D 225 -47.09 -9.85 -14.46
CA ILE D 225 -47.95 -9.31 -15.48
C ILE D 225 -49.06 -8.48 -14.86
N LEU D 226 -49.41 -7.41 -15.55
CA LEU D 226 -50.54 -6.58 -15.13
C LEU D 226 -51.88 -7.10 -15.70
N ILE D 227 -52.88 -7.04 -14.85
CA ILE D 227 -54.22 -7.37 -15.22
C ILE D 227 -54.73 -6.34 -16.25
N ALA D 228 -55.44 -6.82 -17.28
CA ALA D 228 -56.04 -5.94 -18.29
C ALA D 228 -57.44 -5.54 -17.85
N LYS D 229 -57.96 -4.47 -18.41
CA LYS D 229 -59.35 -4.08 -18.13
C LYS D 229 -59.82 -3.06 -19.15
N ASN D 241 -63.47 4.23 -15.19
CA ASN D 241 -62.15 4.87 -15.36
C ASN D 241 -60.94 3.92 -15.08
N THR D 242 -60.17 3.63 -16.13
CA THR D 242 -59.04 2.71 -16.07
C THR D 242 -57.74 3.46 -16.26
N PRO D 243 -57.00 3.65 -15.17
CA PRO D 243 -55.72 4.30 -15.29
C PRO D 243 -54.98 4.07 -16.60
N SER D 244 -54.57 5.15 -17.21
CA SER D 244 -53.68 5.12 -18.35
C SER D 244 -52.73 3.91 -18.43
N TRP D 245 -52.04 3.65 -17.33
CA TRP D 245 -50.96 2.64 -17.36
C TRP D 245 -51.52 1.23 -17.56
N GLN D 246 -52.72 0.98 -17.07
CA GLN D 246 -53.32 -0.35 -17.21
C GLN D 246 -53.75 -0.61 -18.67
N THR D 247 -54.17 0.45 -19.36
CA THR D 247 -54.62 0.28 -20.71
C THR D 247 -53.41 0.06 -21.63
N ALA D 248 -52.38 0.90 -21.53
CA ALA D 248 -51.13 0.68 -22.26
C ALA D 248 -50.25 -0.20 -21.38
N GLY D 249 -50.77 -1.35 -21.02
CA GLY D 249 -50.40 -1.96 -19.76
C GLY D 249 -49.80 -3.34 -19.78
N GLY D 250 -50.61 -4.35 -19.50
CA GLY D 250 -52.04 -4.37 -19.77
C GLY D 250 -52.29 -5.84 -19.98
N GLY D 251 -51.40 -6.47 -20.75
CA GLY D 251 -51.10 -7.92 -20.64
C GLY D 251 -49.60 -8.22 -20.69
N LYS D 252 -48.77 -7.19 -20.67
CA LYS D 252 -47.32 -7.34 -20.62
C LYS D 252 -46.91 -7.26 -19.16
N ASN D 253 -45.69 -7.72 -18.91
CA ASN D 253 -45.10 -7.69 -17.57
C ASN D 253 -45.06 -6.25 -17.05
N SER D 254 -45.42 -6.06 -15.77
CA SER D 254 -45.15 -4.78 -15.06
C SER D 254 -43.70 -4.70 -15.30
N CYS D 255 -43.07 -3.58 -15.22
CA CYS D 255 -41.59 -3.56 -15.53
C CYS D 255 -41.28 -3.16 -16.94
N ALA D 256 -42.27 -3.23 -17.81
CA ALA D 256 -42.15 -2.65 -19.12
C ALA D 256 -42.88 -1.34 -19.01
N THR D 257 -44.07 -1.38 -18.42
CA THR D 257 -44.73 -0.18 -17.95
C THR D 257 -43.87 0.58 -16.88
N PHE D 258 -43.49 -0.12 -15.80
CA PHE D 258 -43.02 0.55 -14.58
C PHE D 258 -41.50 0.50 -14.29
N GLY D 259 -40.70 0.03 -15.25
CA GLY D 259 -39.27 -0.22 -15.03
C GLY D 259 -38.60 0.94 -14.35
N ALA D 260 -38.93 2.15 -14.79
CA ALA D 260 -38.37 3.38 -14.20
C ALA D 260 -38.91 3.67 -12.79
N GLU D 261 -40.22 3.46 -12.62
CA GLU D 261 -40.88 3.66 -11.33
C GLU D 261 -40.36 2.69 -10.26
N PHE D 262 -40.03 1.48 -10.69
CA PHE D 262 -39.45 0.47 -9.79
C PHE D 262 -38.02 0.80 -9.42
N SER D 263 -37.20 1.18 -10.40
CA SER D 263 -35.80 1.61 -10.14
C SER D 263 -35.72 2.79 -9.24
N ALA D 264 -36.70 3.67 -9.37
CA ALA D 264 -36.71 4.89 -8.60
C ALA D 264 -37.02 4.60 -7.15
N ALA D 265 -37.89 3.63 -6.90
CA ALA D 265 -38.33 3.38 -5.54
C ALA D 265 -37.35 2.48 -4.83
N SER D 266 -36.67 1.59 -5.55
CA SER D 266 -35.57 0.80 -4.99
C SER D 266 -34.42 1.69 -4.53
N ASP D 267 -34.06 2.68 -5.35
CA ASP D 267 -32.97 3.62 -5.07
C ASP D 267 -33.30 4.56 -3.93
N MET D 268 -34.53 5.07 -3.89
CA MET D 268 -34.97 5.78 -2.69
C MET D 268 -34.72 4.91 -1.42
N ILE D 269 -35.12 3.65 -1.42
CA ILE D 269 -34.92 2.78 -0.29
C ILE D 269 -33.45 2.64 0.01
N ASN D 270 -32.63 2.28 -0.98
CA ASN D 270 -31.22 2.10 -0.75
C ASN D 270 -30.56 3.33 -0.13
N ASN D 271 -30.88 4.49 -0.68
CA ASN D 271 -30.30 5.73 -0.19
C ASN D 271 -30.85 6.13 1.15
N ALA D 272 -32.02 5.62 1.51
CA ALA D 272 -32.58 5.89 2.83
C ALA D 272 -31.87 5.02 3.87
N GLN D 273 -31.62 3.75 3.56
CA GLN D 273 -30.78 2.90 4.42
C GLN D 273 -29.42 3.58 4.74
N LYS D 274 -28.85 4.25 3.75
CA LYS D 274 -27.60 4.96 3.94
C LYS D 274 -27.76 6.16 4.84
N ILE D 275 -28.73 7.01 4.57
CA ILE D 275 -28.99 8.16 5.43
C ILE D 275 -29.08 7.70 6.87
N VAL D 276 -29.65 6.51 7.09
CA VAL D 276 -29.87 6.00 8.46
C VAL D 276 -28.57 5.55 9.12
N GLN D 277 -27.69 4.89 8.36
CA GLN D 277 -26.35 4.52 8.85
C GLN D 277 -25.51 5.75 9.11
N GLU D 278 -25.25 6.52 8.06
CA GLU D 278 -24.59 7.81 8.25
C GLU D 278 -25.13 8.56 9.44
N THR D 279 -26.43 8.60 9.62
CA THR D 279 -26.99 9.41 10.68
C THR D 279 -26.63 8.89 12.07
N GLN D 280 -26.55 7.59 12.24
CA GLN D 280 -26.33 7.04 13.58
C GLN D 280 -24.84 7.05 13.93
N GLN D 281 -24.04 6.94 12.90
CA GLN D 281 -22.62 7.05 13.03
C GLN D 281 -22.23 8.56 13.25
N LEU D 282 -22.96 9.47 12.63
CA LEU D 282 -22.88 10.89 12.98
C LEU D 282 -23.16 11.16 14.46
N SER D 283 -24.22 10.55 15.00
CA SER D 283 -24.57 10.69 16.45
C SER D 283 -23.39 10.35 17.39
N ALA D 284 -22.53 9.45 16.91
CA ALA D 284 -21.40 8.96 17.64
C ALA D 284 -20.11 9.68 17.27
N ASN D 285 -20.20 10.93 16.83
CA ASN D 285 -19.00 11.71 16.54
C ASN D 285 -19.18 13.19 16.90
N GLN D 286 -19.35 13.46 18.19
CA GLN D 286 -19.66 14.81 18.66
C GLN D 286 -18.39 15.51 19.11
N PRO D 287 -18.04 16.67 18.48
CA PRO D 287 -16.94 17.44 19.01
C PRO D 287 -17.37 18.06 20.35
N LYS D 288 -16.45 18.17 21.31
CA LYS D 288 -16.80 18.70 22.61
C LYS D 288 -16.42 20.16 22.60
N ASN D 289 -17.18 20.97 23.31
CA ASN D 289 -16.80 22.36 23.51
C ASN D 289 -15.47 22.49 24.23
N ILE D 290 -14.72 23.53 23.88
CA ILE D 290 -13.51 23.81 24.61
C ILE D 290 -13.84 24.38 25.98
N THR D 291 -13.42 23.71 27.02
CA THR D 291 -13.57 24.22 28.39
C THR D 291 -12.24 24.71 28.89
N GLN D 292 -12.21 25.80 29.67
CA GLN D 292 -10.99 26.28 30.38
C GLN D 292 -9.86 26.67 29.41
N PRO D 293 -10.17 27.57 28.47
CA PRO D 293 -9.21 27.88 27.40
C PRO D 293 -7.93 28.59 27.86
N HIS D 294 -7.86 28.93 29.14
CA HIS D 294 -6.65 29.45 29.74
C HIS D 294 -5.68 28.28 29.88
N ASN D 295 -6.24 27.11 30.21
CA ASN D 295 -5.49 25.90 30.49
C ASN D 295 -4.95 25.18 29.26
N LEU D 296 -3.67 25.39 29.00
CA LEU D 296 -3.03 24.89 27.81
C LEU D 296 -2.46 23.53 27.97
N ASN D 297 -2.78 22.84 29.07
CA ASN D 297 -2.44 21.43 29.24
C ASN D 297 -3.62 20.53 28.78
N LEU D 298 -4.82 20.90 29.22
CA LEU D 298 -6.07 20.33 28.75
C LEU D 298 -6.28 20.61 27.26
N ASN D 299 -6.07 21.86 26.89
CA ASN D 299 -6.16 22.32 25.52
C ASN D 299 -4.82 22.33 24.83
N SER D 300 -4.17 21.17 24.83
CA SER D 300 -2.84 21.03 24.24
C SER D 300 -2.91 21.03 22.71
N PRO D 301 -1.77 21.03 22.05
CA PRO D 301 -1.78 20.95 20.60
C PRO D 301 -2.48 19.72 20.11
N SER D 302 -2.22 18.65 20.83
CA SER D 302 -2.67 17.33 20.44
C SER D 302 -4.21 17.16 20.64
N SER D 303 -4.73 17.78 21.70
CA SER D 303 -6.13 17.84 22.03
C SER D 303 -6.93 18.71 21.04
N LEU D 304 -6.36 19.82 20.62
CA LEU D 304 -6.99 20.67 19.61
C LEU D 304 -6.93 20.08 18.22
N THR D 305 -5.89 19.33 17.92
CA THR D 305 -5.80 18.78 16.61
C THR D 305 -6.93 17.77 16.53
N ALA D 306 -7.16 17.02 17.60
CA ALA D 306 -8.11 15.91 17.57
C ALA D 306 -9.54 16.41 17.52
N LEU D 307 -9.77 17.56 18.12
CA LEU D 307 -11.06 18.21 18.09
C LEU D 307 -11.37 18.74 16.68
N ALA D 308 -10.37 19.17 15.92
CA ALA D 308 -10.59 19.75 14.62
C ALA D 308 -10.92 18.64 13.71
N GLN D 309 -10.35 17.49 13.99
CA GLN D 309 -10.57 16.33 13.14
C GLN D 309 -11.95 15.72 13.30
N LYS D 310 -12.47 15.80 14.52
CA LYS D 310 -13.83 15.42 14.81
C LYS D 310 -14.77 16.49 14.22
N MET D 311 -14.33 17.74 14.21
CA MET D 311 -15.11 18.79 13.62
C MET D 311 -15.22 18.57 12.11
N LEU D 312 -14.13 18.17 11.48
CA LEU D 312 -14.20 17.89 10.06
C LEU D 312 -14.99 16.61 9.76
N LYS D 313 -14.86 15.56 10.58
CA LYS D 313 -15.57 14.32 10.27
C LYS D 313 -17.09 14.54 10.36
N ASN D 314 -17.51 15.20 11.44
CA ASN D 314 -18.88 15.55 11.69
C ASN D 314 -19.52 16.37 10.54
N ALA D 315 -18.78 17.28 9.93
CA ALA D 315 -19.33 18.11 8.88
C ALA D 315 -19.37 17.33 7.60
N GLN D 316 -18.40 16.45 7.36
CA GLN D 316 -18.46 15.58 6.19
C GLN D 316 -19.68 14.69 6.29
N SER D 317 -19.97 14.19 7.49
CA SER D 317 -21.15 13.35 7.67
C SER D 317 -22.41 14.08 7.28
N GLN D 318 -22.48 15.32 7.72
CA GLN D 318 -23.66 16.09 7.50
C GLN D 318 -23.80 16.43 6.01
N ALA D 319 -22.71 16.76 5.35
CA ALA D 319 -22.76 16.99 3.91
C ALA D 319 -23.30 15.79 3.16
N GLU D 320 -23.01 14.61 3.65
CA GLU D 320 -23.20 13.37 2.95
C GLU D 320 -24.63 12.92 3.13
N ILE D 321 -25.13 13.08 4.35
CA ILE D 321 -26.53 12.93 4.63
C ILE D 321 -27.37 13.86 3.75
N LEU D 322 -26.98 15.12 3.63
CA LEU D 322 -27.75 16.11 2.90
C LEU D 322 -27.72 15.88 1.41
N LYS D 323 -26.62 15.32 0.94
CA LYS D 323 -26.48 14.93 -0.46
C LYS D 323 -27.38 13.73 -0.81
N LEU D 324 -27.38 12.72 0.09
CA LEU D 324 -28.26 11.55 -0.03
C LEU D 324 -29.74 11.92 0.04
N ALA D 325 -30.09 12.74 1.02
CA ALA D 325 -31.48 13.16 1.14
C ALA D 325 -31.96 13.89 -0.12
N ASN D 326 -31.06 14.62 -0.80
CA ASN D 326 -31.43 15.32 -2.02
C ASN D 326 -31.64 14.37 -3.18
N GLN D 327 -30.92 13.26 -3.19
CA GLN D 327 -30.98 12.34 -4.31
C GLN D 327 -32.21 11.47 -4.14
N VAL D 328 -32.59 11.22 -2.88
CA VAL D 328 -33.91 10.66 -2.60
C VAL D 328 -35.00 11.55 -3.17
N GLU D 329 -34.90 12.87 -2.99
CA GLU D 329 -35.90 13.76 -3.55
C GLU D 329 -35.92 13.62 -5.08
N SER D 330 -34.76 13.76 -5.69
CA SER D 330 -34.60 13.63 -7.14
C SER D 330 -35.22 12.34 -7.70
N ASP D 331 -35.13 11.28 -6.95
CA ASP D 331 -35.70 10.02 -7.35
C ASP D 331 -37.22 9.97 -7.17
N PHE D 332 -37.75 10.55 -6.09
CA PHE D 332 -39.18 10.57 -5.89
C PHE D 332 -39.81 11.25 -7.10
N ASN D 333 -39.25 12.38 -7.45
CA ASN D 333 -39.68 13.12 -8.61
C ASN D 333 -39.76 12.23 -9.86
N LYS D 334 -38.74 11.41 -10.07
CA LYS D 334 -38.67 10.45 -11.16
C LYS D 334 -39.85 9.49 -11.03
N LEU D 335 -40.03 8.94 -9.82
CA LEU D 335 -41.16 8.06 -9.52
C LEU D 335 -42.56 8.68 -9.67
N SER D 336 -42.72 10.01 -9.59
CA SER D 336 -44.04 10.65 -9.50
C SER D 336 -44.37 11.53 -10.73
N SER D 337 -43.57 11.38 -11.77
CA SER D 337 -43.57 12.29 -12.88
C SER D 337 -43.95 11.62 -14.17
N GLY D 338 -44.09 10.29 -14.12
CA GLY D 338 -44.43 9.43 -15.29
C GLY D 338 -45.81 8.84 -15.13
N HIS D 339 -45.95 7.52 -15.31
CA HIS D 339 -47.27 6.88 -15.28
C HIS D 339 -48.10 7.18 -14.04
N LEU D 340 -47.44 7.39 -12.91
CA LEU D 340 -48.12 7.49 -11.61
C LEU D 340 -48.36 8.94 -11.20
N LYS D 341 -47.93 9.90 -12.04
CA LYS D 341 -48.09 11.32 -11.76
C LYS D 341 -49.51 11.71 -11.32
N ASP D 342 -50.53 11.24 -12.01
CA ASP D 342 -51.90 11.58 -11.64
C ASP D 342 -52.49 10.79 -10.48
N TYR D 343 -51.72 9.92 -9.84
CA TYR D 343 -52.32 9.02 -8.86
C TYR D 343 -51.55 8.98 -7.55
N ILE D 344 -50.25 8.68 -7.62
CA ILE D 344 -49.44 8.50 -6.41
C ILE D 344 -49.50 9.76 -5.61
N GLY D 345 -49.69 9.65 -4.31
CA GLY D 345 -50.04 10.89 -3.57
C GLY D 345 -51.22 11.75 -4.03
N LYS D 346 -52.33 11.10 -4.41
CA LYS D 346 -53.66 11.70 -4.44
C LYS D 346 -54.48 10.84 -3.51
N CYS D 347 -55.51 11.40 -2.89
CA CYS D 347 -56.39 10.60 -2.05
C CYS D 347 -57.83 11.07 -2.09
N ASP D 348 -58.73 10.11 -2.19
CA ASP D 348 -60.14 10.40 -2.27
C ASP D 348 -60.84 9.70 -1.11
N GLN D 360 -64.29 6.02 5.19
CA GLN D 360 -63.06 6.27 5.94
C GLN D 360 -61.93 5.28 5.52
N ASN D 361 -61.79 4.15 6.23
CA ASN D 361 -60.99 3.00 5.79
C ASN D 361 -61.83 2.01 5.01
N GLN D 362 -63.15 2.10 5.22
CA GLN D 362 -64.16 1.29 4.52
C GLN D 362 -64.16 1.55 3.02
N LYS D 363 -63.66 2.72 2.64
CA LYS D 363 -63.50 3.11 1.24
C LYS D 363 -62.40 2.33 0.49
N ASN D 364 -62.71 2.02 -0.78
CA ASN D 364 -61.77 1.41 -1.71
C ASN D 364 -60.97 2.53 -2.32
N ASN D 365 -59.68 2.60 -2.03
CA ASN D 365 -58.86 3.68 -2.61
C ASN D 365 -57.74 3.16 -3.53
N TRP D 366 -57.87 1.92 -3.97
CA TRP D 366 -56.88 1.37 -4.90
C TRP D 366 -56.78 2.27 -6.13
N GLY D 367 -55.58 2.33 -6.72
CA GLY D 367 -55.33 3.14 -7.87
C GLY D 367 -54.75 4.52 -7.61
N ASN D 368 -55.12 5.12 -6.47
CA ASN D 368 -54.45 6.33 -6.07
C ASN D 368 -53.71 6.21 -4.71
N GLY D 369 -52.64 6.98 -4.58
CA GLY D 369 -51.52 6.65 -3.70
C GLY D 369 -51.80 6.66 -2.23
N CYS D 370 -52.68 7.57 -1.79
CA CYS D 370 -53.15 7.69 -0.39
C CYS D 370 -52.10 7.35 0.60
N ALA D 371 -50.91 7.92 0.42
CA ALA D 371 -49.73 7.53 1.18
C ALA D 371 -49.05 8.65 1.95
N GLY D 372 -49.39 9.90 1.64
CA GLY D 372 -48.82 11.04 2.31
C GLY D 372 -47.67 11.71 1.59
N VAL D 373 -47.32 11.22 0.41
CA VAL D 373 -46.07 11.63 -0.24
C VAL D 373 -45.99 13.12 -0.56
N GLU D 374 -47.08 13.81 -0.77
CA GLU D 374 -46.88 15.23 -1.07
C GLU D 374 -46.56 16.05 0.17
N GLU D 375 -47.25 15.76 1.27
CA GLU D 375 -47.06 16.44 2.55
C GLU D 375 -45.61 16.25 2.94
N THR D 376 -45.09 15.05 2.72
CA THR D 376 -43.74 14.71 3.14
C THR D 376 -42.71 15.34 2.21
N GLN D 377 -42.86 15.20 0.91
CA GLN D 377 -41.95 15.87 -0.03
C GLN D 377 -41.80 17.37 0.25
N SER D 378 -42.84 18.02 0.73
CA SER D 378 -42.77 19.46 0.93
C SER D 378 -42.01 19.78 2.21
N LEU D 379 -42.08 18.90 3.21
CA LEU D 379 -41.29 19.07 4.41
C LEU D 379 -39.84 18.80 4.12
N LEU D 380 -39.59 17.83 3.23
CA LEU D 380 -38.23 17.55 2.76
C LEU D 380 -37.67 18.80 2.12
N LYS D 381 -38.40 19.33 1.15
CA LYS D 381 -38.04 20.57 0.49
C LYS D 381 -37.71 21.70 1.47
N THR D 382 -38.66 22.01 2.35
CA THR D 382 -38.49 23.03 3.39
C THR D 382 -37.18 22.82 4.17
N SER D 383 -37.05 21.63 4.73
CA SER D 383 -35.98 21.36 5.65
C SER D 383 -34.67 21.20 4.89
N ALA D 384 -34.69 20.74 3.63
CA ALA D 384 -33.43 20.64 2.87
C ALA D 384 -32.93 22.03 2.58
N ALA D 385 -33.83 22.98 2.36
CA ALA D 385 -33.47 24.37 2.17
C ALA D 385 -33.03 25.06 3.46
N ASP D 386 -33.59 24.70 4.62
CA ASP D 386 -33.11 25.29 5.85
C ASP D 386 -31.68 24.89 6.11
N PHE D 387 -31.32 23.67 5.76
CA PHE D 387 -29.97 23.22 5.97
C PHE D 387 -29.02 23.85 4.98
N ASN D 388 -29.53 24.14 3.81
CA ASN D 388 -28.78 24.84 2.79
C ASN D 388 -28.49 26.29 3.16
N ASN D 389 -29.44 26.94 3.82
CA ASN D 389 -29.19 28.27 4.37
C ASN D 389 -28.05 28.34 5.34
N GLN D 390 -27.92 27.32 6.20
CA GLN D 390 -26.83 27.21 7.16
C GLN D 390 -25.47 26.81 6.55
N THR D 391 -25.32 26.78 5.24
CA THR D 391 -24.07 26.37 4.63
C THR D 391 -22.82 27.24 4.96
N PRO D 392 -22.99 28.52 5.35
CA PRO D 392 -21.91 29.31 5.97
C PRO D 392 -21.44 28.76 7.31
N GLN D 393 -22.33 28.63 8.28
CA GLN D 393 -21.99 28.00 9.54
C GLN D 393 -21.04 26.80 9.36
N ILE D 394 -21.28 25.95 8.38
CA ILE D 394 -20.51 24.73 8.18
C ILE D 394 -19.21 24.99 7.48
N ASN D 395 -19.14 26.05 6.68
CA ASN D 395 -17.87 26.43 6.06
C ASN D 395 -16.92 27.09 7.06
N GLN D 396 -17.46 27.90 7.98
CA GLN D 396 -16.71 28.48 9.13
C GLN D 396 -16.12 27.40 10.00
N ALA D 397 -16.95 26.44 10.39
CA ALA D 397 -16.49 25.31 11.17
C ALA D 397 -15.36 24.57 10.48
N GLN D 398 -15.40 24.45 9.16
CA GLN D 398 -14.39 23.70 8.47
C GLN D 398 -13.14 24.47 8.30
N ASN D 399 -13.25 25.75 7.94
CA ASN D 399 -12.06 26.62 7.75
C ASN D 399 -11.28 26.75 9.05
N LEU D 400 -11.98 27.03 10.14
CA LEU D 400 -11.45 26.97 11.51
C LEU D 400 -10.67 25.69 11.78
N ALA D 401 -11.34 24.56 11.71
CA ALA D 401 -10.70 23.30 11.94
C ALA D 401 -9.44 23.12 11.06
N ASN D 402 -9.53 23.48 9.80
CA ASN D 402 -8.39 23.40 8.92
C ASN D 402 -7.29 24.38 9.31
N THR D 403 -7.63 25.50 9.94
CA THR D 403 -6.58 26.42 10.38
C THR D 403 -5.89 25.85 11.61
N LEU D 404 -6.65 25.34 12.57
CA LEU D 404 -6.04 24.76 13.75
C LEU D 404 -5.11 23.66 13.32
N ILE D 405 -5.50 22.84 12.34
CA ILE D 405 -4.62 21.76 11.90
C ILE D 405 -3.37 22.27 11.19
N GLN D 406 -3.52 23.29 10.38
CA GLN D 406 -2.35 23.84 9.71
C GLN D 406 -1.44 24.54 10.71
N GLU D 407 -1.99 25.36 11.59
CA GLU D 407 -1.20 26.14 12.56
C GLU D 407 -0.45 25.22 13.51
N LEU D 408 -1.16 24.23 14.04
CA LEU D 408 -0.57 23.26 14.97
C LEU D 408 0.30 22.23 14.29
N GLY D 409 0.65 22.46 13.03
CA GLY D 409 1.46 21.51 12.25
C GLY D 409 2.81 22.02 11.76
N ASN D 410 3.16 23.25 12.13
CA ASN D 410 4.50 23.77 11.93
C ASN D 410 5.07 24.35 13.23
N ASN D 411 6.24 24.97 13.15
CA ASN D 411 6.95 25.49 14.32
C ASN D 411 6.09 26.42 15.20
N PRO D 412 6.19 26.30 16.54
CA PRO D 412 7.06 25.49 17.39
C PRO D 412 6.45 24.20 17.91
N PHE D 413 5.47 23.64 17.18
CA PHE D 413 4.68 22.46 17.61
C PHE D 413 5.30 21.14 17.12
N ARG D 414 6.04 21.18 16.00
CA ARG D 414 6.96 20.08 15.66
C ARG D 414 8.29 20.59 15.07
N ASN D 415 9.32 19.75 15.20
CA ASN D 415 10.61 19.97 14.60
C ASN D 415 10.43 19.79 13.11
N MET D 416 10.91 20.75 12.31
CA MET D 416 10.50 20.87 10.90
C MET D 416 11.53 20.37 9.88
#